data_8BD4
#
_entry.id   8BD4
#
_cell.length_a   1.00
_cell.length_b   1.00
_cell.length_c   1.00
_cell.angle_alpha   90.00
_cell.angle_beta   90.00
_cell.angle_gamma   90.00
#
_symmetry.space_group_name_H-M   'P 1'
#
loop_
_entity.id
_entity.type
_entity.pdbx_description
1 polymer TnsC
2 polymer 'TniQ (Homology model)'
3 polymer "DNA (5'-D(P*GP*AP*TP*CP*GP*AP*TP*CP*GP*AP*TP*CP*GP*AP*TP*C)-3')"
4 non-polymer "ADENOSINE-5'-TRIPHOSPHATE"
5 non-polymer 'MAGNESIUM ION'
6 non-polymer 'ZINC ION'
#
loop_
_entity_poly.entity_id
_entity_poly.type
_entity_poly.pdbx_seq_one_letter_code
_entity_poly.pdbx_strand_id
1 'polypeptide(L)'
;MTEAQAIAKQLGGVKPDDEWLQAEIARLKGKSIVPLQQVKTLHDWLDGKRKARKSCRVVGESRTGKTVACDAYRYRHKPQ
QEAGRPPTVPVVYIRPHQKCGPKDLFKKITEYLKYRVTKGTVSDFRDRTIEVLKGCGVEMLIIDEADRLKPETFADVRDI
AEDLGIAVVLVGTDRLDAVIKRDEQVLERFRAHLRFGKLSGEDFKNTVEMWEQMVLKLPVSSNLKSKEMLRILTSATEGY
IGRLDEILREAAIRSLSRGLKKIDKAVLQEVAKEYK
;
A,B,C,D,E,F,G
2 'polypeptide(L)'
;MIEAPDVKPWLFLIKPYEGESLSHFLGRFRRANHLSASGLGTLAGIGAIVARWERFHFNPRPSQQELEAIASVVEVDAQR
LAQMLPPAGVGMQHEPIRLCGACYAESPCHRIEWQYKSVWKCDRHQLKILAKCPNCQAPFKMPALWEDGCCHRCRMPFAE
MAKLQKV
;
R,S,T
3 'polydeoxyribonucleotide' (DG)(DA)(DT)(DC)(DG)(DA)(DT)(DC)(DG)(DA)(DT)(DC)(DG)(DA)(DT)(DC) U,V
#
loop_
_chem_comp.id
_chem_comp.type
_chem_comp.name
_chem_comp.formula
ATP non-polymer ADENOSINE-5'-TRIPHOSPHATE 'C10 H16 N5 O13 P3'
DA DNA linking 2'-DEOXYADENOSINE-5'-MONOPHOSPHATE 'C10 H14 N5 O6 P'
DC DNA linking 2'-DEOXYCYTIDINE-5'-MONOPHOSPHATE 'C9 H14 N3 O7 P'
DG DNA linking 2'-DEOXYGUANOSINE-5'-MONOPHOSPHATE 'C10 H14 N5 O7 P'
DT DNA linking THYMIDINE-5'-MONOPHOSPHATE 'C10 H15 N2 O8 P'
MG non-polymer 'MAGNESIUM ION' 'Mg 2'
ZN non-polymer 'ZINC ION' 'Zn 2'
#
# COMPACT_ATOMS: atom_id res chain seq x y z
N ASP A 17 -3.72 2.87 -60.26
CA ASP A 17 -3.69 1.75 -59.33
C ASP A 17 -3.13 2.19 -57.98
N ASP A 18 -2.18 3.13 -58.01
CA ASP A 18 -1.64 3.68 -56.78
C ASP A 18 -2.71 4.41 -55.98
N GLU A 19 -3.59 5.15 -56.65
CA GLU A 19 -4.71 5.77 -55.96
C GLU A 19 -5.63 4.70 -55.38
N TRP A 20 -5.86 3.62 -56.13
CA TRP A 20 -6.64 2.50 -55.60
C TRP A 20 -5.96 1.88 -54.40
N LEU A 21 -4.63 1.74 -54.45
CA LEU A 21 -3.90 1.19 -53.30
C LEU A 21 -4.03 2.08 -52.07
N GLN A 22 -3.96 3.41 -52.27
CA GLN A 22 -4.15 4.32 -51.16
C GLN A 22 -5.57 4.22 -50.60
N ALA A 23 -6.56 4.10 -51.48
CA ALA A 23 -7.93 3.92 -51.02
C ALA A 23 -8.07 2.63 -50.21
N GLU A 24 -7.45 1.56 -50.68
CA GLU A 24 -7.52 0.28 -49.98
C GLU A 24 -6.87 0.36 -48.60
N ILE A 25 -5.68 0.98 -48.52
CA ILE A 25 -5.01 1.05 -47.22
C ILE A 25 -5.77 1.96 -46.26
N ALA A 26 -6.34 3.05 -46.78
CA ALA A 26 -7.15 3.93 -45.93
C ALA A 26 -8.39 3.20 -45.43
N ARG A 27 -9.06 2.44 -46.28
CA ARG A 27 -10.23 1.68 -45.85
C ARG A 27 -9.86 0.62 -44.83
N LEU A 28 -8.74 -0.07 -45.05
CA LEU A 28 -8.32 -1.11 -44.11
C LEU A 28 -7.92 -0.51 -42.77
N LYS A 29 -7.34 0.69 -42.76
CA LYS A 29 -7.03 1.36 -41.51
C LYS A 29 -8.30 1.65 -40.73
N GLY A 30 -9.35 2.10 -41.41
CA GLY A 30 -10.59 2.39 -40.74
C GLY A 30 -11.35 1.13 -40.36
N LYS A 31 -11.89 1.14 -39.14
CA LYS A 31 -12.63 0.00 -38.63
C LYS A 31 -14.11 0.13 -38.97
N SER A 32 -14.79 -1.00 -39.01
CA SER A 32 -16.20 -1.08 -39.34
C SER A 32 -16.95 -1.81 -38.23
N ILE A 33 -18.26 -1.94 -38.41
CA ILE A 33 -19.12 -2.61 -37.44
C ILE A 33 -19.87 -3.71 -38.19
N VAL A 34 -19.37 -4.94 -38.11
CA VAL A 34 -20.09 -6.11 -38.59
C VAL A 34 -21.08 -6.53 -37.51
N PRO A 35 -22.38 -6.58 -37.81
CA PRO A 35 -23.37 -6.99 -36.80
C PRO A 35 -23.42 -8.51 -36.68
N LEU A 36 -23.06 -9.02 -35.51
CA LEU A 36 -23.06 -10.44 -35.23
C LEU A 36 -23.87 -10.73 -33.97
N GLN A 37 -23.97 -12.02 -33.63
CA GLN A 37 -24.90 -12.44 -32.59
C GLN A 37 -24.58 -11.83 -31.23
N GLN A 38 -23.31 -11.54 -30.97
CA GLN A 38 -22.94 -10.92 -29.70
C GLN A 38 -23.63 -9.56 -29.54
N VAL A 39 -23.48 -8.69 -30.54
CA VAL A 39 -24.14 -7.39 -30.46
C VAL A 39 -25.65 -7.54 -30.57
N LYS A 40 -26.12 -8.60 -31.24
CA LYS A 40 -27.56 -8.80 -31.34
C LYS A 40 -28.16 -9.09 -29.96
N THR A 41 -27.58 -10.06 -29.25
CA THR A 41 -27.96 -10.30 -27.87
C THR A 41 -27.83 -9.03 -27.05
N LEU A 42 -26.76 -8.26 -27.26
CA LEU A 42 -26.55 -7.10 -26.42
C LEU A 42 -27.65 -6.06 -26.60
N HIS A 43 -28.01 -5.70 -27.84
CA HIS A 43 -29.00 -4.62 -27.94
C HIS A 43 -30.41 -5.15 -27.72
N ASP A 44 -30.62 -6.46 -27.88
CA ASP A 44 -31.89 -7.03 -27.42
C ASP A 44 -32.04 -6.87 -25.92
N TRP A 45 -30.99 -7.21 -25.17
CA TRP A 45 -30.99 -7.05 -23.72
C TRP A 45 -31.14 -5.58 -23.34
N LEU A 46 -30.46 -4.70 -24.11
CA LEU A 46 -30.54 -3.27 -23.83
C LEU A 46 -31.94 -2.72 -24.06
N ASP A 47 -32.60 -3.16 -25.13
CA ASP A 47 -33.99 -2.75 -25.36
C ASP A 47 -34.89 -3.27 -24.25
N GLY A 48 -34.67 -4.51 -23.82
CA GLY A 48 -35.46 -5.04 -22.71
C GLY A 48 -35.28 -4.24 -21.44
N LYS A 49 -34.05 -3.83 -21.14
CA LYS A 49 -33.81 -3.01 -19.94
C LYS A 49 -34.35 -1.60 -20.12
N ARG A 50 -34.34 -1.09 -21.35
CA ARG A 50 -34.83 0.25 -21.63
C ARG A 50 -36.35 0.35 -21.49
N LYS A 51 -37.08 -0.68 -21.93
CA LYS A 51 -38.53 -0.62 -21.87
C LYS A 51 -39.04 -0.64 -20.44
N ALA A 52 -38.20 -1.04 -19.48
CA ALA A 52 -38.59 -1.12 -18.08
C ALA A 52 -37.80 -0.16 -17.19
N ARG A 53 -36.90 0.64 -17.78
CA ARG A 53 -36.03 1.53 -17.02
C ARG A 53 -35.26 0.75 -15.95
N LYS A 54 -34.77 -0.42 -16.33
CA LYS A 54 -34.03 -1.30 -15.44
C LYS A 54 -32.54 -1.02 -15.60
N SER A 55 -31.90 -0.57 -14.52
CA SER A 55 -30.49 -0.24 -14.55
C SER A 55 -29.67 -1.51 -14.30
N CYS A 56 -28.86 -1.88 -15.29
CA CYS A 56 -28.05 -3.08 -15.24
C CYS A 56 -26.58 -2.71 -15.42
N ARG A 57 -25.74 -3.73 -15.61
CA ARG A 57 -24.32 -3.53 -15.84
C ARG A 57 -23.81 -4.65 -16.75
N VAL A 58 -23.51 -4.31 -18.00
CA VAL A 58 -22.96 -5.29 -18.93
C VAL A 58 -21.46 -5.36 -18.67
N VAL A 59 -20.95 -6.58 -18.50
CA VAL A 59 -19.55 -6.80 -18.15
C VAL A 59 -18.94 -7.75 -19.18
N GLY A 60 -17.62 -7.79 -19.23
CA GLY A 60 -16.96 -8.68 -20.17
C GLY A 60 -15.46 -8.54 -20.09
N GLU A 61 -14.78 -9.28 -20.96
CA GLU A 61 -13.33 -9.25 -21.02
C GLU A 61 -12.85 -7.98 -21.69
N SER A 62 -11.54 -7.86 -21.85
CA SER A 62 -10.92 -6.74 -22.55
C SER A 62 -10.67 -7.12 -24.00
N ARG A 63 -10.79 -6.13 -24.89
CA ARG A 63 -10.59 -6.33 -26.33
C ARG A 63 -11.53 -7.41 -26.88
N THR A 64 -12.77 -7.40 -26.38
CA THR A 64 -13.76 -8.39 -26.80
C THR A 64 -14.91 -7.82 -27.61
N GLY A 65 -15.16 -6.51 -27.57
CA GLY A 65 -16.14 -5.90 -28.41
C GLY A 65 -17.41 -5.40 -27.75
N LYS A 66 -17.33 -4.88 -26.52
CA LYS A 66 -18.49 -4.32 -25.85
C LYS A 66 -18.72 -2.87 -26.24
N THR A 67 -17.64 -2.10 -26.38
CA THR A 67 -17.76 -0.68 -26.73
C THR A 67 -18.44 -0.50 -28.08
N VAL A 68 -18.03 -1.31 -29.07
CA VAL A 68 -18.62 -1.19 -30.41
C VAL A 68 -20.10 -1.53 -30.39
N ALA A 69 -20.48 -2.56 -29.64
CA ALA A 69 -21.89 -2.94 -29.56
C ALA A 69 -22.72 -1.87 -28.87
N CYS A 70 -22.22 -1.30 -27.77
CA CYS A 70 -22.92 -0.19 -27.14
C CYS A 70 -23.01 1.01 -28.07
N ASP A 71 -21.95 1.24 -28.86
CA ASP A 71 -21.97 2.31 -29.85
C ASP A 71 -23.07 2.08 -30.88
N ALA A 72 -23.20 0.84 -31.36
CA ALA A 72 -24.24 0.51 -32.32
C ALA A 72 -25.62 0.74 -31.73
N TYR A 73 -25.83 0.30 -30.48
CA TYR A 73 -27.10 0.57 -29.82
C TYR A 73 -27.33 2.07 -29.65
N ARG A 74 -26.24 2.85 -29.58
CA ARG A 74 -26.40 4.30 -29.52
C ARG A 74 -26.83 4.88 -30.87
N TYR A 75 -26.19 4.46 -31.97
CA TYR A 75 -26.52 5.08 -33.25
C TYR A 75 -27.87 4.61 -33.79
N ARG A 76 -28.31 3.39 -33.44
CA ARG A 76 -29.56 2.91 -34.03
C ARG A 76 -30.72 3.81 -33.66
N HIS A 77 -30.78 4.25 -32.40
CA HIS A 77 -31.73 5.28 -32.00
C HIS A 77 -31.12 6.68 -32.16
N LYS A 78 -30.89 7.05 -33.41
CA LYS A 78 -30.42 8.39 -33.70
C LYS A 78 -31.51 9.38 -33.31
N PRO A 79 -31.22 10.34 -32.43
CA PRO A 79 -32.29 11.24 -31.96
C PRO A 79 -32.97 11.98 -33.10
N GLN A 80 -34.30 11.95 -33.09
CA GLN A 80 -35.11 12.71 -34.03
C GLN A 80 -35.58 13.97 -33.33
N GLN A 81 -35.20 15.13 -33.87
CA GLN A 81 -35.48 16.39 -33.23
C GLN A 81 -36.73 17.04 -33.82
N GLU A 82 -37.52 17.65 -32.95
CA GLU A 82 -38.68 18.42 -33.40
C GLU A 82 -38.21 19.74 -34.00
N ALA A 83 -39.13 20.42 -34.69
CA ALA A 83 -38.81 21.66 -35.37
C ALA A 83 -38.28 22.72 -34.41
N GLY A 84 -38.91 22.85 -33.25
CA GLY A 84 -38.56 23.91 -32.31
C GLY A 84 -38.38 23.50 -30.86
N ARG A 85 -38.24 22.21 -30.59
CA ARG A 85 -38.07 21.72 -29.23
C ARG A 85 -36.76 20.95 -29.11
N PRO A 86 -36.25 20.75 -27.86
CA PRO A 86 -34.97 20.03 -27.83
C PRO A 86 -35.03 18.66 -28.50
N PRO A 87 -33.91 18.24 -29.12
CA PRO A 87 -33.92 16.89 -29.69
C PRO A 87 -34.11 15.87 -28.58
N THR A 88 -34.94 14.87 -28.84
CA THR A 88 -35.18 13.87 -27.82
C THR A 88 -34.16 12.77 -28.00
N VAL A 89 -33.29 12.61 -27.02
CA VAL A 89 -32.24 11.60 -27.12
C VAL A 89 -32.59 10.41 -26.24
N PRO A 90 -32.96 9.24 -26.83
CA PRO A 90 -33.38 8.17 -25.92
C PRO A 90 -32.21 7.49 -25.22
N VAL A 91 -31.09 7.33 -25.90
CA VAL A 91 -29.94 6.61 -25.37
C VAL A 91 -28.78 7.59 -25.23
N VAL A 92 -28.21 7.65 -24.03
CA VAL A 92 -27.03 8.45 -23.76
C VAL A 92 -25.87 7.50 -23.54
N TYR A 93 -24.79 7.72 -24.27
CA TYR A 93 -23.58 6.92 -24.18
C TYR A 93 -22.43 7.81 -23.71
N ILE A 94 -21.76 7.41 -22.62
CA ILE A 94 -20.63 8.17 -22.11
C ILE A 94 -19.49 7.20 -21.81
N ARG A 95 -18.27 7.69 -21.98
CA ARG A 95 -17.05 6.98 -21.59
C ARG A 95 -16.19 7.94 -20.78
N PRO A 96 -16.49 8.10 -19.50
CA PRO A 96 -15.72 9.06 -18.68
C PRO A 96 -14.24 8.71 -18.59
N HIS A 97 -13.40 9.73 -18.48
CA HIS A 97 -11.96 9.52 -18.47
C HIS A 97 -11.50 9.00 -17.10
N GLN A 98 -10.19 8.77 -16.99
CA GLN A 98 -9.62 8.23 -15.75
C GLN A 98 -9.83 9.19 -14.59
N LYS A 99 -10.30 8.65 -13.47
CA LYS A 99 -10.57 9.42 -12.25
C LYS A 99 -11.53 10.57 -12.52
N CYS A 100 -12.61 10.24 -13.24
CA CYS A 100 -13.61 11.23 -13.60
C CYS A 100 -14.39 11.65 -12.36
N GLY A 101 -14.30 12.94 -12.02
CA GLY A 101 -15.05 13.47 -10.91
C GLY A 101 -16.50 13.73 -11.28
N PRO A 102 -17.28 14.16 -10.29
CA PRO A 102 -18.70 14.43 -10.55
C PRO A 102 -18.92 15.59 -11.50
N LYS A 103 -18.13 16.66 -11.34
CA LYS A 103 -18.23 17.80 -12.25
C LYS A 103 -17.91 17.38 -13.68
N ASP A 104 -16.86 16.59 -13.85
CA ASP A 104 -16.48 16.12 -15.19
C ASP A 104 -17.58 15.26 -15.81
N LEU A 105 -18.16 14.37 -15.01
CA LEU A 105 -19.23 13.51 -15.52
C LEU A 105 -20.44 14.34 -15.93
N PHE A 106 -20.86 15.30 -15.09
CA PHE A 106 -21.99 16.14 -15.44
C PHE A 106 -21.71 16.95 -16.69
N LYS A 107 -20.49 17.48 -16.80
CA LYS A 107 -20.07 18.17 -18.02
C LYS A 107 -20.26 17.27 -19.24
N LYS A 108 -19.83 16.02 -19.14
CA LYS A 108 -19.97 15.10 -20.27
C LYS A 108 -21.43 14.83 -20.60
N ILE A 109 -22.27 14.63 -19.58
CA ILE A 109 -23.70 14.38 -19.82
C ILE A 109 -24.31 15.54 -20.58
N THR A 110 -24.11 16.76 -20.08
CA THR A 110 -24.75 17.90 -20.73
C THR A 110 -24.06 18.27 -22.04
N GLU A 111 -22.82 17.82 -22.26
CA GLU A 111 -22.15 18.09 -23.53
C GLU A 111 -22.65 17.14 -24.62
N TYR A 112 -22.94 15.89 -24.27
CA TYR A 112 -23.43 14.98 -25.30
C TYR A 112 -24.78 15.46 -25.83
N LEU A 113 -25.65 15.95 -24.93
CA LEU A 113 -26.94 16.50 -25.32
C LEU A 113 -26.82 17.83 -26.06
N LYS A 114 -25.59 18.31 -26.29
CA LYS A 114 -25.31 19.55 -27.02
C LYS A 114 -25.83 20.77 -26.25
N TYR A 115 -25.54 20.78 -24.95
CA TYR A 115 -25.77 21.94 -24.09
C TYR A 115 -24.42 22.35 -23.50
N ARG A 116 -23.80 23.36 -24.08
CA ARG A 116 -22.50 23.80 -23.57
C ARG A 116 -22.62 24.30 -22.14
N VAL A 117 -21.60 24.00 -21.34
CA VAL A 117 -21.65 24.24 -19.91
C VAL A 117 -21.43 25.72 -19.62
N THR A 118 -21.85 26.14 -18.44
CA THR A 118 -21.56 27.47 -17.93
C THR A 118 -20.75 27.35 -16.65
N LYS A 119 -19.74 28.20 -16.50
CA LYS A 119 -18.87 28.16 -15.34
C LYS A 119 -19.68 28.30 -14.05
N GLY A 120 -19.36 27.45 -13.09
CA GLY A 120 -20.07 27.48 -11.83
C GLY A 120 -19.61 26.36 -10.93
N THR A 121 -20.31 26.21 -9.80
CA THR A 121 -19.99 25.18 -8.83
C THR A 121 -20.50 23.82 -9.29
N VAL A 122 -20.17 22.79 -8.51
CA VAL A 122 -20.64 21.44 -8.82
C VAL A 122 -22.16 21.36 -8.74
N SER A 123 -22.75 22.11 -7.80
CA SER A 123 -24.21 22.14 -7.69
C SER A 123 -24.83 22.72 -8.95
N ASP A 124 -24.23 23.78 -9.50
CA ASP A 124 -24.76 24.37 -10.73
C ASP A 124 -24.71 23.36 -11.88
N PHE A 125 -23.60 22.65 -12.02
CA PHE A 125 -23.49 21.63 -13.06
C PHE A 125 -24.53 20.53 -12.86
N ARG A 126 -24.71 20.11 -11.61
CA ARG A 126 -25.71 19.08 -11.32
C ARG A 126 -27.11 19.54 -11.69
N ASP A 127 -27.46 20.77 -11.34
CA ASP A 127 -28.79 21.28 -11.64
C ASP A 127 -29.00 21.40 -13.14
N ARG A 128 -28.00 21.93 -13.86
CA ARG A 128 -28.14 22.05 -15.30
C ARG A 128 -28.24 20.69 -15.98
N THR A 129 -27.43 19.72 -15.52
CA THR A 129 -27.49 18.38 -16.08
C THR A 129 -28.84 17.73 -15.83
N ILE A 130 -29.38 17.89 -14.62
CA ILE A 130 -30.71 17.33 -14.33
C ILE A 130 -31.76 17.98 -15.22
N GLU A 131 -31.69 19.31 -15.37
CA GLU A 131 -32.65 20.01 -16.22
C GLU A 131 -32.61 19.51 -17.64
N VAL A 132 -31.41 19.48 -18.24
CA VAL A 132 -31.31 19.02 -19.63
C VAL A 132 -31.59 17.53 -19.76
N LEU A 133 -31.42 16.75 -18.69
CA LEU A 133 -31.67 15.32 -18.77
C LEU A 133 -33.16 15.03 -18.76
N LYS A 134 -33.95 15.75 -17.96
CA LYS A 134 -35.40 15.62 -18.07
C LYS A 134 -35.94 16.30 -19.32
N GLY A 135 -35.26 17.34 -19.81
CA GLY A 135 -35.77 18.06 -20.96
C GLY A 135 -35.77 17.22 -22.22
N CYS A 136 -34.71 16.47 -22.46
CA CYS A 136 -34.58 15.67 -23.68
C CYS A 136 -35.25 14.30 -23.58
N GLY A 137 -35.85 13.97 -22.44
CA GLY A 137 -36.56 12.70 -22.34
C GLY A 137 -35.66 11.50 -22.51
N VAL A 138 -34.52 11.49 -21.83
CA VAL A 138 -33.56 10.41 -22.02
C VAL A 138 -34.05 9.13 -21.35
N GLU A 139 -33.81 8.00 -22.02
CA GLU A 139 -34.21 6.69 -21.54
C GLU A 139 -33.05 5.85 -21.02
N MET A 140 -31.84 6.03 -21.57
CA MET A 140 -30.71 5.19 -21.24
C MET A 140 -29.51 6.06 -20.87
N LEU A 141 -28.72 5.58 -19.92
CA LEU A 141 -27.45 6.23 -19.54
C LEU A 141 -26.37 5.15 -19.60
N ILE A 142 -25.67 5.07 -20.73
CA ILE A 142 -24.69 4.02 -20.97
C ILE A 142 -23.32 4.57 -20.57
N ILE A 143 -22.80 4.13 -19.43
CA ILE A 143 -21.50 4.59 -18.94
C ILE A 143 -20.47 3.52 -19.26
N ASP A 144 -19.84 3.63 -20.43
CA ASP A 144 -18.74 2.74 -20.77
C ASP A 144 -17.50 3.10 -19.97
N GLU A 145 -16.64 2.11 -19.78
CA GLU A 145 -15.44 2.25 -18.95
C GLU A 145 -15.81 2.75 -17.56
N ALA A 146 -16.87 2.17 -17.01
CA ALA A 146 -17.41 2.58 -15.71
C ALA A 146 -16.53 2.18 -14.54
N ASP A 147 -15.31 1.69 -14.81
CA ASP A 147 -14.32 1.44 -13.78
C ASP A 147 -13.37 2.60 -13.60
N ARG A 148 -13.60 3.73 -14.28
CA ARG A 148 -12.70 4.86 -14.21
C ARG A 148 -13.15 5.90 -13.19
N LEU A 149 -14.46 6.14 -13.11
CA LEU A 149 -14.99 7.23 -12.31
C LEU A 149 -14.84 6.96 -10.82
N LYS A 150 -14.68 8.04 -10.05
CA LYS A 150 -14.46 7.97 -8.61
C LYS A 150 -15.72 7.46 -7.91
N PRO A 151 -15.57 6.91 -6.70
CA PRO A 151 -16.75 6.40 -5.99
C PRO A 151 -17.61 7.50 -5.38
N GLU A 152 -17.10 8.73 -5.29
CA GLU A 152 -17.93 9.87 -4.91
C GLU A 152 -18.90 10.28 -6.02
N THR A 153 -18.73 9.72 -7.22
CA THR A 153 -19.64 9.95 -8.34
C THR A 153 -20.67 8.85 -8.50
N PHE A 154 -20.43 7.66 -7.93
CA PHE A 154 -21.42 6.60 -7.97
C PHE A 154 -22.67 6.99 -7.19
N ALA A 155 -22.52 7.80 -6.14
CA ALA A 155 -23.69 8.34 -5.45
C ALA A 155 -24.50 9.23 -6.39
N ASP A 156 -23.83 10.05 -7.19
CA ASP A 156 -24.54 10.88 -8.16
C ASP A 156 -25.27 10.07 -9.21
N VAL A 157 -24.61 9.05 -9.76
CA VAL A 157 -25.29 8.21 -10.75
C VAL A 157 -26.43 7.43 -10.11
N ARG A 158 -26.27 7.02 -8.84
CA ARG A 158 -27.35 6.39 -8.11
C ARG A 158 -28.55 7.32 -7.98
N ASP A 159 -28.29 8.59 -7.64
CA ASP A 159 -29.37 9.56 -7.51
C ASP A 159 -30.05 9.79 -8.85
N ILE A 160 -29.27 9.83 -9.93
CA ILE A 160 -29.85 9.99 -11.27
C ILE A 160 -30.81 8.84 -11.55
N ALA A 161 -30.34 7.60 -11.35
CA ALA A 161 -31.18 6.44 -11.64
C ALA A 161 -32.36 6.35 -10.68
N GLU A 162 -32.22 6.92 -9.48
CA GLU A 162 -33.27 6.83 -8.48
C GLU A 162 -34.40 7.82 -8.76
N ASP A 163 -34.05 9.08 -8.98
CA ASP A 163 -35.04 10.15 -9.13
C ASP A 163 -35.49 10.35 -10.56
N LEU A 164 -34.57 10.38 -11.53
CA LEU A 164 -34.94 10.65 -12.91
C LEU A 164 -35.43 9.41 -13.65
N GLY A 165 -35.34 8.24 -13.03
CA GLY A 165 -35.85 7.02 -13.62
C GLY A 165 -35.22 6.66 -14.94
N ILE A 166 -33.89 6.71 -15.01
CA ILE A 166 -33.15 6.42 -16.22
C ILE A 166 -32.33 5.15 -15.99
N ALA A 167 -32.54 4.16 -16.83
CA ALA A 167 -31.82 2.89 -16.73
C ALA A 167 -30.36 3.12 -17.08
N VAL A 168 -29.48 2.89 -16.13
CA VAL A 168 -28.05 3.11 -16.30
C VAL A 168 -27.37 1.77 -16.53
N VAL A 169 -26.55 1.69 -17.57
CA VAL A 169 -25.76 0.50 -17.86
C VAL A 169 -24.30 0.85 -17.63
N LEU A 170 -23.68 0.20 -16.64
CA LEU A 170 -22.28 0.40 -16.35
C LEU A 170 -21.46 -0.59 -17.15
N VAL A 171 -20.69 -0.09 -18.12
CA VAL A 171 -19.90 -0.92 -19.00
C VAL A 171 -18.43 -0.78 -18.62
N GLY A 172 -17.73 -1.91 -18.63
CA GLY A 172 -16.32 -1.91 -18.32
C GLY A 172 -15.80 -3.33 -18.22
N THR A 173 -14.50 -3.43 -17.98
CA THR A 173 -13.86 -4.73 -17.82
C THR A 173 -14.29 -5.36 -16.49
N ASP A 174 -13.80 -6.57 -16.23
CA ASP A 174 -14.12 -7.26 -14.99
C ASP A 174 -13.63 -6.49 -13.76
N ARG A 175 -12.67 -5.57 -13.94
CA ARG A 175 -12.23 -4.73 -12.83
C ARG A 175 -13.36 -3.81 -12.34
N LEU A 176 -14.32 -3.49 -13.22
CA LEU A 176 -15.47 -2.71 -12.80
C LEU A 176 -16.29 -3.43 -11.74
N ASP A 177 -16.41 -4.76 -11.88
CA ASP A 177 -17.13 -5.54 -10.87
C ASP A 177 -16.44 -5.45 -9.52
N ALA A 178 -15.11 -5.52 -9.51
CA ALA A 178 -14.37 -5.36 -8.26
C ALA A 178 -14.52 -3.95 -7.71
N VAL A 179 -14.54 -2.95 -8.58
CA VAL A 179 -14.69 -1.56 -8.13
C VAL A 179 -16.04 -1.37 -7.46
N ILE A 180 -17.10 -1.91 -8.06
CA ILE A 180 -18.43 -1.73 -7.47
C ILE A 180 -18.66 -2.66 -6.29
N LYS A 181 -17.92 -3.77 -6.20
CA LYS A 181 -18.14 -4.72 -5.12
C LYS A 181 -17.80 -4.12 -3.76
N ARG A 182 -16.70 -3.37 -3.68
CA ARG A 182 -16.32 -2.76 -2.41
C ARG A 182 -17.34 -1.73 -1.94
N ASP A 183 -18.17 -1.20 -2.84
CA ASP A 183 -19.26 -0.32 -2.46
C ASP A 183 -20.48 -1.15 -2.07
N GLU A 184 -21.44 -0.48 -1.42
CA GLU A 184 -22.61 -1.16 -0.87
C GLU A 184 -23.84 -1.04 -1.77
N GLN A 185 -24.30 0.18 -2.05
CA GLN A 185 -25.53 0.38 -2.80
C GLN A 185 -25.38 0.11 -4.29
N VAL A 186 -24.27 0.49 -4.89
CA VAL A 186 -24.12 0.37 -6.35
C VAL A 186 -24.10 -1.10 -6.76
N LEU A 187 -23.62 -1.97 -5.87
CA LEU A 187 -23.58 -3.40 -6.19
C LEU A 187 -24.99 -4.00 -6.19
N GLU A 188 -25.80 -3.65 -5.18
CA GLU A 188 -27.15 -4.20 -5.12
C GLU A 188 -28.04 -3.62 -6.20
N ARG A 189 -27.98 -2.30 -6.39
CA ARG A 189 -28.85 -1.66 -7.39
C ARG A 189 -28.52 -2.12 -8.80
N PHE A 190 -27.22 -2.21 -9.12
CA PHE A 190 -26.77 -2.67 -10.43
C PHE A 190 -26.29 -4.10 -10.27
N ARG A 191 -27.20 -5.05 -10.46
CA ARG A 191 -26.88 -6.46 -10.34
C ARG A 191 -27.12 -7.27 -11.61
N ALA A 192 -28.10 -6.90 -12.44
CA ALA A 192 -28.29 -7.58 -13.70
C ALA A 192 -27.09 -7.35 -14.60
N HIS A 193 -26.61 -8.42 -15.25
CA HIS A 193 -25.39 -8.33 -16.04
C HIS A 193 -25.56 -9.16 -17.30
N LEU A 194 -24.66 -8.90 -18.27
CA LEU A 194 -24.61 -9.67 -19.51
C LEU A 194 -23.13 -9.85 -19.85
N ARG A 195 -22.56 -10.98 -19.43
CA ARG A 195 -21.17 -11.25 -19.71
C ARG A 195 -20.94 -11.53 -21.20
N PHE A 196 -19.91 -10.89 -21.76
CA PHE A 196 -19.60 -11.11 -23.16
C PHE A 196 -18.85 -12.42 -23.34
N GLY A 197 -19.28 -13.19 -24.35
CA GLY A 197 -18.73 -14.53 -24.54
C GLY A 197 -17.38 -14.51 -25.23
N LYS A 198 -16.76 -15.68 -25.25
CA LYS A 198 -15.45 -15.84 -25.88
C LYS A 198 -15.57 -16.04 -27.39
N LEU A 199 -16.71 -16.55 -27.85
CA LEU A 199 -17.12 -16.75 -29.24
C LEU A 199 -16.47 -17.97 -29.88
N SER A 200 -15.59 -18.68 -29.18
CA SER A 200 -14.92 -19.83 -29.77
C SER A 200 -15.91 -20.94 -30.09
N GLY A 201 -15.72 -21.57 -31.26
CA GLY A 201 -16.58 -22.63 -31.75
C GLY A 201 -16.80 -22.49 -33.24
N GLU A 202 -17.88 -23.10 -33.72
CA GLU A 202 -18.24 -22.96 -35.13
C GLU A 202 -18.71 -21.54 -35.43
N ASP A 203 -19.32 -20.88 -34.44
CA ASP A 203 -19.68 -19.47 -34.59
C ASP A 203 -18.44 -18.61 -34.82
N PHE A 204 -17.30 -19.01 -34.23
CA PHE A 204 -16.05 -18.31 -34.50
C PHE A 204 -15.65 -18.44 -35.96
N LYS A 205 -15.78 -19.64 -36.53
CA LYS A 205 -15.49 -19.82 -37.95
C LYS A 205 -16.42 -19.00 -38.82
N ASN A 206 -17.70 -18.97 -38.46
CA ASN A 206 -18.66 -18.12 -39.16
C ASN A 206 -18.23 -16.65 -39.10
N THR A 207 -17.74 -16.23 -37.93
CA THR A 207 -17.22 -14.88 -37.78
C THR A 207 -16.05 -14.62 -38.72
N VAL A 208 -15.12 -15.56 -38.81
CA VAL A 208 -13.97 -15.37 -39.71
C VAL A 208 -14.43 -15.23 -41.16
N GLU A 209 -15.32 -16.13 -41.59
CA GLU A 209 -15.77 -16.09 -42.98
C GLU A 209 -16.54 -14.80 -43.26
N MET A 210 -17.41 -14.40 -42.34
CA MET A 210 -18.20 -13.18 -42.51
C MET A 210 -17.31 -11.96 -42.56
N TRP A 211 -16.28 -11.91 -41.70
CA TRP A 211 -15.28 -10.85 -41.75
C TRP A 211 -14.57 -10.82 -43.09
N GLU A 212 -14.16 -11.99 -43.59
CA GLU A 212 -13.49 -12.07 -44.88
C GLU A 212 -14.37 -11.49 -45.99
N GLN A 213 -15.65 -11.85 -46.00
CA GLN A 213 -16.55 -11.31 -47.01
C GLN A 213 -16.76 -9.81 -46.89
N MET A 214 -16.96 -9.29 -45.68
CA MET A 214 -17.38 -7.90 -45.55
C MET A 214 -16.19 -6.96 -45.34
N VAL A 215 -15.46 -7.12 -44.25
CA VAL A 215 -14.49 -6.13 -43.81
C VAL A 215 -13.27 -6.10 -44.72
N LEU A 216 -12.75 -7.27 -45.09
CA LEU A 216 -11.58 -7.32 -45.97
C LEU A 216 -11.90 -6.70 -47.32
N LYS A 217 -13.08 -6.99 -47.86
CA LYS A 217 -13.56 -6.39 -49.11
C LYS A 217 -12.56 -6.57 -50.25
N LEU A 218 -11.97 -7.75 -50.30
CA LEU A 218 -10.97 -8.10 -51.30
C LEU A 218 -11.60 -8.94 -52.40
N PRO A 219 -10.97 -9.00 -53.57
CA PRO A 219 -11.51 -9.84 -54.65
C PRO A 219 -11.54 -11.30 -54.24
N VAL A 220 -12.55 -12.02 -54.74
CA VAL A 220 -12.76 -13.40 -54.34
C VAL A 220 -11.64 -14.27 -54.91
N SER A 221 -10.73 -14.68 -54.04
CA SER A 221 -9.64 -15.58 -54.42
C SER A 221 -9.82 -16.97 -53.82
N SER A 222 -11.02 -17.28 -53.32
CA SER A 222 -11.37 -18.61 -52.80
C SER A 222 -10.48 -19.02 -51.63
N ASN A 223 -10.11 -18.07 -50.78
CA ASN A 223 -9.40 -18.42 -49.55
C ASN A 223 -10.28 -19.31 -48.66
N LEU A 224 -11.54 -18.96 -48.52
CA LEU A 224 -12.59 -19.76 -47.89
C LEU A 224 -12.32 -20.07 -46.42
N LYS A 225 -11.26 -19.50 -45.84
CA LYS A 225 -10.87 -19.78 -44.45
C LYS A 225 -10.67 -21.27 -44.23
N SER A 226 -9.65 -21.82 -44.88
CA SER A 226 -9.36 -23.24 -44.79
C SER A 226 -8.94 -23.62 -43.38
N LYS A 227 -8.83 -24.94 -43.16
CA LYS A 227 -8.54 -25.49 -41.85
C LYS A 227 -7.24 -24.96 -41.27
N GLU A 228 -6.19 -24.85 -42.11
CA GLU A 228 -4.93 -24.31 -41.64
C GLU A 228 -5.08 -22.86 -41.21
N MET A 229 -5.80 -22.06 -42.00
CA MET A 229 -6.06 -20.68 -41.63
C MET A 229 -6.87 -20.58 -40.34
N LEU A 230 -7.86 -21.46 -40.17
CA LEU A 230 -8.63 -21.46 -38.93
C LEU A 230 -7.75 -21.80 -37.74
N ARG A 231 -6.85 -22.78 -37.89
CA ARG A 231 -5.96 -23.13 -36.80
C ARG A 231 -5.03 -21.97 -36.45
N ILE A 232 -4.48 -21.30 -37.46
CA ILE A 232 -3.59 -20.17 -37.21
C ILE A 232 -4.35 -19.05 -36.48
N LEU A 233 -5.55 -18.75 -36.94
CA LEU A 233 -6.31 -17.66 -36.33
C LEU A 233 -6.79 -18.02 -34.93
N THR A 234 -7.11 -19.30 -34.69
CA THR A 234 -7.45 -19.73 -33.33
C THR A 234 -6.25 -19.59 -32.40
N SER A 235 -5.06 -19.99 -32.87
CA SER A 235 -3.86 -19.85 -32.05
C SER A 235 -3.52 -18.38 -31.81
N ALA A 236 -3.85 -17.52 -32.77
CA ALA A 236 -3.51 -16.11 -32.67
C ALA A 236 -4.47 -15.32 -31.79
N THR A 237 -5.76 -15.31 -32.13
CA THR A 237 -6.71 -14.41 -31.50
C THR A 237 -7.09 -14.83 -30.09
N GLU A 238 -7.10 -16.14 -29.81
CA GLU A 238 -7.60 -16.70 -28.55
C GLU A 238 -9.06 -16.35 -28.31
N GLY A 239 -9.83 -16.09 -29.37
CA GLY A 239 -11.24 -15.80 -29.27
C GLY A 239 -11.60 -14.33 -29.31
N TYR A 240 -10.61 -13.44 -29.21
CA TYR A 240 -10.90 -12.01 -29.17
C TYR A 240 -11.31 -11.49 -30.55
N ILE A 241 -12.40 -10.72 -30.59
CA ILE A 241 -12.81 -10.05 -31.81
C ILE A 241 -11.80 -8.97 -32.19
N GLY A 242 -11.31 -8.22 -31.20
CA GLY A 242 -10.34 -7.17 -31.49
C GLY A 242 -9.04 -7.71 -32.04
N ARG A 243 -8.54 -8.81 -31.46
CA ARG A 243 -7.33 -9.42 -32.00
C ARG A 243 -7.57 -9.94 -33.41
N LEU A 244 -8.74 -10.52 -33.66
CA LEU A 244 -9.06 -10.99 -35.01
C LEU A 244 -9.04 -9.83 -36.00
N ASP A 245 -9.66 -8.71 -35.62
CA ASP A 245 -9.68 -7.53 -36.49
C ASP A 245 -8.27 -7.03 -36.76
N GLU A 246 -7.47 -6.91 -35.70
CA GLU A 246 -6.10 -6.39 -35.86
C GLU A 246 -5.27 -7.30 -36.75
N ILE A 247 -5.35 -8.61 -36.53
CA ILE A 247 -4.55 -9.56 -37.31
C ILE A 247 -4.99 -9.54 -38.77
N LEU A 248 -6.30 -9.54 -39.01
CA LEU A 248 -6.79 -9.52 -40.39
C LEU A 248 -6.38 -8.26 -41.11
N ARG A 249 -6.53 -7.10 -40.46
CA ARG A 249 -6.17 -5.84 -41.09
C ARG A 249 -4.67 -5.76 -41.35
N GLU A 250 -3.85 -6.21 -40.39
CA GLU A 250 -2.41 -6.19 -40.57
C GLU A 250 -1.99 -7.09 -41.71
N ALA A 251 -2.57 -8.29 -41.79
CA ALA A 251 -2.23 -9.21 -42.87
C ALA A 251 -2.65 -8.64 -44.23
N ALA A 252 -3.85 -8.05 -44.30
CA ALA A 252 -4.30 -7.48 -45.57
C ALA A 252 -3.40 -6.33 -46.01
N ILE A 253 -3.04 -5.46 -45.07
CA ILE A 253 -2.20 -4.30 -45.41
C ILE A 253 -0.80 -4.76 -45.81
N ARG A 254 -0.28 -5.79 -45.13
CA ARG A 254 1.04 -6.28 -45.46
C ARG A 254 1.07 -6.96 -46.82
N SER A 255 -0.01 -7.69 -47.16
CA SER A 255 -0.11 -8.29 -48.48
C SER A 255 -0.24 -7.23 -49.57
N LEU A 256 -1.02 -6.19 -49.32
CA LEU A 256 -1.21 -5.13 -50.31
C LEU A 256 0.02 -4.26 -50.45
N SER A 257 0.85 -4.16 -49.41
CA SER A 257 2.05 -3.35 -49.49
C SER A 257 3.14 -4.04 -50.30
N ARG A 258 3.21 -5.37 -50.26
CA ARG A 258 4.22 -6.13 -50.97
C ARG A 258 3.76 -6.59 -52.35
N GLY A 259 2.61 -6.10 -52.82
CA GLY A 259 2.11 -6.40 -54.14
C GLY A 259 1.23 -7.62 -54.24
N LEU A 260 1.11 -8.39 -53.17
CA LEU A 260 0.29 -9.60 -53.22
C LEU A 260 -1.19 -9.22 -53.29
N LYS A 261 -1.89 -9.77 -54.29
CA LYS A 261 -3.31 -9.46 -54.45
C LYS A 261 -4.14 -10.04 -53.30
N LYS A 262 -3.83 -11.26 -52.88
CA LYS A 262 -4.54 -11.90 -51.78
C LYS A 262 -3.58 -12.09 -50.61
N ILE A 263 -4.10 -12.73 -49.56
CA ILE A 263 -3.38 -12.87 -48.30
C ILE A 263 -2.76 -14.26 -48.24
N ASP A 264 -1.44 -14.33 -48.12
CA ASP A 264 -0.76 -15.62 -48.18
C ASP A 264 -0.59 -16.21 -46.77
N LYS A 265 0.07 -17.37 -46.72
CA LYS A 265 0.31 -18.03 -45.44
C LYS A 265 1.43 -17.36 -44.67
N ALA A 266 2.44 -16.85 -45.38
CA ALA A 266 3.60 -16.27 -44.72
C ALA A 266 3.20 -15.05 -43.89
N VAL A 267 2.25 -14.24 -44.39
CA VAL A 267 1.87 -13.04 -43.65
C VAL A 267 1.12 -13.39 -42.36
N LEU A 268 0.23 -14.39 -42.39
CA LEU A 268 -0.41 -14.84 -41.15
C LEU A 268 0.62 -15.39 -40.18
N GLN A 269 1.59 -16.17 -40.67
CA GLN A 269 2.62 -16.67 -39.77
C GLN A 269 3.42 -15.52 -39.15
N GLU A 270 3.78 -14.53 -39.96
CA GLU A 270 4.54 -13.38 -39.46
C GLU A 270 3.75 -12.61 -38.41
N VAL A 271 2.48 -12.33 -38.68
CA VAL A 271 1.70 -11.54 -37.72
C VAL A 271 1.42 -12.34 -36.47
N ALA A 272 1.26 -13.67 -36.60
CA ALA A 272 1.01 -14.50 -35.43
C ALA A 272 2.22 -14.58 -34.53
N LYS A 273 3.42 -14.75 -35.12
CA LYS A 273 4.62 -14.81 -34.29
C LYS A 273 4.96 -13.44 -33.72
N GLU A 274 4.64 -12.36 -34.44
CA GLU A 274 4.83 -11.01 -33.95
C GLU A 274 3.95 -10.70 -32.74
N TYR A 275 2.76 -11.31 -32.67
CA TYR A 275 1.88 -11.18 -31.51
C TYR A 275 2.32 -12.09 -30.36
N LYS A 276 2.61 -13.35 -30.65
CA LYS A 276 2.99 -14.30 -29.61
C LYS A 276 4.33 -14.97 -29.93
N ASP B 17 48.36 21.93 -33.19
CA ASP B 17 48.04 20.53 -32.93
C ASP B 17 47.20 20.40 -31.66
N ASP B 18 47.47 21.28 -30.69
CA ASP B 18 46.67 21.29 -29.46
C ASP B 18 45.22 21.64 -29.76
N GLU B 19 44.99 22.59 -30.66
CA GLU B 19 43.62 22.88 -31.09
C GLU B 19 42.99 21.68 -31.77
N TRP B 20 43.78 20.98 -32.59
CA TRP B 20 43.29 19.75 -33.21
C TRP B 20 42.99 18.69 -32.16
N LEU B 21 43.83 18.59 -31.12
CA LEU B 21 43.57 17.64 -30.06
C LEU B 21 42.28 17.97 -29.32
N GLN B 22 42.04 19.25 -29.05
CA GLN B 22 40.80 19.66 -28.42
C GLN B 22 39.59 19.34 -29.30
N ALA B 23 39.72 19.59 -30.60
CA ALA B 23 38.64 19.23 -31.52
C ALA B 23 38.37 17.73 -31.51
N GLU B 24 39.43 16.92 -31.49
CA GLU B 24 39.28 15.47 -31.47
C GLU B 24 38.59 15.00 -30.20
N ILE B 25 39.00 15.53 -29.04
CA ILE B 25 38.41 15.09 -27.79
C ILE B 25 36.95 15.55 -27.70
N ALA B 26 36.66 16.75 -28.19
CA ALA B 26 35.28 17.22 -28.21
C ALA B 26 34.41 16.36 -29.11
N ARG B 27 34.92 15.99 -30.29
CA ARG B 27 34.17 15.13 -31.20
C ARG B 27 33.96 13.75 -30.59
N LEU B 28 34.99 13.20 -29.95
CA LEU B 28 34.87 11.88 -29.35
C LEU B 28 33.90 11.89 -28.17
N LYS B 29 33.83 13.00 -27.43
CA LYS B 29 32.84 13.11 -26.36
C LYS B 29 31.43 13.07 -26.92
N GLY B 30 31.20 13.75 -28.04
CA GLY B 30 29.88 13.76 -28.64
C GLY B 30 29.57 12.46 -29.34
N LYS B 31 28.35 11.98 -29.13
CA LYS B 31 27.90 10.73 -29.73
C LYS B 31 27.26 10.99 -31.10
N SER B 32 27.27 9.96 -31.94
CA SER B 32 26.73 10.03 -33.28
C SER B 32 25.71 8.91 -33.48
N ILE B 33 25.13 8.87 -34.68
CA ILE B 33 24.12 7.88 -35.03
C ILE B 33 24.61 7.16 -36.28
N VAL B 34 25.23 6.00 -36.11
CA VAL B 34 25.57 5.12 -37.22
C VAL B 34 24.32 4.30 -37.56
N PRO B 35 23.82 4.38 -38.79
CA PRO B 35 22.62 3.59 -39.15
C PRO B 35 22.99 2.16 -39.48
N LEU B 36 22.48 1.22 -38.68
CA LEU B 36 22.74 -0.20 -38.88
C LEU B 36 21.42 -0.95 -38.93
N GLN B 37 21.52 -2.27 -39.13
CA GLN B 37 20.34 -3.07 -39.44
C GLN B 37 19.31 -3.05 -38.32
N GLN B 38 19.75 -2.88 -37.07
CA GLN B 38 18.81 -2.82 -35.96
C GLN B 38 17.84 -1.64 -36.14
N VAL B 39 18.39 -0.44 -36.34
CA VAL B 39 17.54 0.72 -36.54
C VAL B 39 16.81 0.63 -37.87
N LYS B 40 17.39 -0.07 -38.85
CA LYS B 40 16.69 -0.22 -40.13
C LYS B 40 15.42 -1.04 -39.96
N THR B 41 15.52 -2.20 -39.34
CA THR B 41 14.34 -2.97 -38.96
C THR B 41 13.38 -2.13 -38.14
N LEU B 42 13.92 -1.34 -37.20
CA LEU B 42 13.03 -0.60 -36.31
C LEU B 42 12.19 0.42 -37.07
N HIS B 43 12.80 1.23 -37.94
CA HIS B 43 11.96 2.26 -38.55
C HIS B 43 11.15 1.70 -39.70
N ASP B 44 11.58 0.56 -40.27
CA ASP B 44 10.70 -0.14 -41.20
C ASP B 44 9.43 -0.60 -40.49
N TRP B 45 9.58 -1.20 -39.32
CA TRP B 45 8.43 -1.62 -38.52
C TRP B 45 7.59 -0.43 -38.10
N LEU B 46 8.26 0.68 -37.76
CA LEU B 46 7.55 1.88 -37.33
C LEU B 46 6.74 2.48 -38.48
N ASP B 47 7.30 2.50 -39.69
CA ASP B 47 6.56 2.97 -40.85
C ASP B 47 5.37 2.05 -41.12
N GLY B 48 5.56 0.75 -41.00
CA GLY B 48 4.46 -0.19 -41.17
C GLY B 48 3.33 0.06 -40.18
N LYS B 49 3.68 0.31 -38.92
CA LYS B 49 2.66 0.58 -37.91
C LYS B 49 2.03 1.95 -38.12
N ARG B 50 2.79 2.90 -38.65
CA ARG B 50 2.28 4.25 -38.89
C ARG B 50 1.28 4.28 -40.03
N LYS B 51 1.53 3.52 -41.10
CA LYS B 51 0.62 3.55 -42.25
C LYS B 51 -0.74 2.96 -41.91
N ALA B 52 -0.84 2.21 -40.81
CA ALA B 52 -2.10 1.59 -40.41
C ALA B 52 -2.61 2.11 -39.08
N ARG B 53 -1.93 3.08 -38.47
CA ARG B 53 -2.28 3.59 -37.15
C ARG B 53 -2.40 2.46 -36.13
N LYS B 54 -1.44 1.53 -36.20
CA LYS B 54 -1.39 0.38 -35.32
C LYS B 54 -0.51 0.69 -34.12
N SER B 55 -1.10 0.67 -32.93
CA SER B 55 -0.39 0.99 -31.70
C SER B 55 0.31 -0.27 -31.20
N CYS B 56 1.64 -0.23 -31.15
CA CYS B 56 2.46 -1.36 -30.73
C CYS B 56 3.33 -0.94 -29.54
N ARG B 57 4.27 -1.81 -29.18
CA ARG B 57 5.21 -1.52 -28.10
C ARG B 57 6.54 -2.20 -28.40
N VAL B 58 7.55 -1.39 -28.74
CA VAL B 58 8.88 -1.92 -29.02
C VAL B 58 9.57 -2.10 -27.66
N VAL B 59 10.12 -3.28 -27.44
CA VAL B 59 10.74 -3.62 -26.16
C VAL B 59 12.16 -4.09 -26.42
N GLY B 60 12.99 -4.11 -25.38
CA GLY B 60 14.35 -4.55 -25.54
C GLY B 60 15.10 -4.45 -24.23
N GLU B 61 16.39 -4.79 -24.31
CA GLU B 61 17.27 -4.75 -23.14
C GLU B 61 17.63 -3.31 -22.81
N SER B 62 18.46 -3.14 -21.79
CA SER B 62 18.99 -1.83 -21.41
C SER B 62 20.34 -1.61 -22.05
N ARG B 63 20.61 -0.35 -22.40
CA ARG B 63 21.88 0.04 -23.03
C ARG B 63 22.10 -0.72 -24.34
N THR B 64 21.01 -0.92 -25.09
CA THR B 64 21.08 -1.66 -26.34
C THR B 64 20.85 -0.81 -27.58
N GLY B 65 20.23 0.37 -27.46
CA GLY B 65 20.11 1.27 -28.58
C GLY B 65 18.72 1.47 -29.14
N LYS B 66 17.69 1.45 -28.31
CA LYS B 66 16.33 1.70 -28.78
C LYS B 66 16.02 3.19 -28.84
N THR B 67 16.50 3.96 -27.87
CA THR B 67 16.23 5.39 -27.82
C THR B 67 16.81 6.09 -29.04
N VAL B 68 18.04 5.75 -29.42
CA VAL B 68 18.67 6.39 -30.58
C VAL B 68 17.91 6.06 -31.86
N ALA B 69 17.46 4.82 -32.00
CA ALA B 69 16.72 4.45 -33.21
C ALA B 69 15.37 5.16 -33.28
N CYS B 70 14.65 5.24 -32.15
CA CYS B 70 13.41 6.02 -32.14
C CYS B 70 13.68 7.49 -32.43
N ASP B 71 14.80 8.00 -31.93
CA ASP B 71 15.19 9.38 -32.23
C ASP B 71 15.40 9.58 -33.72
N ALA B 72 16.09 8.63 -34.36
CA ALA B 72 16.33 8.71 -35.80
C ALA B 72 15.01 8.68 -36.57
N TYR B 73 14.10 7.79 -36.17
CA TYR B 73 12.78 7.77 -36.80
C TYR B 73 12.04 9.08 -36.56
N ARG B 74 12.36 9.78 -35.46
CA ARG B 74 11.75 11.08 -35.22
C ARG B 74 12.33 12.14 -36.15
N TYR B 75 13.67 12.20 -36.30
CA TYR B 75 14.23 13.28 -37.11
C TYR B 75 14.02 13.05 -38.60
N ARG B 76 13.90 11.80 -39.05
CA ARG B 76 13.78 11.60 -40.50
C ARG B 76 12.55 12.29 -41.05
N HIS B 77 11.42 12.19 -40.34
CA HIS B 77 10.23 12.97 -40.66
C HIS B 77 10.26 14.31 -39.93
N LYS B 78 11.21 15.15 -40.32
CA LYS B 78 11.26 16.50 -39.78
C LYS B 78 10.02 17.25 -40.24
N PRO B 79 9.22 17.80 -39.33
CA PRO B 79 7.95 18.43 -39.74
C PRO B 79 8.18 19.56 -40.73
N GLN B 80 7.42 19.53 -41.82
CA GLN B 80 7.42 20.60 -42.82
C GLN B 80 6.21 21.48 -42.54
N GLN B 81 6.46 22.75 -42.24
CA GLN B 81 5.41 23.67 -41.84
C GLN B 81 4.92 24.49 -43.03
N GLU B 82 3.61 24.71 -43.08
CA GLU B 82 3.04 25.59 -44.09
C GLU B 82 3.33 27.05 -43.72
N ALA B 83 3.11 27.94 -44.68
CA ALA B 83 3.40 29.36 -44.49
C ALA B 83 2.64 29.95 -43.32
N GLY B 84 1.36 29.61 -43.18
CA GLY B 84 0.53 30.20 -42.16
C GLY B 84 -0.33 29.26 -41.35
N ARG B 85 -0.05 27.96 -41.39
CA ARG B 85 -0.81 26.97 -40.64
C ARG B 85 0.10 26.22 -39.68
N PRO B 86 -0.48 25.54 -38.65
CA PRO B 86 0.47 24.86 -37.74
C PRO B 86 1.38 23.88 -38.46
N PRO B 87 2.62 23.73 -37.98
CA PRO B 87 3.48 22.72 -38.59
C PRO B 87 2.88 21.34 -38.39
N THR B 88 2.92 20.53 -39.44
CA THR B 88 2.33 19.21 -39.33
C THR B 88 3.41 18.27 -38.84
N VAL B 89 3.22 17.73 -37.64
CA VAL B 89 4.23 16.85 -37.06
C VAL B 89 3.75 15.40 -37.16
N PRO B 90 4.37 14.56 -38.04
CA PRO B 90 3.79 13.22 -38.15
C PRO B 90 4.15 12.31 -36.98
N VAL B 91 5.37 12.44 -36.46
CA VAL B 91 5.85 11.56 -35.40
C VAL B 91 6.09 12.40 -34.15
N VAL B 92 5.50 11.98 -33.04
CA VAL B 92 5.71 12.61 -31.75
C VAL B 92 6.52 11.65 -30.89
N TYR B 93 7.63 12.14 -30.36
CA TYR B 93 8.51 11.36 -29.49
C TYR B 93 8.52 11.99 -28.10
N ILE B 94 8.22 11.20 -27.08
CA ILE B 94 8.24 11.69 -25.71
C ILE B 94 8.99 10.69 -24.84
N ARG B 95 9.66 11.21 -23.81
CA ARG B 95 10.30 10.39 -22.78
C ARG B 95 9.88 10.95 -21.43
N PRO B 96 8.68 10.59 -20.96
CA PRO B 96 8.20 11.14 -19.67
C PRO B 96 9.09 10.79 -18.51
N HIS B 97 9.17 11.68 -17.52
CA HIS B 97 10.05 11.48 -16.38
C HIS B 97 9.45 10.46 -15.41
N GLN B 98 10.19 10.20 -14.33
CA GLN B 98 9.77 9.22 -13.34
C GLN B 98 8.47 9.64 -12.68
N LYS B 99 7.53 8.70 -12.59
CA LYS B 99 6.22 8.92 -11.98
C LYS B 99 5.50 10.09 -12.66
N CYS B 100 5.52 10.07 -13.99
CA CYS B 100 4.89 11.13 -14.78
C CYS B 100 3.37 11.02 -14.67
N GLY B 101 2.75 12.06 -14.11
CA GLY B 101 1.31 12.12 -14.03
C GLY B 101 0.68 12.51 -15.34
N PRO B 102 -0.66 12.50 -15.37
CA PRO B 102 -1.37 12.85 -16.61
C PRO B 102 -1.15 14.30 -17.02
N LYS B 103 -1.16 15.22 -16.05
CA LYS B 103 -0.90 16.62 -16.35
C LYS B 103 0.49 16.80 -16.93
N ASP B 104 1.48 16.14 -16.35
CA ASP B 104 2.85 16.24 -16.85
C ASP B 104 2.96 15.71 -18.27
N LEU B 105 2.32 14.56 -18.53
CA LEU B 105 2.36 13.98 -19.87
C LEU B 105 1.71 14.91 -20.89
N PHE B 106 0.54 15.45 -20.57
CA PHE B 106 -0.14 16.36 -21.49
C PHE B 106 0.70 17.61 -21.73
N LYS B 107 1.32 18.14 -20.67
CA LYS B 107 2.25 19.25 -20.81
C LYS B 107 3.35 18.92 -21.81
N LYS B 108 3.93 17.72 -21.70
CA LYS B 108 5.00 17.32 -22.61
C LYS B 108 4.49 17.21 -24.04
N ILE B 109 3.30 16.63 -24.24
CA ILE B 109 2.75 16.49 -25.59
C ILE B 109 2.58 17.85 -26.23
N THR B 110 1.93 18.78 -25.52
CA THR B 110 1.69 20.08 -26.13
C THR B 110 2.95 20.94 -26.17
N GLU B 111 3.97 20.61 -25.37
CA GLU B 111 5.22 21.35 -25.43
C GLU B 111 6.06 20.94 -26.62
N TYR B 112 6.05 19.64 -26.97
CA TYR B 112 6.83 19.22 -28.13
C TYR B 112 6.29 19.86 -29.40
N LEU B 113 4.97 19.96 -29.52
CA LEU B 113 4.34 20.62 -30.66
C LEU B 113 4.53 22.13 -30.64
N LYS B 114 5.25 22.66 -29.66
CA LYS B 114 5.56 24.09 -29.53
C LYS B 114 4.30 24.91 -29.26
N TYR B 115 3.47 24.41 -28.34
CA TYR B 115 2.32 25.14 -27.82
C TYR B 115 2.52 25.26 -26.31
N ARG B 116 2.98 26.43 -25.86
CA ARG B 116 3.21 26.63 -24.44
C ARG B 116 1.90 26.51 -23.67
N VAL B 117 1.98 25.92 -22.49
CA VAL B 117 0.80 25.58 -21.71
C VAL B 117 0.24 26.82 -21.04
N THR B 118 -1.03 26.74 -20.66
CA THR B 118 -1.68 27.77 -19.86
C THR B 118 -2.13 27.14 -18.55
N LYS B 119 -1.94 27.87 -17.44
CA LYS B 119 -2.30 27.37 -16.13
C LYS B 119 -3.78 26.98 -16.08
N GLY B 120 -4.06 25.82 -15.51
CA GLY B 120 -5.42 25.35 -15.42
C GLY B 120 -5.46 23.95 -14.82
N THR B 121 -6.67 23.38 -14.83
CA THR B 121 -6.88 22.04 -14.29
C THR B 121 -6.39 20.98 -15.27
N VAL B 122 -6.46 19.73 -14.82
CA VAL B 122 -6.05 18.61 -15.67
C VAL B 122 -6.96 18.51 -16.89
N SER B 123 -8.24 18.82 -16.71
CA SER B 123 -9.18 18.81 -17.84
C SER B 123 -8.79 19.85 -18.88
N ASP B 124 -8.36 21.03 -18.44
CA ASP B 124 -7.92 22.06 -19.39
C ASP B 124 -6.71 21.60 -20.19
N PHE B 125 -5.74 20.99 -19.51
CA PHE B 125 -4.56 20.47 -20.21
C PHE B 125 -4.95 19.38 -21.19
N ARG B 126 -5.86 18.49 -20.79
CA ARG B 126 -6.32 17.44 -21.68
C ARG B 126 -6.99 18.01 -22.92
N ASP B 127 -7.86 19.01 -22.74
CA ASP B 127 -8.57 19.60 -23.87
C ASP B 127 -7.59 20.29 -24.81
N ARG B 128 -6.65 21.06 -24.25
CA ARG B 128 -5.68 21.75 -25.10
C ARG B 128 -4.79 20.76 -25.84
N THR B 129 -4.36 19.69 -25.16
CA THR B 129 -3.53 18.69 -25.81
C THR B 129 -4.29 17.99 -26.93
N ILE B 130 -5.56 17.65 -26.71
CA ILE B 130 -6.35 17.04 -27.76
C ILE B 130 -6.50 17.99 -28.94
N GLU B 131 -6.78 19.27 -28.66
CA GLU B 131 -6.93 20.24 -29.73
C GLU B 131 -5.66 20.35 -30.56
N VAL B 132 -4.52 20.56 -29.91
CA VAL B 132 -3.27 20.69 -30.66
C VAL B 132 -2.84 19.37 -31.30
N LEU B 133 -3.30 18.23 -30.77
CA LEU B 133 -2.93 16.95 -31.35
C LEU B 133 -3.70 16.67 -32.63
N LYS B 134 -4.98 17.03 -32.68
CA LYS B 134 -5.69 16.95 -33.96
C LYS B 134 -5.28 18.06 -34.91
N GLY B 135 -4.86 19.22 -34.38
CA GLY B 135 -4.52 20.33 -35.24
C GLY B 135 -3.30 20.07 -36.10
N CYS B 136 -2.27 19.46 -35.52
CA CYS B 136 -1.02 19.22 -36.24
C CYS B 136 -1.04 17.93 -37.04
N GLY B 137 -2.13 17.17 -37.02
CA GLY B 137 -2.21 15.96 -37.83
C GLY B 137 -1.17 14.92 -37.47
N VAL B 138 -1.02 14.64 -36.17
CA VAL B 138 0.02 13.72 -35.73
C VAL B 138 -0.35 12.29 -36.07
N GLU B 139 0.66 11.52 -36.49
CA GLU B 139 0.49 10.12 -36.86
C GLU B 139 1.03 9.15 -35.82
N MET B 140 2.08 9.53 -35.09
CA MET B 140 2.77 8.63 -34.18
C MET B 140 2.89 9.28 -32.81
N LEU B 141 2.79 8.47 -31.76
CA LEU B 141 3.03 8.89 -30.38
C LEU B 141 4.04 7.92 -29.77
N ILE B 142 5.31 8.30 -29.82
CA ILE B 142 6.41 7.43 -29.37
C ILE B 142 6.71 7.79 -27.92
N ILE B 143 6.29 6.92 -27.00
CA ILE B 143 6.51 7.15 -25.57
C ILE B 143 7.70 6.30 -25.15
N ASP B 144 8.90 6.86 -25.21
CA ASP B 144 10.07 6.17 -24.70
C ASP B 144 10.08 6.19 -23.18
N GLU B 145 10.75 5.20 -22.59
CA GLU B 145 10.77 5.00 -21.15
C GLU B 145 9.35 4.91 -20.60
N ALA B 146 8.50 4.16 -21.31
CA ALA B 146 7.10 4.02 -20.98
C ALA B 146 6.85 3.18 -19.73
N ASP B 147 7.91 2.85 -18.99
CA ASP B 147 7.79 2.20 -17.69
C ASP B 147 7.82 3.20 -16.54
N ARG B 148 7.83 4.50 -16.84
CA ARG B 148 7.93 5.52 -15.80
C ARG B 148 6.56 6.07 -15.41
N LEU B 149 5.68 6.24 -16.38
CA LEU B 149 4.43 6.94 -16.14
C LEU B 149 3.47 6.10 -15.29
N LYS B 150 2.64 6.79 -14.51
CA LYS B 150 1.72 6.15 -13.59
C LYS B 150 0.62 5.41 -14.36
N PRO B 151 -0.02 4.43 -13.73
CA PRO B 151 -1.08 3.68 -14.44
C PRO B 151 -2.38 4.44 -14.56
N GLU B 152 -2.55 5.54 -13.82
CA GLU B 152 -3.68 6.43 -14.05
C GLU B 152 -3.53 7.24 -15.31
N THR B 153 -2.36 7.21 -15.96
CA THR B 153 -2.10 7.86 -17.23
C THR B 153 -2.23 6.91 -18.41
N PHE B 154 -2.13 5.60 -18.18
CA PHE B 154 -2.34 4.65 -19.26
C PHE B 154 -3.76 4.70 -19.78
N ALA B 155 -4.72 5.03 -18.92
CA ALA B 155 -6.09 5.25 -19.39
C ALA B 155 -6.15 6.43 -20.35
N ASP B 156 -5.42 7.51 -20.03
CA ASP B 156 -5.37 8.66 -20.93
C ASP B 156 -4.73 8.33 -22.27
N VAL B 157 -3.61 7.61 -22.25
CA VAL B 157 -2.99 7.24 -23.52
C VAL B 157 -3.88 6.27 -24.31
N ARG B 158 -4.60 5.39 -23.60
CA ARG B 158 -5.56 4.51 -24.24
C ARG B 158 -6.65 5.32 -24.93
N ASP B 159 -7.16 6.35 -24.26
CA ASP B 159 -8.19 7.19 -24.84
C ASP B 159 -7.66 7.94 -26.06
N ILE B 160 -6.41 8.41 -25.98
CA ILE B 160 -5.80 9.07 -27.12
C ILE B 160 -5.76 8.13 -28.32
N ALA B 161 -5.25 6.92 -28.12
CA ALA B 161 -5.13 5.97 -29.22
C ALA B 161 -6.50 5.50 -29.70
N GLU B 162 -7.51 5.56 -28.82
CA GLU B 162 -8.83 5.07 -29.18
C GLU B 162 -9.58 6.09 -30.02
N ASP B 163 -9.63 7.34 -29.56
CA ASP B 163 -10.43 8.38 -30.20
C ASP B 163 -9.68 9.14 -31.28
N LEU B 164 -8.43 9.54 -31.03
CA LEU B 164 -7.70 10.34 -32.01
C LEU B 164 -7.03 9.49 -33.07
N GLY B 165 -7.05 8.17 -32.95
CA GLY B 165 -6.52 7.28 -33.96
C GLY B 165 -5.04 7.48 -34.22
N ILE B 166 -4.25 7.56 -33.16
CA ILE B 166 -2.81 7.77 -33.24
C ILE B 166 -2.11 6.51 -32.74
N ALA B 167 -1.26 5.93 -33.59
CA ALA B 167 -0.52 4.72 -33.24
C ALA B 167 0.51 5.08 -32.18
N VAL B 168 0.36 4.49 -31.01
CA VAL B 168 1.25 4.76 -29.87
C VAL B 168 2.24 3.61 -29.75
N VAL B 169 3.53 3.95 -29.65
CA VAL B 169 4.59 2.97 -29.42
C VAL B 169 5.14 3.20 -28.02
N LEU B 170 4.96 2.22 -27.14
CA LEU B 170 5.48 2.28 -25.79
C LEU B 170 6.88 1.69 -25.77
N VAL B 171 7.87 2.52 -25.54
CA VAL B 171 9.28 2.12 -25.55
C VAL B 171 9.78 2.09 -24.11
N GLY B 172 10.56 1.06 -23.80
CA GLY B 172 11.13 0.93 -22.48
C GLY B 172 11.82 -0.41 -22.33
N THR B 173 12.42 -0.60 -21.16
CA THR B 173 13.08 -1.85 -20.85
C THR B 173 12.03 -2.96 -20.65
N ASP B 174 12.53 -4.18 -20.38
CA ASP B 174 11.62 -5.29 -20.14
C ASP B 174 10.73 -5.08 -18.93
N ARG B 175 11.12 -4.17 -18.03
CA ARG B 175 10.26 -3.84 -16.89
C ARG B 175 8.97 -3.18 -17.35
N LEU B 176 8.96 -2.54 -18.52
CA LEU B 176 7.74 -1.98 -19.06
C LEU B 176 6.71 -3.08 -19.34
N ASP B 177 7.16 -4.23 -19.82
CA ASP B 177 6.24 -5.34 -20.05
C ASP B 177 5.59 -5.81 -18.75
N ALA B 178 6.38 -5.87 -17.68
CA ALA B 178 5.82 -6.22 -16.37
C ALA B 178 4.85 -5.15 -15.89
N VAL B 179 5.17 -3.89 -16.13
CA VAL B 179 4.30 -2.79 -15.70
C VAL B 179 2.95 -2.87 -16.41
N ILE B 180 2.97 -3.14 -17.72
CA ILE B 180 1.71 -3.20 -18.46
C ILE B 180 0.99 -4.52 -18.23
N LYS B 181 1.71 -5.57 -17.83
CA LYS B 181 1.08 -6.88 -17.67
C LYS B 181 0.06 -6.86 -16.53
N ARG B 182 0.38 -6.21 -15.41
CA ARG B 182 -0.56 -6.15 -14.30
C ARG B 182 -1.82 -5.39 -14.65
N ASP B 183 -1.79 -4.55 -15.68
CA ASP B 183 -2.98 -3.89 -16.16
C ASP B 183 -3.72 -4.79 -17.16
N GLU B 184 -4.97 -4.44 -17.44
CA GLU B 184 -5.84 -5.28 -18.27
C GLU B 184 -5.91 -4.82 -19.72
N GLN B 185 -6.35 -3.59 -19.96
CA GLN B 185 -6.57 -3.10 -21.32
C GLN B 185 -5.27 -2.76 -22.05
N VAL B 186 -4.29 -2.17 -21.37
CA VAL B 186 -3.09 -1.71 -22.04
C VAL B 186 -2.29 -2.89 -22.57
N LEU B 187 -2.40 -4.05 -21.91
CA LEU B 187 -1.68 -5.23 -22.37
C LEU B 187 -2.29 -5.78 -23.66
N GLU B 188 -3.63 -5.86 -23.71
CA GLU B 188 -4.27 -6.39 -24.91
C GLU B 188 -4.15 -5.43 -26.08
N ARG B 189 -4.41 -4.14 -25.84
CA ARG B 189 -4.37 -3.16 -26.92
C ARG B 189 -2.96 -3.01 -27.50
N PHE B 190 -1.95 -2.98 -26.63
CA PHE B 190 -0.56 -2.87 -27.05
C PHE B 190 0.07 -4.27 -26.90
N ARG B 191 -0.01 -5.05 -27.97
CA ARG B 191 0.54 -6.40 -27.97
C ARG B 191 1.63 -6.63 -29.02
N ALA B 192 1.56 -5.97 -30.16
CA ALA B 192 2.63 -6.09 -31.15
C ALA B 192 3.92 -5.53 -30.58
N HIS B 193 5.03 -6.25 -30.78
CA HIS B 193 6.29 -5.85 -30.18
C HIS B 193 7.41 -6.11 -31.17
N LEU B 194 8.56 -5.50 -30.88
CA LEU B 194 9.78 -5.72 -31.67
C LEU B 194 10.94 -5.75 -30.69
N ARG B 195 11.32 -6.95 -30.26
CA ARG B 195 12.43 -7.09 -29.31
C ARG B 195 13.75 -6.75 -29.98
N PHE B 196 14.56 -5.96 -29.29
CA PHE B 196 15.87 -5.59 -29.82
C PHE B 196 16.85 -6.73 -29.62
N GLY B 197 17.61 -7.04 -30.66
CA GLY B 197 18.50 -8.18 -30.62
C GLY B 197 19.80 -7.90 -29.87
N LYS B 198 20.56 -8.97 -29.65
CA LYS B 198 21.82 -8.86 -28.94
C LYS B 198 22.95 -8.46 -29.88
N LEU B 199 22.81 -8.74 -31.18
CA LEU B 199 23.69 -8.36 -32.30
C LEU B 199 24.94 -9.24 -32.37
N SER B 200 25.15 -10.17 -31.45
CA SER B 200 26.35 -10.98 -31.47
C SER B 200 26.38 -11.88 -32.71
N GLY B 201 27.57 -11.99 -33.31
CA GLY B 201 27.79 -12.76 -34.52
C GLY B 201 28.74 -12.04 -35.45
N GLU B 202 28.67 -12.41 -36.73
CA GLU B 202 29.48 -11.72 -37.73
C GLU B 202 28.98 -10.30 -37.95
N ASP B 203 27.67 -10.09 -37.78
CA ASP B 203 27.12 -8.73 -37.83
C ASP B 203 27.73 -7.87 -36.74
N PHE B 204 28.07 -8.46 -35.59
CA PHE B 204 28.76 -7.72 -34.54
C PHE B 204 30.13 -7.25 -35.02
N LYS B 205 30.87 -8.13 -35.70
CA LYS B 205 32.17 -7.74 -36.25
C LYS B 205 32.02 -6.64 -37.29
N ASN B 206 31.00 -6.74 -38.13
CA ASN B 206 30.70 -5.69 -39.09
C ASN B 206 30.43 -4.37 -38.37
N THR B 207 29.70 -4.44 -37.26
CA THR B 207 29.45 -3.26 -36.44
C THR B 207 30.74 -2.64 -35.93
N VAL B 208 31.66 -3.48 -35.43
CA VAL B 208 32.92 -2.96 -34.92
C VAL B 208 33.70 -2.26 -36.03
N GLU B 209 33.80 -2.90 -37.18
CA GLU B 209 34.58 -2.31 -38.27
C GLU B 209 33.93 -1.02 -38.77
N MET B 210 32.61 -1.02 -38.90
CA MET B 210 31.90 0.17 -39.35
C MET B 210 32.05 1.32 -38.37
N TRP B 211 31.97 1.01 -37.06
CA TRP B 211 32.24 2.00 -36.03
C TRP B 211 33.65 2.56 -36.15
N GLU B 212 34.64 1.68 -36.34
CA GLU B 212 36.02 2.13 -36.50
C GLU B 212 36.15 3.10 -37.67
N GLN B 213 35.54 2.78 -38.79
CA GLN B 213 35.61 3.67 -39.95
C GLN B 213 34.92 5.01 -39.71
N MET B 214 33.72 5.00 -39.11
CA MET B 214 32.93 6.22 -39.07
C MET B 214 33.16 7.01 -37.78
N VAL B 215 32.81 6.42 -36.65
CA VAL B 215 32.71 7.16 -35.38
C VAL B 215 34.09 7.54 -34.86
N LEU B 216 35.04 6.61 -34.90
CA LEU B 216 36.39 6.92 -34.42
C LEU B 216 37.03 8.03 -35.26
N LYS B 217 36.84 7.97 -36.57
CA LYS B 217 37.32 9.02 -37.49
C LYS B 217 38.80 9.30 -37.30
N LEU B 218 39.57 8.24 -37.11
CA LEU B 218 41.01 8.32 -36.92
C LEU B 218 41.74 7.98 -38.20
N PRO B 219 43.01 8.39 -38.31
CA PRO B 219 43.77 8.05 -39.51
C PRO B 219 43.92 6.54 -39.66
N VAL B 220 43.95 6.09 -40.92
CA VAL B 220 43.98 4.66 -41.19
C VAL B 220 45.33 4.08 -40.78
N SER B 221 45.34 3.36 -39.66
CA SER B 221 46.53 2.67 -39.18
C SER B 221 46.44 1.16 -39.33
N SER B 222 45.46 0.68 -40.11
CA SER B 222 45.32 -0.74 -40.43
C SER B 222 45.07 -1.59 -39.18
N ASN B 223 44.33 -1.06 -38.21
CA ASN B 223 43.93 -1.86 -37.06
C ASN B 223 43.05 -3.03 -37.52
N LEU B 224 42.10 -2.75 -38.40
CA LEU B 224 41.28 -3.74 -39.10
C LEU B 224 40.43 -4.61 -38.17
N LYS B 225 40.43 -4.33 -36.87
CA LYS B 225 39.70 -5.13 -35.88
C LYS B 225 40.13 -6.59 -35.95
N SER B 226 41.38 -6.83 -35.58
CA SER B 226 41.94 -8.16 -35.62
C SER B 226 41.25 -9.08 -34.62
N LYS B 227 41.58 -10.38 -34.72
CA LYS B 227 40.93 -11.40 -33.91
C LYS B 227 41.07 -11.15 -32.41
N GLU B 228 42.26 -10.71 -31.98
CA GLU B 228 42.46 -10.41 -30.57
C GLU B 228 41.58 -9.24 -30.14
N MET B 229 41.50 -8.20 -30.97
CA MET B 229 40.63 -7.07 -30.67
C MET B 229 39.16 -7.50 -30.62
N LEU B 230 38.75 -8.37 -31.55
CA LEU B 230 37.38 -8.86 -31.53
C LEU B 230 37.09 -9.64 -30.26
N ARG B 231 38.04 -10.48 -29.82
CA ARG B 231 37.85 -11.24 -28.60
C ARG B 231 37.74 -10.32 -27.39
N ILE B 232 38.60 -9.30 -27.32
CA ILE B 232 38.56 -8.36 -26.20
C ILE B 232 37.22 -7.63 -26.18
N LEU B 233 36.77 -7.16 -27.35
CA LEU B 233 35.52 -6.41 -27.39
C LEU B 233 34.31 -7.30 -27.13
N THR B 234 34.36 -8.56 -27.55
CA THR B 234 33.28 -9.49 -27.22
C THR B 234 33.23 -9.73 -25.71
N SER B 235 34.39 -9.92 -25.08
CA SER B 235 34.42 -10.12 -23.63
C SER B 235 33.97 -8.86 -22.89
N ALA B 236 34.21 -7.69 -23.47
CA ALA B 236 33.88 -6.43 -22.80
C ALA B 236 32.41 -6.05 -22.95
N THR B 237 31.93 -5.90 -24.19
CA THR B 237 30.61 -5.33 -24.42
C THR B 237 29.47 -6.28 -24.09
N GLU B 238 29.67 -7.59 -24.25
CA GLU B 238 28.63 -8.59 -24.12
C GLU B 238 27.48 -8.37 -25.11
N GLY B 239 27.76 -7.72 -26.23
CA GLY B 239 26.78 -7.49 -27.27
C GLY B 239 26.14 -6.12 -27.26
N TYR B 240 26.33 -5.34 -26.20
CA TYR B 240 25.68 -4.04 -26.08
C TYR B 240 26.31 -3.03 -27.02
N ILE B 241 25.45 -2.31 -27.76
CA ILE B 241 25.93 -1.21 -28.58
C ILE B 241 26.44 -0.07 -27.71
N GLY B 242 25.73 0.24 -26.62
CA GLY B 242 26.17 1.32 -25.75
C GLY B 242 27.51 1.04 -25.09
N ARG B 243 27.72 -0.20 -24.62
CA ARG B 243 29.02 -0.56 -24.06
C ARG B 243 30.11 -0.47 -25.12
N LEU B 244 29.81 -0.91 -26.34
CA LEU B 244 30.78 -0.79 -27.42
C LEU B 244 31.16 0.66 -27.66
N ASP B 245 30.17 1.54 -27.71
CA ASP B 245 30.42 2.96 -27.91
C ASP B 245 31.27 3.53 -26.78
N GLU B 246 30.91 3.21 -25.54
CA GLU B 246 31.64 3.76 -24.39
C GLU B 246 33.09 3.27 -24.39
N ILE B 247 33.29 1.98 -24.64
CA ILE B 247 34.65 1.43 -24.61
C ILE B 247 35.49 2.03 -25.74
N LEU B 248 34.92 2.11 -26.95
CA LEU B 248 35.66 2.68 -28.06
C LEU B 248 36.03 4.13 -27.81
N ARG B 249 35.08 4.93 -27.33
CA ARG B 249 35.36 6.33 -27.08
C ARG B 249 36.40 6.50 -25.97
N GLU B 250 36.27 5.72 -24.90
CA GLU B 250 37.23 5.81 -23.81
C GLU B 250 38.63 5.43 -24.27
N ALA B 251 38.75 4.35 -25.06
CA ALA B 251 40.05 3.95 -25.57
C ALA B 251 40.64 5.01 -26.49
N ALA B 252 39.83 5.58 -27.38
CA ALA B 252 40.33 6.60 -28.29
C ALA B 252 40.80 7.83 -27.52
N ILE B 253 40.02 8.26 -26.53
CA ILE B 253 40.38 9.46 -25.77
C ILE B 253 41.63 9.19 -24.93
N ARG B 254 41.76 7.98 -24.38
CA ARG B 254 42.93 7.65 -23.58
C ARG B 254 44.18 7.57 -24.44
N SER B 255 44.05 7.04 -25.67
CA SER B 255 45.18 7.01 -26.57
C SER B 255 45.59 8.41 -27.01
N LEU B 256 44.61 9.27 -27.29
CA LEU B 256 44.91 10.63 -27.72
C LEU B 256 45.43 11.50 -26.59
N SER B 257 45.10 11.17 -25.35
CA SER B 257 45.59 11.94 -24.21
C SER B 257 47.05 11.63 -23.90
N ARG B 258 47.48 10.39 -24.13
CA ARG B 258 48.84 9.97 -23.85
C ARG B 258 49.76 10.11 -25.06
N GLY B 259 49.29 10.73 -26.13
CA GLY B 259 50.11 10.99 -27.31
C GLY B 259 50.07 9.91 -28.36
N LEU B 260 49.45 8.76 -28.08
CA LEU B 260 49.39 7.69 -29.05
C LEU B 260 48.48 8.06 -30.20
N LYS B 261 49.01 7.95 -31.43
CA LYS B 261 48.22 8.30 -32.61
C LYS B 261 47.06 7.32 -32.81
N LYS B 262 47.32 6.03 -32.63
CA LYS B 262 46.29 5.01 -32.77
C LYS B 262 46.02 4.37 -31.41
N ILE B 263 45.14 3.37 -31.42
CA ILE B 263 44.65 2.73 -30.21
C ILE B 263 45.41 1.43 -29.99
N ASP B 264 46.10 1.32 -28.85
CA ASP B 264 46.95 0.17 -28.61
C ASP B 264 46.19 -0.94 -27.88
N LYS B 265 46.91 -2.02 -27.59
CA LYS B 265 46.30 -3.14 -26.86
C LYS B 265 46.14 -2.84 -25.38
N ALA B 266 47.09 -2.09 -24.81
CA ALA B 266 47.07 -1.80 -23.38
C ALA B 266 45.82 -1.02 -22.99
N VAL B 267 45.40 -0.08 -23.85
CA VAL B 267 44.23 0.73 -23.50
C VAL B 267 42.95 -0.10 -23.52
N LEU B 268 42.78 -1.01 -24.49
CA LEU B 268 41.62 -1.90 -24.45
C LEU B 268 41.66 -2.80 -23.23
N GLN B 269 42.84 -3.31 -22.87
CA GLN B 269 42.92 -4.13 -21.66
C GLN B 269 42.55 -3.34 -20.42
N GLU B 270 43.03 -2.10 -20.32
CA GLU B 270 42.73 -1.24 -19.18
C GLU B 270 41.23 -0.95 -19.09
N VAL B 271 40.61 -0.58 -20.21
CA VAL B 271 39.19 -0.23 -20.16
C VAL B 271 38.34 -1.48 -19.92
N ALA B 272 38.78 -2.64 -20.43
CA ALA B 272 38.03 -3.87 -20.21
C ALA B 272 38.08 -4.29 -18.75
N LYS B 273 39.26 -4.21 -18.13
CA LYS B 273 39.34 -4.60 -16.72
C LYS B 273 38.67 -3.57 -15.82
N GLU B 274 38.68 -2.31 -16.22
CA GLU B 274 37.98 -1.25 -15.49
C GLU B 274 36.46 -1.45 -15.52
N TYR B 275 35.92 -2.03 -16.58
CA TYR B 275 34.51 -2.37 -16.67
C TYR B 275 34.20 -3.66 -15.91
N LYS B 276 34.98 -4.70 -16.11
CA LYS B 276 34.73 -5.99 -15.47
C LYS B 276 35.96 -6.47 -14.70
N ASP C 17 51.83 28.59 27.98
CA ASP C 17 51.90 27.20 27.55
C ASP C 17 50.52 26.58 27.50
N ASP C 18 49.66 26.99 28.44
CA ASP C 18 48.27 26.53 28.44
C ASP C 18 47.55 26.96 27.18
N GLU C 19 47.77 28.19 26.72
CA GLU C 19 47.21 28.63 25.45
C GLU C 19 47.75 27.79 24.31
N TRP C 20 49.04 27.47 24.36
CA TRP C 20 49.63 26.59 23.35
C TRP C 20 49.01 25.20 23.41
N LEU C 21 48.76 24.69 24.62
CA LEU C 21 48.11 23.39 24.76
C LEU C 21 46.70 23.40 24.18
N GLN C 22 45.95 24.48 24.42
CA GLN C 22 44.62 24.59 23.83
C GLN C 22 44.70 24.66 22.31
N ALA C 23 45.66 25.40 21.78
CA ALA C 23 45.85 25.44 20.33
C ALA C 23 46.17 24.05 19.78
N GLU C 24 47.03 23.30 20.48
CA GLU C 24 47.39 21.97 20.01
C GLU C 24 46.19 21.03 20.03
N ILE C 25 45.40 21.06 21.10
CA ILE C 25 44.25 20.15 21.18
C ILE C 25 43.20 20.54 20.14
N ALA C 26 43.01 21.84 19.91
CA ALA C 26 42.07 22.27 18.88
C ALA C 26 42.53 21.84 17.49
N ARG C 27 43.82 21.98 17.20
CA ARG C 27 44.34 21.55 15.91
C ARG C 27 44.22 20.03 15.74
N LEU C 28 44.51 19.28 16.80
CA LEU C 28 44.41 17.82 16.73
C LEU C 28 42.97 17.37 16.55
N LYS C 29 42.02 18.09 17.15
CA LYS C 29 40.61 17.77 16.94
C LYS C 29 40.22 17.95 15.48
N GLY C 30 40.72 19.02 14.85
CA GLY C 30 40.40 19.26 13.46
C GLY C 30 41.16 18.34 12.54
N LYS C 31 40.46 17.82 11.54
CA LYS C 31 41.05 16.91 10.56
C LYS C 31 41.62 17.69 9.38
N SER C 32 42.59 17.07 8.72
CA SER C 32 43.27 17.67 7.58
C SER C 32 43.18 16.72 6.38
N ILE C 33 43.76 17.15 5.27
CA ILE C 33 43.77 16.37 4.03
C ILE C 33 45.22 16.22 3.60
N VAL C 34 45.82 15.08 3.94
CA VAL C 34 47.14 14.72 3.42
C VAL C 34 46.94 14.10 2.03
N PRO C 35 47.55 14.65 0.98
CA PRO C 35 47.38 14.08 -0.37
C PRO C 35 48.30 12.89 -0.56
N LEU C 36 47.71 11.71 -0.77
CA LEU C 36 48.47 10.49 -0.98
C LEU C 36 47.98 9.81 -2.26
N GLN C 37 48.62 8.68 -2.58
CA GLN C 37 48.43 8.07 -3.89
C GLN C 37 46.99 7.65 -4.13
N GLN C 38 46.25 7.30 -3.08
CA GLN C 38 44.86 6.92 -3.25
C GLN C 38 44.06 8.08 -3.85
N VAL C 39 44.13 9.25 -3.24
CA VAL C 39 43.41 10.41 -3.78
C VAL C 39 44.02 10.85 -5.10
N LYS C 40 45.32 10.59 -5.32
CA LYS C 40 45.92 10.95 -6.58
C LYS C 40 45.32 10.14 -7.73
N THR C 41 45.29 8.82 -7.58
CA THR C 41 44.59 7.96 -8.52
C THR C 41 43.14 8.41 -8.67
N LEU C 42 42.49 8.77 -7.55
CA LEU C 42 41.07 9.09 -7.64
C LEU C 42 40.83 10.32 -8.50
N HIS C 43 41.57 11.42 -8.27
CA HIS C 43 41.20 12.61 -9.06
C HIS C 43 41.78 12.54 -10.45
N ASP C 44 42.82 11.72 -10.66
CA ASP C 44 43.23 11.44 -12.04
C ASP C 44 42.12 10.74 -12.80
N TRP C 45 41.52 9.72 -12.19
CA TRP C 45 40.40 9.02 -12.81
C TRP C 45 39.21 9.96 -12.99
N LEU C 46 38.98 10.83 -12.01
CA LEU C 46 37.86 11.76 -12.09
C LEU C 46 38.07 12.77 -13.22
N ASP C 47 39.29 13.27 -13.40
CA ASP C 47 39.58 14.16 -14.52
C ASP C 47 39.40 13.42 -15.85
N GLY C 48 39.84 12.17 -15.92
CA GLY C 48 39.63 11.38 -17.12
C GLY C 48 38.16 11.22 -17.46
N LYS C 49 37.33 10.95 -16.44
CA LYS C 49 35.90 10.80 -16.69
C LYS C 49 35.24 12.13 -16.99
N ARG C 50 35.77 13.22 -16.45
CA ARG C 50 35.22 14.55 -16.68
C ARG C 50 35.49 15.03 -18.09
N LYS C 51 36.69 14.75 -18.64
CA LYS C 51 37.01 15.23 -19.97
C LYS C 51 36.15 14.55 -21.04
N ALA C 52 35.52 13.44 -20.72
CA ALA C 52 34.69 12.71 -21.67
C ALA C 52 33.23 12.66 -21.27
N ARG C 53 32.85 13.30 -20.16
CA ARG C 53 31.50 13.26 -19.63
C ARG C 53 31.03 11.81 -19.43
N LYS C 54 31.94 11.00 -18.92
CA LYS C 54 31.68 9.57 -18.68
C LYS C 54 31.20 9.39 -17.25
N SER C 55 29.96 8.91 -17.10
CA SER C 55 29.36 8.71 -15.79
C SER C 55 29.78 7.36 -15.23
N CYS C 56 30.49 7.38 -14.12
CA CYS C 56 31.03 6.18 -13.47
C CYS C 56 30.50 6.09 -12.04
N ARG C 57 31.06 5.15 -11.29
CA ARG C 57 30.70 4.98 -9.89
C ARG C 57 31.91 4.50 -9.12
N VAL C 58 32.48 5.36 -8.28
CA VAL C 58 33.62 5.00 -7.46
C VAL C 58 33.06 4.30 -6.22
N VAL C 59 33.60 3.11 -5.92
CA VAL C 59 33.11 2.30 -4.82
C VAL C 59 34.28 1.98 -3.89
N GLY C 60 33.98 1.55 -2.67
CA GLY C 60 35.04 1.19 -1.75
C GLY C 60 34.46 0.78 -0.41
N GLU C 61 35.37 0.49 0.53
CA GLU C 61 34.99 0.08 1.86
C GLU C 61 34.48 1.27 2.66
N SER C 62 34.14 1.02 3.92
CA SER C 62 33.73 2.06 4.85
C SER C 62 34.93 2.52 5.66
N ARG C 63 34.93 3.82 6.00
CA ARG C 63 36.01 4.44 6.78
C ARG C 63 37.37 4.25 6.10
N THR C 64 37.37 4.36 4.76
CA THR C 64 38.58 4.18 3.98
C THR C 64 39.10 5.45 3.32
N GLY C 65 38.29 6.48 3.16
CA GLY C 65 38.75 7.76 2.67
C GLY C 65 38.31 8.16 1.28
N LYS C 66 37.10 7.81 0.87
CA LYS C 66 36.58 8.23 -0.43
C LYS C 66 35.96 9.63 -0.38
N THR C 67 35.26 9.94 0.72
CA THR C 67 34.61 11.24 0.84
C THR C 67 35.63 12.37 0.83
N VAL C 68 36.74 12.20 1.55
CA VAL C 68 37.77 13.24 1.60
C VAL C 68 38.39 13.45 0.22
N ALA C 69 38.64 12.37 -0.50
CA ALA C 69 39.24 12.50 -1.83
C ALA C 69 38.29 13.18 -2.81
N CYS C 70 37.00 12.81 -2.78
CA CYS C 70 36.03 13.51 -3.61
C CYS C 70 35.92 14.98 -3.21
N ASP C 71 36.02 15.27 -1.91
CA ASP C 71 36.02 16.65 -1.45
C ASP C 71 37.21 17.42 -2.01
N ALA C 72 38.39 16.79 -2.01
CA ALA C 72 39.57 17.45 -2.55
C ALA C 72 39.40 17.71 -4.05
N TYR C 73 38.87 16.74 -4.79
CA TYR C 73 38.58 16.98 -6.20
C TYR C 73 37.55 18.09 -6.37
N ARG C 74 36.68 18.28 -5.38
CA ARG C 74 35.74 19.39 -5.45
C ARG C 74 36.42 20.73 -5.23
N TYR C 75 37.28 20.84 -4.20
CA TYR C 75 37.87 22.15 -3.93
C TYR C 75 38.94 22.54 -4.94
N ARG C 76 39.61 21.57 -5.56
CA ARG C 76 40.69 21.95 -6.48
C ARG C 76 40.17 22.80 -7.62
N HIS C 77 39.02 22.43 -8.18
CA HIS C 77 38.32 23.28 -9.15
C HIS C 77 37.35 24.22 -8.44
N LYS C 78 37.93 25.14 -7.66
CA LYS C 78 37.11 26.17 -7.03
C LYS C 78 36.50 27.04 -8.12
N PRO C 79 35.18 27.17 -8.17
CA PRO C 79 34.55 27.91 -9.28
C PRO C 79 35.06 29.34 -9.36
N GLN C 80 35.44 29.75 -10.56
CA GLN C 80 35.84 31.13 -10.85
C GLN C 80 34.65 31.83 -11.49
N GLN C 81 34.17 32.88 -10.83
CA GLN C 81 32.96 33.57 -11.28
C GLN C 81 33.31 34.79 -12.12
N GLU C 82 32.51 35.01 -13.16
CA GLU C 82 32.66 36.21 -13.96
C GLU C 82 32.08 37.40 -13.19
N ALA C 83 32.37 38.61 -13.68
CA ALA C 83 31.95 39.83 -13.03
C ALA C 83 30.44 39.90 -12.89
N GLY C 84 29.71 39.54 -13.94
CA GLY C 84 28.27 39.68 -13.95
C GLY C 84 27.47 38.48 -14.43
N ARG C 85 28.08 37.32 -14.51
CA ARG C 85 27.40 36.11 -14.96
C ARG C 85 27.45 35.04 -13.88
N PRO C 86 26.56 34.01 -13.96
CA PRO C 86 26.65 33.03 -12.86
C PRO C 86 28.03 32.40 -12.72
N PRO C 87 28.43 32.09 -11.48
CA PRO C 87 29.72 31.40 -11.34
C PRO C 87 29.67 30.06 -12.05
N THR C 88 30.74 29.72 -12.75
CA THR C 88 30.74 28.47 -13.47
C THR C 88 31.30 27.41 -12.54
N VAL C 89 30.47 26.44 -12.18
CA VAL C 89 30.91 25.41 -11.25
C VAL C 89 31.17 24.11 -12.03
N PRO C 90 32.46 23.69 -12.17
CA PRO C 90 32.64 22.49 -13.02
C PRO C 90 32.26 21.21 -12.31
N VAL C 91 32.53 21.11 -11.02
CA VAL C 91 32.30 19.89 -10.25
C VAL C 91 31.24 20.17 -9.21
N VAL C 92 30.19 19.35 -9.19
CA VAL C 92 29.15 19.42 -8.19
C VAL C 92 29.28 18.19 -7.28
N TYR C 93 29.35 18.43 -5.98
CA TYR C 93 29.47 17.38 -4.98
C TYR C 93 28.23 17.41 -4.10
N ILE C 94 27.56 16.27 -3.99
CA ILE C 94 26.38 16.18 -3.12
C ILE C 94 26.48 14.91 -2.28
N ARG C 95 25.93 14.98 -1.07
CA ARG C 95 25.79 13.83 -0.19
C ARG C 95 24.35 13.81 0.31
N PRO C 96 23.42 13.29 -0.49
CA PRO C 96 22.00 13.28 -0.09
C PRO C 96 21.77 12.50 1.19
N HIS C 97 20.78 12.93 1.97
CA HIS C 97 20.50 12.29 3.25
C HIS C 97 19.76 10.97 3.05
N GLN C 98 19.45 10.31 4.17
CA GLN C 98 18.80 9.01 4.12
C GLN C 98 17.40 9.14 3.51
N LYS C 99 17.10 8.24 2.58
CA LYS C 99 15.81 8.20 1.87
C LYS C 99 15.52 9.54 1.19
N CYS C 100 16.55 10.05 0.50
CA CYS C 100 16.44 11.33 -0.20
C CYS C 100 15.52 11.19 -1.39
N GLY C 101 14.40 11.93 -1.37
CA GLY C 101 13.49 11.94 -2.49
C GLY C 101 13.98 12.82 -3.62
N PRO C 102 13.22 12.83 -4.72
CA PRO C 102 13.63 13.63 -5.87
C PRO C 102 13.60 15.13 -5.60
N LYS C 103 12.56 15.59 -4.88
CA LYS C 103 12.48 16.99 -4.51
C LYS C 103 13.66 17.40 -3.63
N ASP C 104 14.02 16.55 -2.66
CA ASP C 104 15.15 16.85 -1.79
C ASP C 104 16.45 16.91 -2.58
N LEU C 105 16.65 15.97 -3.50
CA LEU C 105 17.86 15.96 -4.31
C LEU C 105 17.96 17.22 -5.17
N PHE C 106 16.85 17.59 -5.83
CA PHE C 106 16.86 18.79 -6.66
C PHE C 106 17.13 20.03 -5.82
N LYS C 107 16.53 20.10 -4.63
CA LYS C 107 16.80 21.17 -3.70
C LYS C 107 18.29 21.27 -3.41
N LYS C 108 18.93 20.12 -3.15
CA LYS C 108 20.36 20.12 -2.85
C LYS C 108 21.18 20.59 -4.05
N ILE C 109 20.83 20.12 -5.26
CA ILE C 109 21.57 20.54 -6.45
C ILE C 109 21.51 22.04 -6.62
N THR C 110 20.30 22.61 -6.56
CA THR C 110 20.19 24.04 -6.78
C THR C 110 20.67 24.86 -5.59
N GLU C 111 20.78 24.24 -4.41
CA GLU C 111 21.31 24.94 -3.25
C GLU C 111 22.82 25.03 -3.29
N TYR C 112 23.48 23.98 -3.78
CA TYR C 112 24.94 24.05 -3.85
C TYR C 112 25.38 25.14 -4.81
N LEU C 113 24.67 25.28 -5.93
CA LEU C 113 24.94 26.33 -6.90
C LEU C 113 24.55 27.72 -6.40
N LYS C 114 24.07 27.81 -5.16
CA LYS C 114 23.69 29.07 -4.52
C LYS C 114 22.48 29.72 -5.23
N TYR C 115 21.49 28.89 -5.52
CA TYR C 115 20.19 29.35 -6.01
C TYR C 115 19.13 28.88 -5.03
N ARG C 116 18.69 29.77 -4.15
CA ARG C 116 17.69 29.38 -3.17
C ARG C 116 16.39 28.98 -3.85
N VAL C 117 15.75 27.97 -3.28
CA VAL C 117 14.59 27.34 -3.92
C VAL C 117 13.37 28.22 -3.75
N THR C 118 12.37 28.00 -4.60
CA THR C 118 11.06 28.62 -4.46
C THR C 118 10.02 27.52 -4.28
N LYS C 119 9.06 27.75 -3.38
CA LYS C 119 8.03 26.77 -3.09
C LYS C 119 7.27 26.40 -4.35
N GLY C 120 7.05 25.10 -4.54
CA GLY C 120 6.35 24.63 -5.71
C GLY C 120 6.33 23.12 -5.75
N THR C 121 5.84 22.59 -6.86
CA THR C 121 5.74 21.16 -7.06
C THR C 121 7.10 20.56 -7.41
N VAL C 122 7.13 19.24 -7.52
CA VAL C 122 8.37 18.55 -7.89
C VAL C 122 8.79 18.94 -9.30
N SER C 123 7.81 19.15 -10.19
CA SER C 123 8.12 19.59 -11.55
C SER C 123 8.79 20.95 -11.55
N ASP C 124 8.33 21.87 -10.70
CA ASP C 124 8.95 23.18 -10.61
C ASP C 124 10.40 23.07 -10.15
N PHE C 125 10.65 22.25 -9.13
CA PHE C 125 12.02 22.06 -8.66
C PHE C 125 12.88 21.44 -9.75
N ARG C 126 12.34 20.46 -10.48
CA ARG C 126 13.09 19.84 -11.57
C ARG C 126 13.45 20.86 -12.64
N ASP C 127 12.49 21.70 -13.03
CA ASP C 127 12.74 22.69 -14.07
C ASP C 127 13.77 23.71 -13.61
N ARG C 128 13.66 24.20 -12.38
CA ARG C 128 14.62 25.17 -11.87
C ARG C 128 16.01 24.54 -11.77
N THR C 129 16.10 23.30 -11.30
CA THR C 129 17.40 22.63 -11.20
C THR C 129 18.02 22.44 -12.57
N ILE C 130 17.23 22.04 -13.57
CA ILE C 130 17.76 21.89 -14.92
C ILE C 130 18.25 23.22 -15.44
N GLU C 131 17.47 24.28 -15.24
CA GLU C 131 17.87 25.60 -15.70
C GLU C 131 19.19 26.04 -15.09
N VAL C 132 19.30 25.96 -13.76
CA VAL C 132 20.53 26.38 -13.11
C VAL C 132 21.68 25.43 -13.40
N LEU C 133 21.40 24.18 -13.75
CA LEU C 133 22.45 23.22 -14.05
C LEU C 133 23.06 23.48 -15.41
N LYS C 134 22.24 23.83 -16.41
CA LYS C 134 22.82 24.26 -17.68
C LYS C 134 23.40 25.67 -17.60
N GLY C 135 22.87 26.51 -16.71
CA GLY C 135 23.36 27.88 -16.64
C GLY C 135 24.79 27.97 -16.15
N CYS C 136 25.15 27.18 -15.14
CA CYS C 136 26.48 27.25 -14.56
C CYS C 136 27.50 26.38 -15.30
N GLY C 137 27.09 25.67 -16.35
CA GLY C 137 28.05 24.88 -17.12
C GLY C 137 28.71 23.79 -16.31
N VAL C 138 27.92 23.02 -15.56
CA VAL C 138 28.48 22.00 -14.69
C VAL C 138 29.00 20.82 -15.50
N GLU C 139 30.14 20.28 -15.07
CA GLU C 139 30.76 19.14 -15.73
C GLU C 139 30.63 17.85 -14.95
N MET C 140 30.56 17.90 -13.63
CA MET C 140 30.56 16.71 -12.78
C MET C 140 29.40 16.76 -11.80
N LEU C 141 28.81 15.60 -11.52
CA LEU C 141 27.77 15.45 -10.50
C LEU C 141 28.21 14.32 -9.57
N ILE C 142 28.87 14.69 -8.47
CA ILE C 142 29.44 13.72 -7.54
C ILE C 142 28.42 13.46 -6.44
N ILE C 143 27.76 12.30 -6.48
CA ILE C 143 26.75 11.95 -5.49
C ILE C 143 27.39 11.00 -4.49
N ASP C 144 27.95 11.55 -3.42
CA ASP C 144 28.47 10.72 -2.35
C ASP C 144 27.32 10.13 -1.54
N GLU C 145 27.59 8.99 -0.90
CA GLU C 145 26.59 8.24 -0.16
C GLU C 145 25.37 7.94 -1.05
N ALA C 146 25.67 7.52 -2.29
CA ALA C 146 24.66 7.26 -3.30
C ALA C 146 23.85 6.00 -3.02
N ASP C 147 24.01 5.40 -1.84
CA ASP C 147 23.18 4.29 -1.40
C ASP C 147 22.01 4.76 -0.54
N ARG C 148 21.82 6.07 -0.39
CA ARG C 148 20.77 6.60 0.47
C ARG C 148 19.51 6.93 -0.31
N LEU C 149 19.67 7.49 -1.51
CA LEU C 149 18.53 8.02 -2.25
C LEU C 149 17.62 6.91 -2.76
N LYS C 150 16.34 7.25 -2.87
CA LYS C 150 15.32 6.29 -3.29
C LYS C 150 15.50 5.91 -4.75
N PRO C 151 14.98 4.76 -5.17
CA PRO C 151 15.14 4.36 -6.58
C PRO C 151 14.24 5.09 -7.54
N GLU C 152 13.23 5.81 -7.03
CA GLU C 152 12.45 6.72 -7.86
C GLU C 152 13.23 7.97 -8.24
N THR C 153 14.40 8.19 -7.63
CA THR C 153 15.29 9.30 -7.95
C THR C 153 16.41 8.90 -8.89
N PHE C 154 16.72 7.60 -8.99
CA PHE C 154 17.72 7.15 -9.94
C PHE C 154 17.27 7.40 -11.37
N ALA C 155 15.96 7.36 -11.63
CA ALA C 155 15.45 7.75 -12.94
C ALA C 155 15.76 9.22 -13.23
N ASP C 156 15.59 10.08 -12.22
CA ASP C 156 15.92 11.49 -12.40
C ASP C 156 17.40 11.71 -12.65
N VAL C 157 18.27 11.05 -11.90
CA VAL C 157 19.70 11.22 -12.14
C VAL C 157 20.08 10.62 -13.51
N ARG C 158 19.42 9.54 -13.92
CA ARG C 158 19.63 9.00 -15.25
C ARG C 158 19.26 10.01 -16.32
N ASP C 159 18.12 10.68 -16.15
CA ASP C 159 17.70 11.69 -17.11
C ASP C 159 18.67 12.85 -17.15
N ILE C 160 19.18 13.25 -15.98
CA ILE C 160 20.18 14.32 -15.93
C ILE C 160 21.40 13.93 -16.75
N ALA C 161 21.94 12.73 -16.49
CA ALA C 161 23.14 12.29 -17.20
C ALA C 161 22.85 12.06 -18.68
N GLU C 162 21.60 11.76 -19.03
CA GLU C 162 21.26 11.46 -20.41
C GLU C 162 21.13 12.73 -21.25
N ASP C 163 20.36 13.69 -20.75
CA ASP C 163 20.04 14.89 -21.51
C ASP C 163 21.04 16.03 -21.30
N LEU C 164 21.44 16.29 -20.06
CA LEU C 164 22.33 17.41 -19.79
C LEU C 164 23.79 17.06 -20.01
N GLY C 165 24.11 15.80 -20.25
CA GLY C 165 25.47 15.39 -20.55
C GLY C 165 26.45 15.66 -19.44
N ILE C 166 26.08 15.32 -18.21
CA ILE C 166 26.92 15.54 -17.04
C ILE C 166 27.35 14.20 -16.49
N ALA C 167 28.66 14.00 -16.38
CA ALA C 167 29.22 12.75 -15.86
C ALA C 167 28.91 12.65 -14.38
N VAL C 168 28.13 11.64 -14.01
CA VAL C 168 27.71 11.45 -12.63
C VAL C 168 28.57 10.35 -12.01
N VAL C 169 29.12 10.62 -10.83
CA VAL C 169 29.87 9.64 -10.07
C VAL C 169 29.07 9.30 -8.82
N LEU C 170 28.63 8.04 -8.73
CA LEU C 170 27.89 7.57 -7.57
C LEU C 170 28.89 7.02 -6.55
N VAL C 171 29.00 7.70 -5.42
CA VAL C 171 29.95 7.32 -4.37
C VAL C 171 29.19 6.73 -3.21
N GLY C 172 29.73 5.67 -2.64
CA GLY C 172 29.11 5.02 -1.50
C GLY C 172 29.83 3.73 -1.17
N THR C 173 29.36 3.09 -0.10
CA THR C 173 29.92 1.82 0.32
C THR C 173 29.51 0.73 -0.67
N ASP C 174 29.99 -0.49 -0.42
CA ASP C 174 29.65 -1.61 -1.28
C ASP C 174 28.16 -1.90 -1.31
N ARG C 175 27.41 -1.42 -0.31
CA ARG C 175 25.96 -1.57 -0.33
C ARG C 175 25.34 -0.79 -1.49
N LEU C 176 26.01 0.26 -1.96
CA LEU C 176 25.53 0.99 -3.13
C LEU C 176 25.50 0.10 -4.36
N ASP C 177 26.49 -0.78 -4.51
CA ASP C 177 26.50 -1.71 -5.64
C ASP C 177 25.30 -2.65 -5.57
N ALA C 178 24.97 -3.13 -4.38
CA ALA C 178 23.78 -3.97 -4.23
C ALA C 178 22.51 -3.18 -4.52
N VAL C 179 22.47 -1.92 -4.09
CA VAL C 179 21.29 -1.09 -4.33
C VAL C 179 21.07 -0.88 -5.83
N ILE C 180 22.14 -0.60 -6.57
CA ILE C 180 21.99 -0.37 -8.00
C ILE C 180 21.83 -1.68 -8.77
N LYS C 181 22.29 -2.80 -8.21
CA LYS C 181 22.22 -4.06 -8.93
C LYS C 181 20.78 -4.50 -9.17
N ARG C 182 19.91 -4.34 -8.16
CA ARG C 182 18.52 -4.73 -8.31
C ARG C 182 17.80 -3.90 -9.36
N ASP C 183 18.32 -2.72 -9.69
CA ASP C 183 17.78 -1.92 -10.78
C ASP C 183 18.39 -2.37 -12.10
N GLU C 184 17.77 -1.93 -13.20
CA GLU C 184 18.17 -2.37 -14.53
C GLU C 184 19.06 -1.38 -15.26
N GLN C 185 18.59 -0.15 -15.47
CA GLN C 185 19.33 0.84 -16.25
C GLN C 185 20.51 1.43 -15.51
N VAL C 186 20.37 1.72 -14.21
CA VAL C 186 21.43 2.40 -13.48
C VAL C 186 22.67 1.53 -13.38
N LEU C 187 22.48 0.21 -13.39
CA LEU C 187 23.63 -0.70 -13.30
C LEU C 187 24.42 -0.69 -14.61
N GLU C 188 23.72 -0.74 -15.75
CA GLU C 188 24.40 -0.76 -17.04
C GLU C 188 25.05 0.60 -17.34
N ARG C 189 24.29 1.68 -17.12
CA ARG C 189 24.81 3.01 -17.44
C ARG C 189 26.01 3.36 -16.57
N PHE C 190 25.94 3.06 -15.28
CA PHE C 190 27.02 3.32 -14.34
C PHE C 190 27.72 2.00 -14.06
N ARG C 191 28.73 1.69 -14.88
CA ARG C 191 29.48 0.45 -14.73
C ARG C 191 30.97 0.65 -14.46
N ALA C 192 31.58 1.72 -14.97
CA ALA C 192 32.96 2.00 -14.64
C ALA C 192 33.11 2.29 -13.16
N HIS C 193 34.12 1.70 -12.53
CA HIS C 193 34.28 1.82 -11.09
C HIS C 193 35.76 1.98 -10.75
N LEU C 194 36.01 2.44 -9.53
CA LEU C 194 37.37 2.56 -9.00
C LEU C 194 37.31 2.14 -7.53
N ARG C 195 37.60 0.87 -7.27
CA ARG C 195 37.57 0.37 -5.90
C ARG C 195 38.73 0.94 -5.10
N PHE C 196 38.43 1.41 -3.89
CA PHE C 196 39.46 1.94 -3.01
C PHE C 196 40.24 0.82 -2.36
N GLY C 197 41.57 0.95 -2.36
CA GLY C 197 42.41 -0.11 -1.87
C GLY C 197 42.51 -0.15 -0.36
N LYS C 198 43.13 -1.22 0.13
CA LYS C 198 43.30 -1.40 1.57
C LYS C 198 44.53 -0.65 2.09
N LEU C 199 45.50 -0.40 1.22
CA LEU C 199 46.72 0.39 1.42
C LEU C 199 47.78 -0.39 2.21
N SER C 200 47.51 -1.60 2.66
CA SER C 200 48.49 -2.35 3.44
C SER C 200 49.73 -2.68 2.61
N GLY C 201 50.90 -2.54 3.23
CA GLY C 201 52.17 -2.78 2.60
C GLY C 201 53.19 -1.75 3.04
N GLU C 202 54.24 -1.58 2.23
CA GLU C 202 55.23 -0.54 2.51
C GLU C 202 54.64 0.85 2.31
N ASP C 203 53.69 0.97 1.37
CA ASP C 203 52.98 2.23 1.21
C ASP C 203 52.22 2.60 2.48
N PHE C 204 51.75 1.60 3.23
CA PHE C 204 51.12 1.87 4.52
C PHE C 204 52.12 2.49 5.49
N LYS C 205 53.35 1.96 5.54
CA LYS C 205 54.39 2.53 6.39
C LYS C 205 54.71 3.95 5.98
N ASN C 206 54.79 4.18 4.66
CA ASN C 206 55.00 5.54 4.16
C ASN C 206 53.88 6.46 4.61
N THR C 207 52.64 5.95 4.59
CA THR C 207 51.51 6.72 5.09
C THR C 207 51.66 7.08 6.56
N VAL C 208 52.09 6.12 7.38
CA VAL C 208 52.26 6.40 8.82
C VAL C 208 53.32 7.48 9.01
N GLU C 209 54.46 7.34 8.34
CA GLU C 209 55.53 8.32 8.53
C GLU C 209 55.11 9.70 8.03
N MET C 210 54.45 9.76 6.88
CA MET C 210 53.99 11.02 6.32
C MET C 210 52.96 11.69 7.23
N TRP C 211 52.05 10.89 7.79
CA TRP C 211 51.11 11.39 8.78
C TRP C 211 51.83 11.95 10.00
N GLU C 212 52.82 11.22 10.52
CA GLU C 212 53.60 11.70 11.66
C GLU C 212 54.23 13.05 11.37
N GLN C 213 54.84 13.20 10.18
CA GLN C 213 55.45 14.47 9.84
C GLN C 213 54.44 15.61 9.70
N MET C 214 53.31 15.36 9.04
CA MET C 214 52.42 16.48 8.70
C MET C 214 51.33 16.68 9.74
N VAL C 215 50.46 15.69 9.92
CA VAL C 215 49.22 15.87 10.69
C VAL C 215 49.51 16.01 12.18
N LEU C 216 50.38 15.18 12.72
CA LEU C 216 50.70 15.27 14.15
C LEU C 216 51.34 16.62 14.48
N LYS C 217 52.24 17.09 13.63
CA LYS C 217 52.86 18.42 13.75
C LYS C 217 53.48 18.60 15.13
N LEU C 218 54.13 17.56 15.61
CA LEU C 218 54.78 17.55 16.91
C LEU C 218 56.28 17.74 16.76
N PRO C 219 56.97 18.17 17.82
CA PRO C 219 58.42 18.33 17.74
C PRO C 219 59.10 17.01 17.43
N VAL C 220 60.21 17.09 16.68
CA VAL C 220 60.89 15.88 16.24
C VAL C 220 61.55 15.20 17.43
N SER C 221 60.95 14.09 17.86
CA SER C 221 61.50 13.27 18.94
C SER C 221 62.04 11.94 18.43
N SER C 222 62.23 11.80 17.12
CA SER C 222 62.84 10.63 16.50
C SER C 222 62.04 9.35 16.77
N ASN C 223 60.71 9.46 16.81
CA ASN C 223 59.88 8.26 16.91
C ASN C 223 60.09 7.37 15.68
N LEU C 224 60.11 7.97 14.50
CA LEU C 224 60.49 7.34 13.23
C LEU C 224 59.59 6.18 12.84
N LYS C 225 58.51 5.92 13.58
CA LYS C 225 57.61 4.80 13.32
C LYS C 225 58.38 3.48 13.31
N SER C 226 58.90 3.12 14.48
CA SER C 226 59.69 1.90 14.61
C SER C 226 58.84 0.66 14.37
N LYS C 227 59.51 -0.49 14.29
CA LYS C 227 58.87 -1.75 13.95
C LYS C 227 57.75 -2.10 14.92
N GLU C 228 57.98 -1.88 16.22
CA GLU C 228 56.93 -2.15 17.21
C GLU C 228 55.72 -1.25 16.98
N MET C 229 55.97 0.03 16.71
CA MET C 229 54.87 0.95 16.42
C MET C 229 54.13 0.53 15.15
N LEU C 230 54.86 0.10 14.12
CA LEU C 230 54.21 -0.36 12.90
C LEU C 230 53.35 -1.59 13.17
N ARG C 231 53.85 -2.52 13.97
CA ARG C 231 53.06 -3.71 14.30
C ARG C 231 51.79 -3.33 15.05
N ILE C 232 51.91 -2.43 16.03
CA ILE C 232 50.73 -2.01 16.80
C ILE C 232 49.71 -1.35 15.89
N LEU C 233 50.18 -0.46 15.01
CA LEU C 233 49.24 0.25 14.14
C LEU C 233 48.63 -0.67 13.08
N THR C 234 49.39 -1.66 12.61
CA THR C 234 48.81 -2.66 11.70
C THR C 234 47.74 -3.47 12.40
N SER C 235 47.99 -3.88 13.65
CA SER C 235 46.99 -4.64 14.39
C SER C 235 45.77 -3.78 14.70
N ALA C 236 45.97 -2.48 14.85
CA ALA C 236 44.87 -1.58 15.22
C ALA C 236 44.01 -1.18 14.03
N THR C 237 44.61 -0.56 13.01
CA THR C 237 43.83 0.07 11.94
C THR C 237 43.23 -0.94 10.98
N GLU C 238 43.90 -2.07 10.76
CA GLU C 238 43.53 -3.06 9.75
C GLU C 238 43.53 -2.46 8.34
N GLY C 239 44.32 -1.41 8.12
CA GLY C 239 44.47 -0.80 6.82
C GLY C 239 43.63 0.46 6.61
N TYR C 240 42.70 0.74 7.51
CA TYR C 240 41.82 1.89 7.33
C TYR C 240 42.55 3.20 7.58
N ILE C 241 42.39 4.15 6.66
CA ILE C 241 42.92 5.50 6.86
C ILE C 241 42.19 6.19 8.00
N GLY C 242 40.87 6.04 8.07
CA GLY C 242 40.12 6.68 9.13
C GLY C 242 40.48 6.17 10.51
N ARG C 243 40.65 4.85 10.65
CA ARG C 243 41.10 4.30 11.92
C ARG C 243 42.49 4.80 12.27
N LEU C 244 43.39 4.88 11.29
CA LEU C 244 44.72 5.42 11.54
C LEU C 244 44.65 6.85 12.05
N ASP C 245 43.82 7.68 11.40
CA ASP C 245 43.66 9.06 11.83
C ASP C 245 43.13 9.14 13.25
N GLU C 246 42.09 8.35 13.54
CA GLU C 246 41.47 8.40 14.86
C GLU C 246 42.46 7.95 15.94
N ILE C 247 43.18 6.87 15.70
CA ILE C 247 44.12 6.36 16.68
C ILE C 247 45.26 7.34 16.91
N LEU C 248 45.81 7.90 15.82
CA LEU C 248 46.89 8.86 15.96
C LEU C 248 46.45 10.10 16.73
N ARG C 249 45.27 10.64 16.38
CA ARG C 249 44.79 11.84 17.07
C ARG C 249 44.50 11.55 18.54
N GLU C 250 43.89 10.40 18.83
CA GLU C 250 43.59 10.05 20.22
C GLU C 250 44.87 9.89 21.03
N ALA C 251 45.88 9.22 20.46
CA ALA C 251 47.15 9.04 21.16
C ALA C 251 47.83 10.38 21.40
N ALA C 252 47.84 11.26 20.38
CA ALA C 252 48.48 12.56 20.55
C ALA C 252 47.78 13.38 21.62
N ILE C 253 46.45 13.40 21.60
CA ILE C 253 45.70 14.18 22.58
C ILE C 253 45.88 13.61 23.98
N ARG C 254 45.94 12.29 24.10
CA ARG C 254 46.12 11.67 25.41
C ARG C 254 47.51 11.94 25.96
N SER C 255 48.52 11.93 25.07
CA SER C 255 49.88 12.26 25.52
C SER C 255 49.98 13.72 25.93
N LEU C 256 49.33 14.62 25.18
CA LEU C 256 49.40 16.04 25.49
C LEU C 256 48.57 16.39 26.73
N SER C 257 47.55 15.59 27.04
CA SER C 257 46.74 15.86 28.23
C SER C 257 47.45 15.45 29.50
N ARG C 258 48.27 14.40 29.45
CA ARG C 258 48.98 13.91 30.62
C ARG C 258 50.37 14.51 30.76
N GLY C 259 50.71 15.51 29.95
CA GLY C 259 51.98 16.21 30.05
C GLY C 259 53.10 15.64 29.21
N LEU C 260 52.90 14.48 28.59
CA LEU C 260 53.94 13.86 27.79
C LEU C 260 54.16 14.67 26.51
N LYS C 261 55.41 15.06 26.27
CA LYS C 261 55.73 15.84 25.07
C LYS C 261 55.53 15.01 23.80
N LYS C 262 55.96 13.76 23.82
CA LYS C 262 55.80 12.87 22.67
C LYS C 262 54.84 11.75 23.02
N ILE C 263 54.66 10.84 22.07
CA ILE C 263 53.67 9.77 22.17
C ILE C 263 54.36 8.49 22.62
N ASP C 264 53.95 7.94 23.76
CA ASP C 264 54.64 6.78 24.32
C ASP C 264 54.00 5.48 23.84
N LYS C 265 54.54 4.36 24.33
CA LYS C 265 54.02 3.06 23.95
C LYS C 265 52.71 2.75 24.68
N ALA C 266 52.59 3.22 25.94
CA ALA C 266 51.42 2.91 26.73
C ALA C 266 50.15 3.47 26.11
N VAL C 267 50.25 4.67 25.52
CA VAL C 267 49.05 5.28 24.94
C VAL C 267 48.59 4.51 23.69
N LEU C 268 49.51 4.07 22.84
CA LEU C 268 49.11 3.24 21.71
C LEU C 268 48.50 1.93 22.19
N GLN C 269 49.09 1.32 23.21
CA GLN C 269 48.49 0.08 23.73
C GLN C 269 47.09 0.32 24.26
N GLU C 270 46.89 1.42 25.00
CA GLU C 270 45.58 1.75 25.55
C GLU C 270 44.56 1.99 24.45
N VAL C 271 44.92 2.76 23.42
CA VAL C 271 43.96 3.06 22.37
C VAL C 271 43.68 1.82 21.53
N ALA C 272 44.68 0.97 21.35
CA ALA C 272 44.49 -0.25 20.57
C ALA C 272 43.56 -1.22 21.29
N LYS C 273 43.75 -1.40 22.60
CA LYS C 273 42.86 -2.31 23.32
C LYS C 273 41.47 -1.72 23.49
N GLU C 274 41.36 -0.39 23.58
CA GLU C 274 40.08 0.29 23.63
C GLU C 274 39.28 0.11 22.34
N TYR C 275 39.96 0.00 21.19
CA TYR C 275 39.32 -0.28 19.92
C TYR C 275 38.98 -1.76 19.77
N LYS C 276 39.93 -2.65 20.07
CA LYS C 276 39.71 -4.08 19.91
C LYS C 276 40.01 -4.83 21.21
N ASP D 17 5.67 10.22 64.71
CA ASP D 17 6.48 9.13 64.22
C ASP D 17 5.91 8.58 62.91
N ASP D 18 4.57 8.61 62.81
CA ASP D 18 3.92 8.19 61.58
C ASP D 18 4.31 9.08 60.41
N GLU D 19 4.39 10.39 60.64
CA GLU D 19 4.89 11.30 59.61
C GLU D 19 6.33 10.98 59.26
N TRP D 20 7.15 10.66 60.26
CA TRP D 20 8.52 10.23 60.00
C TRP D 20 8.55 8.93 59.21
N LEU D 21 7.65 7.99 59.52
CA LEU D 21 7.59 6.74 58.77
C LEU D 21 7.21 7.00 57.30
N GLN D 22 6.26 7.91 57.07
CA GLN D 22 5.89 8.25 55.71
C GLN D 22 7.06 8.91 54.98
N ALA D 23 7.79 9.79 55.66
CA ALA D 23 8.97 10.39 55.05
C ALA D 23 10.01 9.33 54.70
N GLU D 24 10.22 8.36 55.59
CA GLU D 24 11.20 7.31 55.34
C GLU D 24 10.79 6.46 54.14
N ILE D 25 9.51 6.06 54.07
CA ILE D 25 9.08 5.21 52.97
C ILE D 25 9.13 5.98 51.65
N ALA D 26 8.78 7.27 51.67
CA ALA D 26 8.88 8.08 50.46
C ALA D 26 10.33 8.22 50.00
N ARG D 27 11.24 8.44 50.94
CA ARG D 27 12.66 8.55 50.58
C ARG D 27 13.19 7.23 50.04
N LEU D 28 12.80 6.12 50.66
CA LEU D 28 13.26 4.82 50.20
C LEU D 28 12.69 4.48 48.82
N LYS D 29 11.47 4.91 48.53
CA LYS D 29 10.92 4.71 47.20
C LYS D 29 11.75 5.45 46.15
N GLY D 30 12.15 6.68 46.47
CA GLY D 30 12.95 7.45 45.53
C GLY D 30 14.38 6.96 45.46
N LYS D 31 14.88 6.88 44.23
CA LYS D 31 16.24 6.42 43.99
C LYS D 31 17.22 7.59 44.01
N SER D 32 18.47 7.29 44.30
CA SER D 32 19.54 8.27 44.40
C SER D 32 20.69 7.87 43.47
N ILE D 33 21.72 8.70 43.45
CA ILE D 33 22.90 8.47 42.63
C ILE D 33 24.11 8.48 43.54
N VAL D 34 24.57 7.30 43.94
CA VAL D 34 25.83 7.15 44.66
C VAL D 34 26.96 7.14 43.63
N PRO D 35 27.92 8.05 43.69
CA PRO D 35 29.02 8.06 42.72
C PRO D 35 30.07 7.03 43.09
N LEU D 36 30.27 6.04 42.22
CA LEU D 36 31.24 4.99 42.44
C LEU D 36 32.14 4.87 41.22
N GLN D 37 33.11 3.95 41.30
CA GLN D 37 34.18 3.90 40.31
C GLN D 37 33.67 3.63 38.90
N GLN D 38 32.55 2.90 38.79
CA GLN D 38 31.99 2.63 37.46
C GLN D 38 31.62 3.92 36.76
N VAL D 39 30.83 4.78 37.43
CA VAL D 39 30.46 6.05 36.82
C VAL D 39 31.66 6.97 36.71
N LYS D 40 32.66 6.80 37.60
CA LYS D 40 33.85 7.63 37.51
C LYS D 40 34.62 7.34 36.23
N THR D 41 34.91 6.06 35.97
CA THR D 41 35.47 5.65 34.70
C THR D 41 34.62 6.13 33.55
N LEU D 42 33.29 6.03 33.68
CA LEU D 42 32.44 6.38 32.55
C LEU D 42 32.54 7.85 32.19
N HIS D 43 32.45 8.77 33.17
CA HIS D 43 32.46 10.16 32.74
C HIS D 43 33.87 10.64 32.45
N ASP D 44 34.88 9.98 33.00
CA ASP D 44 36.25 10.25 32.55
C ASP D 44 36.39 9.91 31.06
N TRP D 45 35.91 8.74 30.66
CA TRP D 45 35.95 8.34 29.25
C TRP D 45 35.11 9.28 28.41
N LEU D 46 33.95 9.71 28.94
CA LEU D 46 33.08 10.61 28.21
C LEU D 46 33.73 11.97 28.01
N ASP D 47 34.42 12.49 29.03
CA ASP D 47 35.15 13.75 28.88
C ASP D 47 36.27 13.60 27.86
N GLY D 48 36.97 12.46 27.90
CA GLY D 48 38.00 12.22 26.90
C GLY D 48 37.47 12.21 25.48
N LYS D 49 36.31 11.58 25.28
CA LYS D 49 35.71 11.54 23.95
C LYS D 49 35.14 12.89 23.56
N ARG D 50 34.69 13.67 24.54
CA ARG D 50 34.13 15.00 24.27
C ARG D 50 35.20 16.00 23.87
N LYS D 51 36.38 15.94 24.49
CA LYS D 51 37.43 16.90 24.15
C LYS D 51 37.95 16.71 22.74
N ALA D 52 37.69 15.56 22.12
CA ALA D 52 38.16 15.27 20.78
C ALA D 52 37.02 15.07 19.78
N ARG D 53 35.77 15.24 20.21
CA ARG D 53 34.61 14.99 19.37
C ARG D 53 34.65 13.59 18.76
N LYS D 54 35.03 12.63 19.58
CA LYS D 54 35.16 11.24 19.17
C LYS D 54 33.86 10.50 19.48
N SER D 55 33.19 10.01 18.44
CA SER D 55 31.92 9.32 18.60
C SER D 55 32.18 7.86 18.92
N CYS D 56 31.74 7.43 20.11
CA CYS D 56 31.94 6.08 20.59
C CYS D 56 30.59 5.44 20.90
N ARG D 57 30.63 4.27 21.53
CA ARG D 57 29.42 3.57 21.94
C ARG D 57 29.69 2.80 23.23
N VAL D 58 29.13 3.27 24.33
CA VAL D 58 29.29 2.60 25.62
C VAL D 58 28.25 1.48 25.65
N VAL D 59 28.71 0.26 25.98
CA VAL D 59 27.85 -0.91 25.97
C VAL D 59 27.94 -1.59 27.33
N GLY D 60 26.98 -2.45 27.64
CA GLY D 60 27.00 -3.14 28.91
C GLY D 60 25.80 -4.05 29.04
N GLU D 61 25.70 -4.69 30.20
CA GLU D 61 24.61 -5.60 30.50
C GLU D 61 23.34 -4.80 30.79
N SER D 62 22.27 -5.53 31.12
CA SER D 62 21.01 -4.93 31.53
C SER D 62 20.94 -4.83 33.05
N ARG D 63 20.29 -3.77 33.53
CA ARG D 63 20.13 -3.52 34.96
C ARG D 63 21.48 -3.43 35.66
N THR D 64 22.45 -2.81 34.99
CA THR D 64 23.80 -2.68 35.52
C THR D 64 24.19 -1.26 35.90
N GLY D 65 23.51 -0.23 35.38
CA GLY D 65 23.75 1.12 35.80
C GLY D 65 24.42 2.04 34.80
N LYS D 66 24.13 1.90 33.50
CA LYS D 66 24.67 2.79 32.50
C LYS D 66 23.84 4.06 32.35
N THR D 67 22.52 3.93 32.43
CA THR D 67 21.63 5.07 32.26
C THR D 67 21.88 6.11 33.36
N VAL D 68 22.03 5.67 34.60
CA VAL D 68 22.25 6.60 35.71
C VAL D 68 23.57 7.32 35.55
N ALA D 69 24.61 6.61 35.11
CA ALA D 69 25.92 7.25 34.92
C ALA D 69 25.89 8.27 33.79
N CYS D 70 25.24 7.92 32.67
CA CYS D 70 25.08 8.90 31.59
C CYS D 70 24.26 10.10 32.07
N ASP D 71 23.25 9.85 32.91
CA ASP D 71 22.46 10.94 33.47
C ASP D 71 23.32 11.85 34.31
N ALA D 72 24.20 11.27 35.14
CA ALA D 72 25.09 12.08 35.97
C ALA D 72 26.03 12.91 35.10
N TYR D 73 26.58 12.31 34.05
CA TYR D 73 27.41 13.08 33.12
C TYR D 73 26.60 14.18 32.45
N ARG D 74 25.29 13.98 32.32
CA ARG D 74 24.44 15.04 31.76
C ARG D 74 24.25 16.17 32.76
N TYR D 75 23.94 15.86 34.02
CA TYR D 75 23.66 16.96 34.95
C TYR D 75 24.91 17.70 35.38
N ARG D 76 26.08 17.05 35.37
CA ARG D 76 27.27 17.75 35.86
C ARG D 76 27.56 18.99 35.02
N HIS D 77 27.44 18.87 33.71
CA HIS D 77 27.49 20.04 32.82
C HIS D 77 26.10 20.64 32.63
N LYS D 78 25.56 21.17 33.72
CA LYS D 78 24.29 21.88 33.63
C LYS D 78 24.48 23.11 32.76
N PRO D 79 23.71 23.26 31.68
CA PRO D 79 23.94 24.39 30.76
C PRO D 79 23.84 25.73 31.46
N GLN D 80 24.85 26.57 31.23
CA GLN D 80 24.85 27.95 31.72
C GLN D 80 24.43 28.85 30.58
N GLN D 81 23.33 29.57 30.78
CA GLN D 81 22.75 30.38 29.72
C GLN D 81 23.19 31.83 29.84
N GLU D 82 23.45 32.45 28.70
CA GLU D 82 23.76 33.87 28.67
C GLU D 82 22.47 34.67 28.88
N ALA D 83 22.62 35.97 29.14
CA ALA D 83 21.50 36.84 29.43
C ALA D 83 20.50 36.86 28.29
N GLY D 84 20.99 36.95 27.05
CA GLY D 84 20.11 37.09 25.90
C GLY D 84 20.39 36.19 24.71
N ARG D 85 21.17 35.14 24.90
CA ARG D 85 21.50 34.22 23.83
C ARG D 85 21.06 32.81 24.19
N PRO D 86 20.93 31.89 23.17
CA PRO D 86 20.46 30.57 23.61
C PRO D 86 21.35 29.93 24.66
N PRO D 87 20.75 29.13 25.57
CA PRO D 87 21.60 28.44 26.54
C PRO D 87 22.53 27.49 25.80
N THR D 88 23.79 27.44 26.22
CA THR D 88 24.73 26.57 25.56
C THR D 88 24.69 25.23 26.26
N VAL D 89 24.24 24.20 25.54
CA VAL D 89 24.12 22.88 26.15
C VAL D 89 25.27 21.99 25.66
N PRO D 90 26.25 21.67 26.53
CA PRO D 90 27.37 20.88 25.95
C PRO D 90 27.03 19.42 25.72
N VAL D 91 26.23 18.83 26.60
CA VAL D 91 25.92 17.41 26.55
C VAL D 91 24.42 17.26 26.29
N VAL D 92 24.07 16.51 25.25
CA VAL D 92 22.69 16.18 24.94
C VAL D 92 22.48 14.71 25.24
N TYR D 93 21.47 14.42 26.05
CA TYR D 93 21.11 13.06 26.43
C TYR D 93 19.72 12.74 25.89
N ILE D 94 19.60 11.66 25.12
CA ILE D 94 18.31 11.24 24.61
C ILE D 94 18.13 9.75 24.84
N ARG D 95 16.88 9.34 25.04
CA ARG D 95 16.49 7.93 25.13
C ARG D 95 15.30 7.73 24.21
N PRO D 96 15.53 7.58 22.91
CA PRO D 96 14.40 7.42 21.96
C PRO D 96 13.55 6.21 22.26
N HIS D 97 12.26 6.30 21.97
CA HIS D 97 11.34 5.22 22.27
C HIS D 97 11.47 4.09 21.25
N GLN D 98 10.67 3.05 21.44
CA GLN D 98 10.73 1.88 20.57
C GLN D 98 10.35 2.24 19.13
N LYS D 99 11.16 1.78 18.18
CA LYS D 99 10.96 2.04 16.77
C LYS D 99 10.88 3.54 16.48
N CYS D 100 11.83 4.27 17.06
CA CYS D 100 11.89 5.72 16.91
C CYS D 100 12.30 6.07 15.48
N GLY D 101 11.41 6.75 14.76
CA GLY D 101 11.71 7.21 13.42
C GLY D 101 12.58 8.46 13.44
N PRO D 102 12.97 8.90 12.24
CA PRO D 102 13.81 10.10 12.15
C PRO D 102 13.11 11.35 12.62
N LYS D 103 11.83 11.50 12.26
CA LYS D 103 11.06 12.65 12.72
C LYS D 103 10.96 12.68 14.24
N ASP D 104 10.69 11.51 14.84
CA ASP D 104 10.60 11.43 16.30
C ASP D 104 11.93 11.79 16.96
N LEU D 105 13.03 11.28 16.41
CA LEU D 105 14.35 11.58 16.97
C LEU D 105 14.64 13.08 16.89
N PHE D 106 14.39 13.69 15.73
CA PHE D 106 14.64 15.12 15.58
C PHE D 106 13.77 15.93 16.52
N LYS D 107 12.51 15.52 16.67
CA LYS D 107 11.63 16.14 17.65
C LYS D 107 12.24 16.10 19.04
N LYS D 108 12.77 14.94 19.43
CA LYS D 108 13.37 14.82 20.75
C LYS D 108 14.61 15.71 20.89
N ILE D 109 15.45 15.76 19.86
CA ILE D 109 16.66 16.60 19.93
C ILE D 109 16.27 18.05 20.15
N THR D 110 15.35 18.56 19.33
CA THR D 110 15.00 19.96 19.45
C THR D 110 14.12 20.24 20.67
N GLU D 111 13.49 19.21 21.23
CA GLU D 111 12.69 19.39 22.43
C GLU D 111 13.57 19.48 23.68
N TYR D 112 14.66 18.70 23.71
CA TYR D 112 15.53 18.78 24.88
C TYR D 112 16.16 20.16 24.98
N LEU D 113 16.56 20.73 23.85
CA LEU D 113 17.11 22.09 23.80
C LEU D 113 16.07 23.15 24.08
N LYS D 114 14.82 22.76 24.35
CA LYS D 114 13.73 23.68 24.67
C LYS D 114 13.37 24.55 23.47
N TYR D 115 13.26 23.92 22.30
CA TYR D 115 12.74 24.55 21.09
C TYR D 115 11.54 23.74 20.64
N ARG D 116 10.33 24.21 20.96
CA ARG D 116 9.14 23.48 20.57
C ARG D 116 9.03 23.39 19.05
N VAL D 117 8.56 22.25 18.58
CA VAL D 117 8.56 21.92 17.17
C VAL D 117 7.44 22.67 16.46
N THR D 118 7.59 22.81 15.14
CA THR D 118 6.54 23.34 14.28
C THR D 118 6.14 22.26 13.28
N LYS D 119 4.83 22.13 13.04
CA LYS D 119 4.32 21.13 12.12
C LYS D 119 4.96 21.29 10.73
N GLY D 120 5.39 20.18 10.16
CA GLY D 120 6.01 20.20 8.86
C GLY D 120 6.50 18.83 8.47
N THR D 121 7.22 18.79 7.36
CA THR D 121 7.77 17.54 6.83
C THR D 121 9.01 17.12 7.62
N VAL D 122 9.53 15.95 7.28
CA VAL D 122 10.74 15.45 7.93
C VAL D 122 11.92 16.36 7.62
N SER D 123 11.95 16.91 6.40
CA SER D 123 13.02 17.84 6.04
C SER D 123 12.98 19.09 6.91
N ASP D 124 11.78 19.60 7.19
CA ASP D 124 11.65 20.77 8.05
C ASP D 124 12.17 20.48 9.45
N PHE D 125 11.82 19.32 10.01
CA PHE D 125 12.31 18.94 11.33
C PHE D 125 13.83 18.80 11.32
N ARG D 126 14.38 18.19 10.26
CA ARG D 126 15.82 18.04 10.15
C ARG D 126 16.52 19.40 10.11
N ASP D 127 15.99 20.33 9.32
CA ASP D 127 16.60 21.65 9.20
C ASP D 127 16.54 22.40 10.52
N ARG D 128 15.38 22.36 11.20
CA ARG D 128 15.26 23.04 12.48
C ARG D 128 16.18 22.43 13.52
N THR D 129 16.28 21.09 13.55
CA THR D 129 17.15 20.42 14.50
C THR D 129 18.61 20.78 14.24
N ILE D 130 19.03 20.81 12.98
CA ILE D 130 20.40 21.19 12.67
C ILE D 130 20.65 22.63 13.10
N GLU D 131 19.71 23.53 12.81
CA GLU D 131 19.87 24.92 13.20
C GLU D 131 20.04 25.07 14.71
N VAL D 132 19.12 24.49 15.48
CA VAL D 132 19.22 24.60 16.93
C VAL D 132 20.41 23.82 17.49
N LEU D 133 20.89 22.81 16.78
CA LEU D 133 22.02 22.05 17.27
C LEU D 133 23.33 22.81 17.10
N LYS D 134 23.50 23.53 15.99
CA LYS D 134 24.65 24.42 15.88
C LYS D 134 24.49 25.67 16.73
N GLY D 135 23.24 26.11 16.97
CA GLY D 135 23.03 27.33 17.72
C GLY D 135 23.47 27.22 19.17
N CYS D 136 23.16 26.10 19.81
CA CYS D 136 23.48 25.92 21.22
C CYS D 136 24.89 25.39 21.46
N GLY D 137 25.67 25.17 20.41
CA GLY D 137 27.05 24.73 20.61
C GLY D 137 27.17 23.40 21.31
N VAL D 138 26.39 22.41 20.88
CA VAL D 138 26.39 21.12 21.56
C VAL D 138 27.67 20.36 21.28
N GLU D 139 28.17 19.68 22.31
CA GLU D 139 29.39 18.88 22.21
C GLU D 139 29.13 17.38 22.20
N MET D 140 28.07 16.92 22.86
CA MET D 140 27.83 15.49 23.03
C MET D 140 26.39 15.17 22.61
N LEU D 141 26.21 13.99 22.02
CA LEU D 141 24.89 13.47 21.67
C LEU D 141 24.80 12.05 22.26
N ILE D 142 24.23 11.95 23.46
CA ILE D 142 24.18 10.69 24.20
C ILE D 142 22.84 10.03 23.88
N ILE D 143 22.85 9.00 23.05
CA ILE D 143 21.64 8.29 22.66
C ILE D 143 21.56 7.01 23.50
N ASP D 144 20.89 7.09 24.65
CA ASP D 144 20.65 5.90 25.45
C ASP D 144 19.57 5.05 24.80
N GLU D 145 19.60 3.75 25.10
CA GLU D 145 18.71 2.77 24.48
C GLU D 145 18.78 2.86 22.96
N ALA D 146 20.00 2.96 22.45
CA ALA D 146 20.26 3.12 21.03
C ALA D 146 19.97 1.87 20.21
N ASP D 147 19.38 0.85 20.83
CA ASP D 147 18.91 -0.33 20.13
C ASP D 147 17.44 -0.23 19.75
N ARG D 148 16.81 0.92 19.97
CA ARG D 148 15.38 1.06 19.70
C ARG D 148 15.14 1.69 18.33
N LEU D 149 15.96 2.68 17.95
CA LEU D 149 15.68 3.47 16.76
C LEU D 149 15.91 2.66 15.49
N LYS D 150 15.14 3.01 14.46
CA LYS D 150 15.16 2.32 13.19
C LYS D 150 16.50 2.54 12.47
N PRO D 151 16.87 1.64 11.55
CA PRO D 151 18.15 1.83 10.85
C PRO D 151 18.11 2.90 9.78
N GLU D 152 16.93 3.36 9.39
CA GLU D 152 16.82 4.53 8.52
C GLU D 152 17.15 5.82 9.26
N THR D 153 17.29 5.77 10.58
CA THR D 153 17.70 6.91 11.39
C THR D 153 19.19 6.89 11.71
N PHE D 154 19.85 5.74 11.61
CA PHE D 154 21.28 5.69 11.82
C PHE D 154 22.02 6.49 10.75
N ALA D 155 21.47 6.56 9.55
CA ALA D 155 22.05 7.44 8.53
C ALA D 155 21.98 8.90 8.97
N ASP D 156 20.85 9.30 9.57
CA ASP D 156 20.72 10.67 10.07
C ASP D 156 21.70 10.96 11.19
N VAL D 157 21.85 10.04 12.14
CA VAL D 157 22.81 10.28 13.23
C VAL D 157 24.23 10.27 12.68
N ARG D 158 24.51 9.44 11.67
CA ARG D 158 25.80 9.46 11.01
C ARG D 158 26.07 10.81 10.38
N ASP D 159 25.07 11.38 9.70
CA ASP D 159 25.23 12.68 9.07
C ASP D 159 25.46 13.76 10.12
N ILE D 160 24.75 13.67 11.25
CA ILE D 160 24.95 14.62 12.34
C ILE D 160 26.40 14.57 12.81
N ALA D 161 26.89 13.37 13.11
CA ALA D 161 28.26 13.23 13.61
C ALA D 161 29.29 13.60 12.54
N GLU D 162 28.91 13.47 11.27
CA GLU D 162 29.85 13.73 10.18
C GLU D 162 30.00 15.23 9.93
N ASP D 163 28.88 15.92 9.78
CA ASP D 163 28.88 17.33 9.41
C ASP D 163 28.95 18.29 10.60
N LEU D 164 28.15 18.04 11.64
CA LEU D 164 28.12 18.96 12.78
C LEU D 164 29.24 18.71 13.78
N GLY D 165 30.01 17.63 13.60
CA GLY D 165 31.14 17.37 14.46
C GLY D 165 30.78 17.18 15.92
N ILE D 166 29.76 16.38 16.19
CA ILE D 166 29.29 16.12 17.54
C ILE D 166 29.56 14.66 17.87
N ALA D 167 30.28 14.43 18.95
CA ALA D 167 30.61 13.08 19.39
C ALA D 167 29.34 12.41 19.89
N VAL D 168 28.93 11.33 19.22
CA VAL D 168 27.71 10.62 19.56
C VAL D 168 28.10 9.36 20.33
N VAL D 169 27.44 9.14 21.47
CA VAL D 169 27.61 7.93 22.26
C VAL D 169 26.32 7.12 22.18
N LEU D 170 26.39 5.94 21.57
CA LEU D 170 25.24 5.05 21.48
C LEU D 170 25.22 4.14 22.70
N VAL D 171 24.23 4.33 23.56
CA VAL D 171 24.11 3.56 24.79
C VAL D 171 22.98 2.57 24.64
N GLY D 172 23.20 1.36 25.14
CA GLY D 172 22.18 0.32 25.09
C GLY D 172 22.76 -0.99 25.55
N THR D 173 21.89 -2.00 25.58
CA THR D 173 22.30 -3.33 25.96
C THR D 173 23.16 -3.96 24.85
N ASP D 174 23.62 -5.18 25.10
CA ASP D 174 24.43 -5.87 24.10
C ASP D 174 23.68 -6.11 22.80
N ARG D 175 22.34 -6.05 22.83
CA ARG D 175 21.57 -6.17 21.60
C ARG D 175 21.83 -4.99 20.66
N LEU D 176 22.24 -3.85 21.21
CA LEU D 176 22.61 -2.71 20.37
C LEU D 176 23.80 -3.05 19.47
N ASP D 177 24.77 -3.81 20.01
CA ASP D 177 25.91 -4.22 19.20
C ASP D 177 25.47 -5.09 18.04
N ALA D 178 24.53 -6.01 18.28
CA ALA D 178 24.00 -6.83 17.20
C ALA D 178 23.23 -5.98 16.19
N VAL D 179 22.49 -4.98 16.67
CA VAL D 179 21.73 -4.11 15.78
C VAL D 179 22.66 -3.34 14.86
N ILE D 180 23.75 -2.80 15.41
CA ILE D 180 24.67 -2.02 14.59
C ILE D 180 25.56 -2.92 13.74
N LYS D 181 25.76 -4.17 14.15
CA LYS D 181 26.67 -5.05 13.41
C LYS D 181 26.15 -5.36 12.01
N ARG D 182 24.84 -5.60 11.89
CA ARG D 182 24.27 -5.88 10.57
C ARG D 182 24.38 -4.70 9.63
N ASP D 183 24.56 -3.49 10.15
CA ASP D 183 24.82 -2.33 9.32
C ASP D 183 26.31 -2.21 9.01
N GLU D 184 26.64 -1.38 8.03
CA GLU D 184 28.01 -1.27 7.55
C GLU D 184 28.76 -0.07 8.13
N GLN D 185 28.26 1.15 7.91
CA GLN D 185 28.96 2.35 8.33
C GLN D 185 28.90 2.60 9.83
N VAL D 186 27.75 2.35 10.47
CA VAL D 186 27.59 2.69 11.88
C VAL D 186 28.51 1.83 12.74
N LEU D 187 28.82 0.62 12.27
CA LEU D 187 29.71 -0.25 13.04
C LEU D 187 31.15 0.26 12.99
N GLU D 188 31.62 0.66 11.81
CA GLU D 188 32.99 1.15 11.69
C GLU D 188 33.16 2.50 12.37
N ARG D 189 32.22 3.43 12.12
CA ARG D 189 32.34 4.76 12.68
C ARG D 189 32.26 4.74 14.20
N PHE D 190 31.34 3.96 14.76
CA PHE D 190 31.18 3.82 16.20
C PHE D 190 31.79 2.49 16.60
N ARG D 191 33.08 2.51 16.93
CA ARG D 191 33.79 1.31 17.34
C ARG D 191 34.39 1.37 18.74
N ALA D 192 34.78 2.55 19.22
CA ALA D 192 35.26 2.67 20.58
C ALA D 192 34.13 2.35 21.55
N HIS D 193 34.43 1.56 22.58
CA HIS D 193 33.40 1.11 23.50
C HIS D 193 33.94 1.11 24.92
N LEU D 194 33.02 1.04 25.88
CA LEU D 194 33.38 0.93 27.29
C LEU D 194 32.37 -0.03 27.93
N ARG D 195 32.75 -1.31 28.01
CA ARG D 195 31.86 -2.31 28.58
C ARG D 195 31.74 -2.10 30.09
N PHE D 196 30.50 -2.15 30.59
CA PHE D 196 30.28 -1.99 32.02
C PHE D 196 30.59 -3.30 32.74
N GLY D 197 31.32 -3.19 33.85
CA GLY D 197 31.77 -4.37 34.55
C GLY D 197 30.70 -4.99 35.43
N LYS D 198 31.02 -6.18 35.93
CA LYS D 198 30.10 -6.90 36.79
C LYS D 198 30.18 -6.43 38.24
N LEU D 199 31.32 -5.87 38.64
CA LEU D 199 31.62 -5.24 39.93
C LEU D 199 31.89 -6.25 41.04
N SER D 200 31.78 -7.55 40.76
CA SER D 200 31.99 -8.55 41.80
C SER D 200 33.43 -8.54 42.30
N GLY D 201 33.59 -8.67 43.61
CA GLY D 201 34.89 -8.65 44.27
C GLY D 201 34.82 -7.89 45.56
N GLU D 202 35.98 -7.42 46.03
CA GLU D 202 36.01 -6.59 47.23
C GLU D 202 35.38 -5.23 46.96
N ASP D 203 35.50 -4.73 45.73
CA ASP D 203 34.81 -3.51 45.36
C ASP D 203 33.30 -3.66 45.49
N PHE D 204 32.78 -4.87 45.27
CA PHE D 204 31.37 -5.11 45.51
C PHE D 204 31.01 -4.94 46.98
N LYS D 205 31.86 -5.46 47.88
CA LYS D 205 31.63 -5.28 49.31
C LYS D 205 31.69 -3.81 49.69
N ASN D 206 32.64 -3.08 49.11
CA ASN D 206 32.72 -1.64 49.34
C ASN D 206 31.44 -0.96 48.87
N THR D 207 30.90 -1.41 47.74
CA THR D 207 29.63 -0.88 47.25
C THR D 207 28.50 -1.14 48.25
N VAL D 208 28.43 -2.35 48.79
CA VAL D 208 27.37 -2.65 49.77
C VAL D 208 27.47 -1.75 50.98
N GLU D 209 28.69 -1.62 51.53
CA GLU D 209 28.86 -0.80 52.72
C GLU D 209 28.55 0.67 52.44
N MET D 210 29.02 1.17 51.30
CA MET D 210 28.77 2.57 50.93
C MET D 210 27.29 2.83 50.73
N TRP D 211 26.59 1.89 50.10
CA TRP D 211 25.14 1.96 49.96
C TRP D 211 24.46 1.99 51.33
N GLU D 212 24.88 1.12 52.24
CA GLU D 212 24.32 1.09 53.59
C GLU D 212 24.48 2.45 54.27
N GLN D 213 25.66 3.04 54.17
CA GLN D 213 25.88 4.35 54.80
C GLN D 213 25.03 5.45 54.16
N MET D 214 24.96 5.48 52.82
CA MET D 214 24.35 6.66 52.18
C MET D 214 22.87 6.45 51.88
N VAL D 215 22.55 5.48 51.04
CA VAL D 215 21.21 5.34 50.48
C VAL D 215 20.19 4.89 51.53
N LEU D 216 20.56 3.90 52.35
CA LEU D 216 19.64 3.43 53.38
C LEU D 216 19.33 4.53 54.38
N LYS D 217 20.35 5.29 54.78
CA LYS D 217 20.19 6.46 55.66
C LYS D 217 19.45 6.08 56.94
N LEU D 218 19.80 4.92 57.48
CA LEU D 218 19.20 4.40 58.69
C LEU D 218 20.12 4.63 59.89
N PRO D 219 19.58 4.60 61.11
CA PRO D 219 20.43 4.77 62.29
C PRO D 219 21.48 3.66 62.37
N VAL D 220 22.65 4.02 62.90
CA VAL D 220 23.76 3.08 62.94
C VAL D 220 23.46 1.98 63.94
N SER D 221 23.14 0.79 63.43
CA SER D 221 22.91 -0.39 64.25
C SER D 221 24.02 -1.41 64.12
N SER D 222 25.15 -1.02 63.55
CA SER D 222 26.34 -1.87 63.44
C SER D 222 26.08 -3.15 62.64
N ASN D 223 25.25 -3.05 61.59
CA ASN D 223 25.09 -4.18 60.69
C ASN D 223 26.40 -4.52 60.01
N LEU D 224 27.12 -3.51 59.53
CA LEU D 224 28.49 -3.59 59.03
C LEU D 224 28.63 -4.50 57.81
N LYS D 225 27.53 -5.02 57.27
CA LYS D 225 27.56 -5.94 56.14
C LYS D 225 28.43 -7.15 56.44
N SER D 226 27.96 -7.95 57.41
CA SER D 226 28.71 -9.13 57.84
C SER D 226 28.79 -10.17 56.72
N LYS D 227 29.60 -11.20 56.96
CA LYS D 227 29.88 -12.22 55.97
C LYS D 227 28.62 -12.91 55.49
N GLU D 228 27.70 -13.22 56.41
CA GLU D 228 26.44 -13.85 56.01
C GLU D 228 25.63 -12.93 55.12
N MET D 229 25.57 -11.64 55.47
CA MET D 229 24.87 -10.67 54.63
C MET D 229 25.52 -10.55 53.26
N LEU D 230 26.85 -10.54 53.22
CA LEU D 230 27.55 -10.49 51.93
C LEU D 230 27.24 -11.72 51.09
N ARG D 231 27.21 -12.90 51.70
CA ARG D 231 26.88 -14.10 50.94
C ARG D 231 25.46 -14.05 50.41
N ILE D 232 24.51 -13.60 51.23
CA ILE D 232 23.13 -13.51 50.77
C ILE D 232 23.01 -12.53 49.62
N LEU D 233 23.66 -11.37 49.73
CA LEU D 233 23.55 -10.37 48.68
C LEU D 233 24.29 -10.79 47.41
N THR D 234 25.39 -11.54 47.54
CA THR D 234 26.05 -12.08 46.37
C THR D 234 25.16 -13.10 45.66
N SER D 235 24.51 -13.97 46.44
CA SER D 235 23.60 -14.95 45.83
C SER D 235 22.40 -14.27 45.20
N ALA D 236 21.97 -13.13 45.74
CA ALA D 236 20.79 -12.45 45.25
C ALA D 236 21.06 -11.61 44.01
N THR D 237 21.97 -10.64 44.11
CA THR D 237 22.13 -9.63 43.06
C THR D 237 22.83 -10.17 41.82
N GLU D 238 23.74 -11.14 41.99
CA GLU D 238 24.60 -11.63 40.92
C GLU D 238 25.47 -10.54 40.32
N GLY D 239 25.77 -9.50 41.09
CA GLY D 239 26.63 -8.42 40.66
C GLY D 239 25.91 -7.18 40.16
N TYR D 240 24.60 -7.25 39.95
CA TYR D 240 23.86 -6.13 39.40
C TYR D 240 23.70 -5.03 40.44
N ILE D 241 23.98 -3.79 40.04
CA ILE D 241 23.72 -2.64 40.90
C ILE D 241 22.22 -2.44 41.07
N GLY D 242 21.45 -2.59 39.98
CA GLY D 242 20.01 -2.41 40.08
C GLY D 242 19.36 -3.42 41.00
N ARG D 243 19.76 -4.70 40.90
CA ARG D 243 19.23 -5.70 41.80
C ARG D 243 19.62 -5.39 43.24
N LEU D 244 20.85 -4.95 43.47
CA LEU D 244 21.27 -4.57 44.81
C LEU D 244 20.39 -3.44 45.36
N ASP D 245 20.13 -2.43 44.54
CA ASP D 245 19.28 -1.31 44.96
C ASP D 245 17.88 -1.80 45.28
N GLU D 246 17.30 -2.63 44.41
CA GLU D 246 15.94 -3.10 44.61
C GLU D 246 15.84 -3.94 45.88
N ILE D 247 16.78 -4.85 46.09
CA ILE D 247 16.76 -5.72 47.27
C ILE D 247 16.93 -4.90 48.54
N LEU D 248 17.89 -3.97 48.54
CA LEU D 248 18.10 -3.16 49.74
C LEU D 248 16.88 -2.31 50.06
N ARG D 249 16.29 -1.67 49.05
CA ARG D 249 15.11 -0.84 49.29
C ARG D 249 13.94 -1.67 49.77
N GLU D 250 13.72 -2.84 49.15
CA GLU D 250 12.62 -3.70 49.57
C GLU D 250 12.80 -4.18 50.99
N ALA D 251 14.02 -4.58 51.36
CA ALA D 251 14.27 -5.02 52.73
C ALA D 251 14.08 -3.89 53.72
N ALA D 252 14.56 -2.69 53.41
CA ALA D 252 14.39 -1.56 54.31
C ALA D 252 12.93 -1.22 54.50
N ILE D 253 12.16 -1.19 53.41
CA ILE D 253 10.75 -0.85 53.49
C ILE D 253 9.98 -1.92 54.25
N ARG D 254 10.34 -3.19 54.05
CA ARG D 254 9.66 -4.28 54.75
C ARG D 254 9.97 -4.25 56.23
N SER D 255 11.21 -3.92 56.59
CA SER D 255 11.56 -3.80 58.00
C SER D 255 10.85 -2.62 58.65
N LEU D 256 10.76 -1.49 57.93
CA LEU D 256 10.10 -0.31 58.49
C LEU D 256 8.58 -0.47 58.56
N SER D 257 8.02 -1.32 57.69
CA SER D 257 6.57 -1.53 57.71
C SER D 257 6.15 -2.41 58.88
N ARG D 258 6.99 -3.36 59.28
CA ARG D 258 6.68 -4.28 60.36
C ARG D 258 7.19 -3.79 61.71
N GLY D 259 7.67 -2.55 61.79
CA GLY D 259 8.11 -1.97 63.03
C GLY D 259 9.57 -2.17 63.37
N LEU D 260 10.29 -3.00 62.61
CA LEU D 260 11.68 -3.25 62.90
C LEU D 260 12.52 -2.01 62.59
N LYS D 261 13.30 -1.57 63.58
CA LYS D 261 14.14 -0.39 63.38
C LYS D 261 15.24 -0.64 62.36
N LYS D 262 15.88 -1.81 62.43
CA LYS D 262 16.93 -2.17 61.48
C LYS D 262 16.46 -3.34 60.61
N ILE D 263 17.36 -3.80 59.76
CA ILE D 263 17.05 -4.81 58.75
C ILE D 263 17.53 -6.16 59.26
N ASP D 264 16.60 -7.11 59.40
CA ASP D 264 16.94 -8.40 59.98
C ASP D 264 17.35 -9.41 58.91
N LYS D 265 17.64 -10.63 59.35
CA LYS D 265 18.04 -11.69 58.42
C LYS D 265 16.83 -12.25 57.66
N ALA D 266 15.67 -12.30 58.34
CA ALA D 266 14.49 -12.90 57.73
C ALA D 266 14.05 -12.12 56.50
N VAL D 267 14.16 -10.79 56.54
CA VAL D 267 13.72 -9.99 55.40
C VAL D 267 14.63 -10.19 54.18
N LEU D 268 15.95 -10.27 54.39
CA LEU D 268 16.83 -10.60 53.26
C LEU D 268 16.54 -11.99 52.71
N GLN D 269 16.29 -12.95 53.59
CA GLN D 269 15.95 -14.30 53.10
C GLN D 269 14.66 -14.26 52.28
N GLU D 270 13.65 -13.54 52.77
CA GLU D 270 12.37 -13.43 52.07
C GLU D 270 12.53 -12.78 50.71
N VAL D 271 13.27 -11.67 50.64
CA VAL D 271 13.40 -10.98 49.36
C VAL D 271 14.28 -11.78 48.41
N ALA D 272 15.27 -12.51 48.93
CA ALA D 272 16.12 -13.32 48.08
C ALA D 272 15.35 -14.49 47.47
N LYS D 273 14.53 -15.16 48.28
CA LYS D 273 13.76 -16.28 47.73
C LYS D 273 12.65 -15.79 46.81
N GLU D 274 12.10 -14.60 47.09
CA GLU D 274 11.11 -13.99 46.22
C GLU D 274 11.67 -13.64 44.85
N TYR D 275 12.96 -13.29 44.78
CA TYR D 275 13.63 -13.06 43.51
C TYR D 275 14.02 -14.36 42.81
N LYS D 276 14.62 -15.29 43.53
CA LYS D 276 15.07 -16.54 42.95
C LYS D 276 14.49 -17.74 43.69
N ASP E 17 -42.89 -20.92 41.64
CA ASP E 17 -41.70 -21.74 41.80
C ASP E 17 -40.87 -21.71 40.53
N ASP E 18 -41.54 -21.65 39.38
CA ASP E 18 -40.85 -21.54 38.10
C ASP E 18 -40.03 -20.25 38.03
N GLU E 19 -40.59 -19.14 38.52
CA GLU E 19 -39.81 -17.91 38.60
C GLU E 19 -38.62 -18.07 39.52
N TRP E 20 -38.82 -18.77 40.65
CA TRP E 20 -37.70 -19.06 41.54
C TRP E 20 -36.66 -19.94 40.86
N LEU E 21 -37.11 -20.92 40.07
CA LEU E 21 -36.17 -21.76 39.33
C LEU E 21 -35.36 -20.94 38.32
N GLN E 22 -36.03 -20.02 37.62
CA GLN E 22 -35.31 -19.15 36.69
C GLN E 22 -34.31 -18.27 37.43
N ALA E 23 -34.69 -17.74 38.58
CA ALA E 23 -33.76 -16.96 39.38
C ALA E 23 -32.55 -17.79 39.80
N GLU E 24 -32.80 -19.03 40.22
CA GLU E 24 -31.71 -19.91 40.65
C GLU E 24 -30.76 -20.22 39.50
N ILE E 25 -31.30 -20.54 38.32
CA ILE E 25 -30.43 -20.88 37.19
C ILE E 25 -29.67 -19.65 36.72
N ALA E 26 -30.30 -18.48 36.75
CA ALA E 26 -29.59 -17.25 36.39
C ALA E 26 -28.46 -16.95 37.38
N ARG E 27 -28.73 -17.12 38.67
CA ARG E 27 -27.68 -16.88 39.67
C ARG E 27 -26.55 -17.89 39.52
N LEU E 28 -26.87 -19.16 39.27
CA LEU E 28 -25.84 -20.17 39.11
C LEU E 28 -25.01 -19.93 37.85
N LYS E 29 -25.63 -19.42 36.79
CA LYS E 29 -24.86 -19.06 35.60
C LYS E 29 -23.85 -17.97 35.90
N GLY E 30 -24.25 -16.98 36.69
CA GLY E 30 -23.35 -15.89 37.03
C GLY E 30 -22.31 -16.33 38.06
N LYS E 31 -21.07 -15.92 37.82
CA LYS E 31 -19.97 -16.26 38.71
C LYS E 31 -19.82 -15.19 39.79
N SER E 32 -19.22 -15.59 40.90
CA SER E 32 -19.00 -14.74 42.05
C SER E 32 -17.53 -14.75 42.42
N ILE E 33 -17.19 -13.98 43.46
CA ILE E 33 -15.82 -13.87 43.95
C ILE E 33 -15.83 -14.23 45.43
N VAL E 34 -15.50 -15.49 45.74
CA VAL E 34 -15.27 -15.90 47.13
C VAL E 34 -13.84 -15.53 47.50
N PRO E 35 -13.64 -14.72 48.55
CA PRO E 35 -12.27 -14.33 48.94
C PRO E 35 -11.63 -15.43 49.77
N LEU E 36 -10.54 -16.00 49.24
CA LEU E 36 -9.81 -17.05 49.92
C LEU E 36 -8.34 -16.68 50.00
N GLN E 37 -7.55 -17.55 50.62
CA GLN E 37 -6.17 -17.22 50.98
C GLN E 37 -5.32 -16.91 49.76
N GLN E 38 -5.63 -17.52 48.62
CA GLN E 38 -4.87 -17.25 47.41
C GLN E 38 -4.96 -15.77 47.04
N VAL E 39 -6.18 -15.25 46.92
CA VAL E 39 -6.35 -13.84 46.60
C VAL E 39 -5.88 -12.96 47.75
N LYS E 40 -5.93 -13.47 48.99
CA LYS E 40 -5.46 -12.67 50.10
C LYS E 40 -3.95 -12.45 50.02
N THR E 41 -3.19 -13.52 49.82
CA THR E 41 -1.76 -13.39 49.53
C THR E 41 -1.54 -12.48 48.34
N LEU E 42 -2.36 -12.63 47.30
CA LEU E 42 -2.11 -11.86 46.09
C LEU E 42 -2.24 -10.36 46.33
N HIS E 43 -3.34 -9.91 46.97
CA HIS E 43 -3.46 -8.45 47.08
C HIS E 43 -2.60 -7.91 48.20
N ASP E 44 -2.21 -8.74 49.16
CA ASP E 44 -1.18 -8.32 50.12
C ASP E 44 0.12 -8.05 49.39
N TRP E 45 0.54 -8.96 48.52
CA TRP E 45 1.75 -8.77 47.73
C TRP E 45 1.61 -7.56 46.80
N LEU E 46 0.42 -7.37 46.24
CA LEU E 46 0.19 -6.25 45.34
C LEU E 46 0.25 -4.92 46.09
N ASP E 47 -0.30 -4.86 47.30
CA ASP E 47 -0.17 -3.65 48.11
C ASP E 47 1.29 -3.39 48.47
N GLY E 48 2.03 -4.44 48.81
CA GLY E 48 3.44 -4.28 49.08
C GLY E 48 4.22 -3.73 47.90
N LYS E 49 3.92 -4.22 46.70
CA LYS E 49 4.59 -3.72 45.51
C LYS E 49 4.13 -2.31 45.16
N ARG E 50 2.87 -1.99 45.47
CA ARG E 50 2.34 -0.67 45.17
C ARG E 50 2.93 0.40 46.06
N LYS E 51 3.15 0.10 47.35
CA LYS E 51 3.68 1.11 48.26
C LYS E 51 5.11 1.49 47.91
N ALA E 52 5.81 0.67 47.12
CA ALA E 52 7.18 0.94 46.73
C ALA E 52 7.36 1.16 45.24
N ARG E 53 6.27 1.15 44.48
CA ARG E 53 6.32 1.27 43.01
C ARG E 53 7.26 0.23 42.41
N LYS E 54 7.16 -0.99 42.94
CA LYS E 54 8.00 -2.10 42.50
C LYS E 54 7.26 -2.89 41.42
N SER E 55 7.83 -2.93 40.23
CA SER E 55 7.21 -3.61 39.10
C SER E 55 7.59 -5.09 39.14
N CYS E 56 6.58 -5.94 39.29
CA CYS E 56 6.76 -7.38 39.41
C CYS E 56 5.97 -8.08 38.30
N ARG E 57 5.89 -9.40 38.41
CA ARG E 57 5.13 -10.20 37.46
C ARG E 57 4.55 -11.42 38.17
N VAL E 58 3.25 -11.42 38.39
CA VAL E 58 2.58 -12.55 39.02
C VAL E 58 2.33 -13.58 37.94
N VAL E 59 2.73 -14.83 38.20
CA VAL E 59 2.63 -15.90 37.22
C VAL E 59 1.87 -17.06 37.84
N GLY E 60 1.38 -17.98 37.02
CA GLY E 60 0.65 -19.12 37.52
C GLY E 60 0.16 -19.99 36.40
N GLU E 61 -0.57 -21.03 36.78
CA GLU E 61 -1.12 -21.98 35.83
C GLU E 61 -2.33 -21.36 35.12
N SER E 62 -2.95 -22.15 34.24
CA SER E 62 -4.16 -21.74 33.55
C SER E 62 -5.38 -22.26 34.31
N ARG E 63 -6.46 -21.48 34.26
CA ARG E 63 -7.72 -21.82 34.93
C ARG E 63 -7.51 -22.03 36.43
N THR E 64 -6.65 -21.19 37.02
CA THR E 64 -6.32 -21.29 38.44
C THR E 64 -6.85 -20.13 39.28
N GLY E 65 -7.17 -18.99 38.69
CA GLY E 65 -7.80 -17.91 39.41
C GLY E 65 -6.96 -16.68 39.65
N LYS E 66 -6.09 -16.30 38.71
CA LYS E 66 -5.31 -15.07 38.85
C LYS E 66 -6.08 -13.85 38.38
N THR E 67 -6.85 -13.99 37.30
CA THR E 67 -7.60 -12.87 36.75
C THR E 67 -8.63 -12.35 37.76
N VAL E 68 -9.34 -13.26 38.43
CA VAL E 68 -10.35 -12.84 39.39
C VAL E 68 -9.71 -12.12 40.57
N ALA E 69 -8.56 -12.61 41.03
CA ALA E 69 -7.88 -11.96 42.16
C ALA E 69 -7.37 -10.57 41.78
N CYS E 70 -6.78 -10.43 40.58
CA CYS E 70 -6.38 -9.10 40.12
C CYS E 70 -7.59 -8.20 39.97
N ASP E 71 -8.71 -8.75 39.52
CA ASP E 71 -9.94 -7.98 39.40
C ASP E 71 -10.38 -7.47 40.77
N ALA E 72 -10.32 -8.34 41.79
CA ALA E 72 -10.70 -7.93 43.14
C ALA E 72 -9.79 -6.83 43.65
N TYR E 73 -8.48 -6.97 43.42
CA TYR E 73 -7.56 -5.89 43.79
C TYR E 73 -7.86 -4.61 43.02
N ARG E 74 -8.44 -4.74 41.83
CA ARG E 74 -8.84 -3.54 41.09
C ARG E 74 -10.08 -2.90 41.71
N TYR E 75 -11.11 -3.68 42.04
CA TYR E 75 -12.32 -3.04 42.55
C TYR E 75 -12.18 -2.54 43.97
N ARG E 76 -11.30 -3.14 44.78
CA ARG E 76 -11.22 -2.71 46.18
C ARG E 76 -10.82 -1.24 46.27
N HIS E 77 -9.86 -0.81 45.45
CA HIS E 77 -9.53 0.61 45.31
C HIS E 77 -10.37 1.24 44.20
N LYS E 78 -11.68 1.30 44.44
CA LYS E 78 -12.55 1.99 43.50
C LYS E 78 -12.19 3.47 43.49
N PRO E 79 -11.86 4.04 42.35
CA PRO E 79 -11.39 5.44 42.31
C PRO E 79 -12.42 6.39 42.91
N GLN E 80 -11.94 7.25 43.81
CA GLN E 80 -12.76 8.32 44.39
C GLN E 80 -12.43 9.60 43.66
N GLN E 81 -13.43 10.19 43.02
CA GLN E 81 -13.23 11.36 42.18
C GLN E 81 -13.53 12.63 42.93
N GLU E 82 -12.72 13.66 42.70
CA GLU E 82 -12.98 14.98 43.26
C GLU E 82 -14.13 15.63 42.50
N ALA E 83 -14.66 16.72 43.06
CA ALA E 83 -15.80 17.41 42.48
C ALA E 83 -15.52 17.89 41.07
N GLY E 84 -14.33 18.46 40.85
CA GLY E 84 -14.00 19.05 39.57
C GLY E 84 -12.65 18.70 38.97
N ARG E 85 -12.01 17.65 39.47
CA ARG E 85 -10.71 17.23 38.97
C ARG E 85 -10.79 15.80 38.47
N PRO E 86 -9.79 15.36 37.63
CA PRO E 86 -9.96 13.98 37.17
C PRO E 86 -10.04 12.96 38.29
N PRO E 87 -10.81 11.88 38.09
CA PRO E 87 -10.84 10.85 39.13
C PRO E 87 -9.45 10.26 39.29
N THR E 88 -9.04 10.04 40.53
CA THR E 88 -7.72 9.50 40.77
C THR E 88 -7.84 7.99 40.79
N VAL E 89 -7.22 7.33 39.82
CA VAL E 89 -7.32 5.89 39.73
C VAL E 89 -6.00 5.27 40.21
N PRO E 90 -6.00 4.60 41.40
CA PRO E 90 -4.68 4.11 41.83
C PRO E 90 -4.23 2.87 41.11
N VAL E 91 -5.16 1.97 40.76
CA VAL E 91 -4.83 0.70 40.14
C VAL E 91 -5.44 0.68 38.75
N VAL E 92 -4.60 0.40 37.75
CA VAL E 92 -5.05 0.23 36.37
C VAL E 92 -4.92 -1.24 36.02
N TYR E 93 -6.01 -1.82 35.54
CA TYR E 93 -6.06 -3.22 35.12
C TYR E 93 -6.34 -3.29 33.64
N ILE E 94 -5.48 -3.98 32.89
CA ILE E 94 -5.69 -4.15 31.46
C ILE E 94 -5.49 -5.61 31.09
N ARG E 95 -6.21 -6.05 30.07
CA ARG E 95 -6.04 -7.37 29.48
C ARG E 95 -5.96 -7.19 27.97
N PRO E 96 -4.79 -6.81 27.44
CA PRO E 96 -4.67 -6.58 26.00
C PRO E 96 -4.98 -7.81 25.16
N HIS E 97 -5.53 -7.59 23.97
CA HIS E 97 -5.93 -8.70 23.11
C HIS E 97 -4.71 -9.32 22.44
N GLN E 98 -4.97 -10.36 21.63
CA GLN E 98 -3.91 -11.09 20.97
C GLN E 98 -3.16 -10.18 19.99
N LYS E 99 -1.82 -10.23 20.06
CA LYS E 99 -0.94 -9.42 19.22
C LYS E 99 -1.26 -7.94 19.36
N CYS E 100 -1.40 -7.51 20.61
CA CYS E 100 -1.72 -6.11 20.91
C CYS E 100 -0.52 -5.23 20.58
N GLY E 101 -0.69 -4.31 19.64
CA GLY E 101 0.34 -3.36 19.30
C GLY E 101 0.41 -2.23 20.30
N PRO E 102 1.40 -1.35 20.09
CA PRO E 102 1.56 -0.22 21.03
C PRO E 102 0.39 0.75 20.98
N LYS E 103 -0.11 1.04 19.77
CA LYS E 103 -1.27 1.91 19.65
C LYS E 103 -2.47 1.34 20.36
N ASP E 104 -2.71 0.03 20.19
CA ASP E 104 -3.83 -0.62 20.85
C ASP E 104 -3.69 -0.56 22.36
N LEU E 105 -2.49 -0.82 22.87
CA LEU E 105 -2.27 -0.77 24.31
C LEU E 105 -2.51 0.63 24.85
N PHE E 106 -1.98 1.65 24.18
CA PHE E 106 -2.19 3.02 24.64
C PHE E 106 -3.67 3.39 24.61
N LYS E 107 -4.36 2.97 23.56
CA LYS E 107 -5.80 3.16 23.47
C LYS E 107 -6.49 2.56 24.69
N LYS E 108 -6.11 1.34 25.07
CA LYS E 108 -6.73 0.70 26.22
C LYS E 108 -6.43 1.45 27.51
N ILE E 109 -5.18 1.90 27.69
CA ILE E 109 -4.81 2.64 28.90
C ILE E 109 -5.67 3.89 29.03
N THR E 110 -5.74 4.69 27.97
CA THR E 110 -6.49 5.94 28.07
C THR E 110 -7.99 5.70 28.04
N GLU E 111 -8.45 4.53 27.57
CA GLU E 111 -9.87 4.24 27.58
C GLU E 111 -10.33 3.81 28.98
N TYR E 112 -9.50 3.08 29.71
CA TYR E 112 -9.90 2.68 31.05
C TYR E 112 -10.07 3.91 31.94
N LEU E 113 -9.17 4.88 31.81
CA LEU E 113 -9.26 6.13 32.55
C LEU E 113 -10.40 7.02 32.08
N LYS E 114 -11.19 6.56 31.11
CA LYS E 114 -12.36 7.28 30.59
C LYS E 114 -11.94 8.55 29.86
N TYR E 115 -10.91 8.44 29.03
CA TYR E 115 -10.49 9.50 28.11
C TYR E 115 -10.57 8.94 26.71
N ARG E 116 -11.64 9.26 25.99
CA ARG E 116 -11.80 8.75 24.63
C ARG E 116 -10.68 9.27 23.74
N VAL E 117 -10.22 8.40 22.84
CA VAL E 117 -9.04 8.68 22.04
C VAL E 117 -9.38 9.65 20.92
N THR E 118 -8.36 10.30 20.38
CA THR E 118 -8.48 11.13 19.20
C THR E 118 -7.59 10.54 18.10
N LYS E 119 -8.10 10.53 16.87
CA LYS E 119 -7.37 9.97 15.74
C LYS E 119 -6.03 10.67 15.58
N GLY E 120 -4.99 9.87 15.38
CA GLY E 120 -3.65 10.41 15.23
C GLY E 120 -2.63 9.30 15.11
N THR E 121 -1.36 9.70 15.12
CA THR E 121 -0.26 8.76 15.01
C THR E 121 -0.01 8.06 16.34
N VAL E 122 0.92 7.11 16.32
CA VAL E 122 1.28 6.39 17.54
C VAL E 122 1.89 7.34 18.55
N SER E 123 2.66 8.33 18.08
CA SER E 123 3.23 9.31 18.99
C SER E 123 2.15 10.12 19.69
N ASP E 124 1.08 10.48 18.97
CA ASP E 124 -0.02 11.21 19.59
C ASP E 124 -0.69 10.39 20.67
N PHE E 125 -0.94 9.11 20.39
CA PHE E 125 -1.52 8.23 21.41
C PHE E 125 -0.61 8.10 22.61
N ARG E 126 0.70 7.96 22.37
CA ARG E 126 1.64 7.85 23.48
C ARG E 126 1.63 9.11 24.33
N ASP E 127 1.63 10.28 23.71
CA ASP E 127 1.64 11.53 24.45
C ASP E 127 0.37 11.69 25.26
N ARG E 128 -0.79 11.40 24.65
CA ARG E 128 -2.05 11.53 25.38
C ARG E 128 -2.12 10.54 26.52
N THR E 129 -1.66 9.30 26.31
CA THR E 129 -1.67 8.30 27.38
C THR E 129 -0.75 8.72 28.52
N ILE E 130 0.43 9.25 28.22
CA ILE E 130 1.33 9.72 29.26
C ILE E 130 0.67 10.86 30.05
N GLU E 131 0.07 11.80 29.32
CA GLU E 131 -0.59 12.93 29.98
C GLU E 131 -1.69 12.47 30.93
N VAL E 132 -2.60 11.63 30.44
CA VAL E 132 -3.68 11.16 31.29
C VAL E 132 -3.19 10.22 32.39
N LEU E 133 -2.04 9.57 32.19
CA LEU E 133 -1.51 8.67 33.19
C LEU E 133 -0.90 9.42 34.36
N LYS E 134 -0.19 10.52 34.09
CA LYS E 134 0.26 11.37 35.19
C LYS E 134 -0.89 12.19 35.77
N GLY E 135 -1.91 12.51 34.98
CA GLY E 135 -3.00 13.33 35.47
C GLY E 135 -3.80 12.64 36.57
N CYS E 136 -4.11 11.36 36.38
CA CYS E 136 -4.93 10.63 37.33
C CYS E 136 -4.14 10.05 38.50
N GLY E 137 -2.83 10.25 38.54
CA GLY E 137 -2.06 9.76 39.68
C GLY E 137 -2.10 8.26 39.85
N VAL E 138 -1.89 7.53 38.75
CA VAL E 138 -2.00 6.08 38.80
C VAL E 138 -0.81 5.48 39.53
N GLU E 139 -1.07 4.45 40.32
CA GLU E 139 -0.05 3.74 41.10
C GLU E 139 0.29 2.38 40.53
N MET E 140 -0.66 1.69 39.90
CA MET E 140 -0.46 0.32 39.45
C MET E 140 -0.85 0.20 37.98
N LEU E 141 -0.13 -0.64 37.25
CA LEU E 141 -0.45 -0.99 35.87
C LEU E 141 -0.49 -2.51 35.77
N ILE E 142 -1.68 -3.07 35.91
CA ILE E 142 -1.87 -4.52 35.94
C ILE E 142 -2.18 -4.99 34.53
N ILE E 143 -1.20 -5.62 33.87
CA ILE E 143 -1.37 -6.11 32.51
C ILE E 143 -1.63 -7.61 32.58
N ASP E 144 -2.90 -7.99 32.65
CA ASP E 144 -3.26 -9.40 32.59
C ASP E 144 -3.12 -9.91 31.16
N GLU E 145 -2.89 -11.22 31.05
CA GLU E 145 -2.62 -11.88 29.78
C GLU E 145 -1.46 -11.18 29.05
N ALA E 146 -0.41 -10.90 29.82
CA ALA E 146 0.76 -10.18 29.34
C ALA E 146 1.62 -11.02 28.39
N ASP E 147 1.14 -12.19 27.99
CA ASP E 147 1.79 -12.99 26.97
C ASP E 147 1.22 -12.74 25.58
N ARG E 148 0.32 -11.77 25.44
CA ARG E 148 -0.33 -11.51 24.15
C ARG E 148 0.35 -10.40 23.39
N LEU E 149 0.78 -9.35 24.10
CA LEU E 149 1.28 -8.14 23.43
C LEU E 149 2.63 -8.39 22.76
N LYS E 150 2.85 -7.65 21.68
CA LYS E 150 4.06 -7.79 20.88
C LYS E 150 5.29 -7.31 21.66
N PRO E 151 6.49 -7.76 21.28
CA PRO E 151 7.69 -7.32 22.01
C PRO E 151 8.13 -5.92 21.67
N GLU E 152 7.60 -5.32 20.60
CA GLU E 152 7.81 -3.91 20.33
C GLU E 152 7.03 -3.02 21.29
N THR E 153 6.13 -3.59 22.07
CA THR E 153 5.38 -2.87 23.09
C THR E 153 5.97 -3.02 24.49
N PHE E 154 6.80 -4.05 24.70
CA PHE E 154 7.47 -4.18 25.99
C PHE E 154 8.44 -3.04 26.23
N ALA E 155 9.02 -2.49 25.16
CA ALA E 155 9.83 -1.28 25.32
C ALA E 155 8.99 -0.11 25.81
N ASP E 156 7.76 0.03 25.30
CA ASP E 156 6.87 1.08 25.75
C ASP E 156 6.49 0.90 27.22
N VAL E 157 6.13 -0.32 27.63
CA VAL E 157 5.79 -0.54 29.02
C VAL E 157 7.02 -0.34 29.92
N ARG E 158 8.21 -0.70 29.42
CA ARG E 158 9.44 -0.44 30.16
C ARG E 158 9.63 1.06 30.37
N ASP E 159 9.39 1.84 29.31
CA ASP E 159 9.54 3.29 29.42
C ASP E 159 8.52 3.87 30.40
N ILE E 160 7.30 3.34 30.38
CA ILE E 160 6.28 3.78 31.33
C ILE E 160 6.76 3.54 32.76
N ALA E 161 7.21 2.32 33.04
CA ALA E 161 7.65 1.98 34.40
C ALA E 161 8.92 2.73 34.77
N GLU E 162 9.71 3.12 33.78
CA GLU E 162 10.98 3.79 34.05
C GLU E 162 10.76 5.26 34.38
N ASP E 163 10.02 5.97 33.55
CA ASP E 163 9.85 7.41 33.68
C ASP E 163 8.68 7.81 34.57
N LEU E 164 7.51 7.18 34.39
CA LEU E 164 6.34 7.57 35.17
C LEU E 164 6.30 6.94 36.55
N GLY E 165 7.22 6.01 36.85
CA GLY E 165 7.31 5.42 38.17
C GLY E 165 6.05 4.68 38.59
N ILE E 166 5.53 3.84 37.69
CA ILE E 166 4.32 3.07 37.96
C ILE E 166 4.69 1.60 38.00
N ALA E 167 4.37 0.94 39.12
CA ALA E 167 4.66 -0.47 39.29
C ALA E 167 3.77 -1.28 38.36
N VAL E 168 4.40 -1.99 37.43
CA VAL E 168 3.68 -2.78 36.43
C VAL E 168 3.71 -4.25 36.86
N VAL E 169 2.55 -4.89 36.85
CA VAL E 169 2.45 -6.32 37.14
C VAL E 169 2.03 -7.00 35.85
N LEU E 170 2.91 -7.85 35.32
CA LEU E 170 2.62 -8.63 34.12
C LEU E 170 1.98 -9.95 34.53
N VAL E 171 0.71 -10.11 34.20
CA VAL E 171 -0.05 -11.31 34.56
C VAL E 171 -0.27 -12.15 33.32
N GLY E 172 -0.12 -13.46 33.49
CA GLY E 172 -0.32 -14.39 32.38
C GLY E 172 0.08 -15.78 32.79
N THR E 173 -0.11 -16.71 31.86
CA THR E 173 0.26 -18.09 32.08
C THR E 173 1.80 -18.22 32.07
N ASP E 174 2.28 -19.45 32.30
CA ASP E 174 3.71 -19.69 32.29
C ASP E 174 4.35 -19.39 30.94
N ARG E 175 3.54 -19.34 29.87
CA ARG E 175 4.07 -18.96 28.56
C ARG E 175 4.55 -17.51 28.57
N LEU E 176 4.00 -16.67 29.45
CA LEU E 176 4.49 -15.30 29.58
C LEU E 176 5.94 -15.26 30.02
N ASP E 177 6.33 -16.17 30.92
CA ASP E 177 7.72 -16.23 31.35
C ASP E 177 8.64 -16.58 30.18
N ALA E 178 8.22 -17.51 29.33
CA ALA E 178 9.00 -17.83 28.13
C ALA E 178 9.05 -16.63 27.18
N VAL E 179 7.94 -15.91 27.05
CA VAL E 179 7.90 -14.75 26.15
C VAL E 179 8.87 -13.69 26.63
N ILE E 180 8.91 -13.42 27.93
CA ILE E 180 9.80 -12.38 28.44
C ILE E 180 11.24 -12.88 28.53
N LYS E 181 11.45 -14.20 28.61
CA LYS E 181 12.80 -14.71 28.78
C LYS E 181 13.67 -14.43 27.55
N ARG E 182 13.10 -14.59 26.35
CA ARG E 182 13.87 -14.33 25.14
C ARG E 182 14.26 -12.86 25.01
N ASP E 183 13.57 -11.96 25.70
CA ASP E 183 13.97 -10.56 25.76
C ASP E 183 15.01 -10.35 26.85
N GLU E 184 15.68 -9.20 26.80
CA GLU E 184 16.78 -8.91 27.71
C GLU E 184 16.38 -8.05 28.89
N GLN E 185 15.87 -6.85 28.65
CA GLN E 185 15.55 -5.91 29.73
C GLN E 185 14.31 -6.28 30.51
N VAL E 186 13.26 -6.75 29.84
CA VAL E 186 11.98 -7.00 30.51
C VAL E 186 12.13 -8.14 31.52
N LEU E 187 13.05 -9.07 31.27
CA LEU E 187 13.26 -10.17 32.19
C LEU E 187 13.95 -9.70 33.46
N GLU E 188 14.97 -8.86 33.33
CA GLU E 188 15.69 -8.38 34.50
C GLU E 188 14.84 -7.40 35.31
N ARG E 189 14.19 -6.45 34.62
CA ARG E 189 13.40 -5.45 35.33
C ARG E 189 12.21 -6.07 36.04
N PHE E 190 11.52 -7.00 35.39
CA PHE E 190 10.39 -7.70 35.97
C PHE E 190 10.85 -9.09 36.38
N ARG E 191 11.34 -9.21 37.63
CA ARG E 191 11.83 -10.47 38.15
C ARG E 191 11.08 -10.98 39.37
N ALA E 192 10.56 -10.09 40.22
CA ALA E 192 9.76 -10.53 41.35
C ALA E 192 8.49 -11.19 40.86
N HIS E 193 8.14 -12.33 41.44
CA HIS E 193 6.99 -13.10 40.97
C HIS E 193 6.23 -13.67 42.15
N LEU E 194 5.01 -14.11 41.88
CA LEU E 194 4.17 -14.77 42.87
C LEU E 194 3.43 -15.90 42.15
N ARG E 195 4.00 -17.11 42.21
CA ARG E 195 3.38 -18.25 41.55
C ARG E 195 2.10 -18.65 42.28
N PHE E 196 1.04 -18.88 41.51
CA PHE E 196 -0.22 -19.32 42.10
C PHE E 196 -0.16 -20.80 42.43
N GLY E 197 -0.63 -21.14 43.64
CA GLY E 197 -0.51 -22.51 44.11
C GLY E 197 -1.58 -23.42 43.53
N LYS E 198 -1.41 -24.71 43.79
CA LYS E 198 -2.34 -25.72 43.31
C LYS E 198 -3.55 -25.86 44.24
N LEU E 199 -3.39 -25.51 45.51
CA LEU E 199 -4.40 -25.44 46.57
C LEU E 199 -4.74 -26.81 47.13
N SER E 200 -4.19 -27.90 46.60
CA SER E 200 -4.53 -29.23 47.09
C SER E 200 -4.09 -29.42 48.54
N GLY E 201 -4.95 -30.07 49.33
CA GLY E 201 -4.72 -30.32 50.73
C GLY E 201 -5.99 -30.13 51.52
N GLU E 202 -5.82 -29.89 52.82
CA GLU E 202 -6.99 -29.61 53.67
C GLU E 202 -7.58 -28.25 53.32
N ASP E 203 -6.74 -27.31 52.90
CA ASP E 203 -7.25 -26.02 52.42
C ASP E 203 -8.16 -26.21 51.21
N PHE E 204 -7.90 -27.22 50.39
CA PHE E 204 -8.80 -27.55 49.28
C PHE E 204 -10.17 -27.96 49.80
N LYS E 205 -10.21 -28.81 50.84
CA LYS E 205 -11.47 -29.21 51.44
C LYS E 205 -12.20 -28.01 52.02
N ASN E 206 -11.47 -27.11 52.68
CA ASN E 206 -12.06 -25.88 53.19
C ASN E 206 -12.65 -25.06 52.05
N THR E 207 -11.95 -25.03 50.91
CA THR E 207 -12.47 -24.34 49.72
C THR E 207 -13.78 -24.96 49.27
N VAL E 208 -13.85 -26.29 49.21
CA VAL E 208 -15.09 -26.94 48.77
C VAL E 208 -16.23 -26.59 49.70
N GLU E 209 -16.00 -26.71 51.01
CA GLU E 209 -17.08 -26.43 51.96
C GLU E 209 -17.52 -24.97 51.90
N MET E 210 -16.56 -24.05 51.81
CA MET E 210 -16.86 -22.63 51.74
C MET E 210 -17.64 -22.31 50.47
N TRP E 211 -17.25 -22.91 49.34
CA TRP E 211 -18.00 -22.78 48.10
C TRP E 211 -19.42 -23.29 48.26
N GLU E 212 -19.59 -24.45 48.88
CA GLU E 212 -20.92 -25.00 49.11
C GLU E 212 -21.79 -24.04 49.90
N GLN E 213 -21.24 -23.46 50.97
CA GLN E 213 -22.00 -22.51 51.77
C GLN E 213 -22.36 -21.24 51.00
N MET E 214 -21.41 -20.67 50.26
CA MET E 214 -21.65 -19.34 49.69
C MET E 214 -22.19 -19.41 48.26
N VAL E 215 -21.42 -19.97 47.34
CA VAL E 215 -21.72 -19.85 45.91
C VAL E 215 -22.94 -20.68 45.52
N LEU E 216 -23.03 -21.91 46.01
CA LEU E 216 -24.18 -22.75 45.69
C LEU E 216 -25.47 -22.14 46.21
N LYS E 217 -25.44 -21.59 47.44
CA LYS E 217 -26.57 -20.88 48.02
C LYS E 217 -27.84 -21.73 48.00
N LEU E 218 -27.67 -23.01 48.29
CA LEU E 218 -28.77 -23.97 48.31
C LEU E 218 -29.22 -24.23 49.74
N PRO E 219 -30.44 -24.74 49.92
CA PRO E 219 -30.91 -25.06 51.28
C PRO E 219 -30.02 -26.12 51.93
N VAL E 220 -29.87 -26.00 53.25
CA VAL E 220 -28.96 -26.89 53.96
C VAL E 220 -29.54 -28.30 53.98
N SER E 221 -28.95 -29.19 53.18
CA SER E 221 -29.32 -30.60 53.14
C SER E 221 -28.26 -31.48 53.76
N SER E 222 -27.30 -30.91 54.48
CA SER E 222 -26.27 -31.65 55.21
C SER E 222 -25.40 -32.50 54.29
N ASN E 223 -25.12 -31.99 53.08
CA ASN E 223 -24.16 -32.66 52.21
C ASN E 223 -22.79 -32.73 52.86
N LEU E 224 -22.34 -31.60 53.44
CA LEU E 224 -21.15 -31.50 54.29
C LEU E 224 -19.86 -31.84 53.57
N LYS E 225 -19.91 -32.09 52.26
CA LYS E 225 -18.74 -32.49 51.48
C LYS E 225 -18.08 -33.74 52.08
N SER E 226 -18.82 -34.85 52.02
CA SER E 226 -18.35 -36.11 52.58
C SER E 226 -17.11 -36.61 51.83
N LYS E 227 -16.51 -37.66 52.38
CA LYS E 227 -15.26 -38.21 51.86
C LYS E 227 -15.39 -38.65 50.41
N GLU E 228 -16.51 -39.28 50.06
CA GLU E 228 -16.73 -39.70 48.67
C GLU E 228 -16.80 -38.49 47.75
N MET E 229 -17.52 -37.45 48.18
CA MET E 229 -17.60 -36.23 47.39
C MET E 229 -16.23 -35.57 47.25
N LEU E 230 -15.44 -35.55 48.32
CA LEU E 230 -14.10 -35.00 48.24
C LEU E 230 -13.23 -35.79 47.26
N ARG E 231 -13.33 -37.12 47.29
CA ARG E 231 -12.55 -37.92 46.36
C ARG E 231 -12.97 -37.64 44.91
N ILE E 232 -14.28 -37.55 44.66
CA ILE E 232 -14.75 -37.28 43.31
C ILE E 232 -14.26 -35.92 42.82
N LEU E 233 -14.35 -34.91 43.69
CA LEU E 233 -13.94 -33.57 43.29
C LEU E 233 -12.42 -33.47 43.14
N THR E 234 -11.66 -34.20 43.95
CA THR E 234 -10.21 -34.24 43.75
C THR E 234 -9.85 -34.89 42.42
N SER E 235 -10.53 -35.99 42.08
CA SER E 235 -10.27 -36.65 40.80
C SER E 235 -10.70 -35.76 39.63
N ALA E 236 -11.72 -34.94 39.84
CA ALA E 236 -12.24 -34.10 38.76
C ALA E 236 -11.42 -32.84 38.53
N THR E 237 -11.29 -32.00 39.56
CA THR E 237 -10.73 -30.65 39.38
C THR E 237 -9.22 -30.67 39.18
N GLU E 238 -8.52 -31.63 39.80
CA GLU E 238 -7.05 -31.66 39.83
C GLU E 238 -6.46 -30.43 40.49
N GLY E 239 -7.22 -29.77 41.37
CA GLY E 239 -6.75 -28.62 42.11
C GLY E 239 -7.19 -27.28 41.55
N TYR E 240 -7.74 -27.25 40.34
CA TYR E 240 -8.10 -25.99 39.71
C TYR E 240 -9.34 -25.40 40.35
N ILE E 241 -9.27 -24.10 40.68
CA ILE E 241 -10.45 -23.38 41.16
C ILE E 241 -11.50 -23.26 40.07
N GLY E 242 -11.07 -22.98 38.84
CA GLY E 242 -12.01 -22.84 37.74
C GLY E 242 -12.75 -24.13 37.44
N ARG E 243 -12.03 -25.25 37.44
CA ARG E 243 -12.69 -26.53 37.24
C ARG E 243 -13.67 -26.83 38.37
N LEU E 244 -13.28 -26.51 39.61
CA LEU E 244 -14.19 -26.69 40.74
C LEU E 244 -15.46 -25.88 40.56
N ASP E 245 -15.31 -24.61 40.15
CA ASP E 245 -16.47 -23.76 39.93
C ASP E 245 -17.36 -24.32 38.83
N GLU E 246 -16.76 -24.73 37.71
CA GLU E 246 -17.54 -25.24 36.59
C GLU E 246 -18.28 -26.51 36.98
N ILE E 247 -17.61 -27.44 37.65
CA ILE E 247 -18.23 -28.70 38.03
C ILE E 247 -19.36 -28.46 39.03
N LEU E 248 -19.12 -27.61 40.03
CA LEU E 248 -20.16 -27.33 41.01
C LEU E 248 -21.37 -26.68 40.37
N ARG E 249 -21.16 -25.68 39.50
CA ARG E 249 -22.28 -25.01 38.85
C ARG E 249 -23.04 -25.96 37.94
N GLU E 250 -22.32 -26.78 37.18
CA GLU E 250 -22.98 -27.73 36.29
C GLU E 250 -23.80 -28.74 37.07
N ALA E 251 -23.25 -29.26 38.17
CA ALA E 251 -24.00 -30.21 38.99
C ALA E 251 -25.24 -29.57 39.60
N ALA E 252 -25.10 -28.34 40.11
CA ALA E 252 -26.25 -27.67 40.71
C ALA E 252 -27.34 -27.42 39.67
N ILE E 253 -26.95 -26.95 38.49
CA ILE E 253 -27.94 -26.66 37.45
C ILE E 253 -28.59 -27.94 36.96
N ARG E 254 -27.82 -29.03 36.86
CA ARG E 254 -28.39 -30.30 36.40
C ARG E 254 -29.36 -30.87 37.44
N SER E 255 -29.02 -30.72 38.73
CA SER E 255 -29.93 -31.17 39.78
C SER E 255 -31.21 -30.33 39.80
N LEU E 256 -31.08 -29.02 39.61
CA LEU E 256 -32.25 -28.15 39.63
C LEU E 256 -33.11 -28.32 38.37
N SER E 257 -32.51 -28.74 37.27
CA SER E 257 -33.28 -28.93 36.05
C SER E 257 -34.11 -30.21 36.10
N ARG E 258 -33.63 -31.24 36.77
CA ARG E 258 -34.33 -32.51 36.87
C ARG E 258 -35.22 -32.61 38.11
N GLY E 259 -35.41 -31.50 38.83
CA GLY E 259 -36.29 -31.46 39.97
C GLY E 259 -35.65 -31.79 41.30
N LEU E 260 -34.40 -32.26 41.30
CA LEU E 260 -33.75 -32.61 42.55
C LEU E 260 -33.44 -31.35 43.35
N LYS E 261 -33.88 -31.34 44.61
CA LYS E 261 -33.63 -30.18 45.47
C LYS E 261 -32.16 -30.03 45.79
N LYS E 262 -31.46 -31.12 46.08
CA LYS E 262 -30.04 -31.08 46.37
C LYS E 262 -29.28 -31.81 45.28
N ILE E 263 -27.96 -31.91 45.46
CA ILE E 263 -27.05 -32.43 44.45
C ILE E 263 -26.73 -33.87 44.79
N ASP E 264 -27.05 -34.79 43.88
CA ASP E 264 -26.89 -36.21 44.17
C ASP E 264 -25.52 -36.71 43.71
N LYS E 265 -25.28 -38.01 43.91
CA LYS E 265 -24.01 -38.61 43.50
C LYS E 265 -23.96 -38.82 41.99
N ALA E 266 -25.10 -39.14 41.37
CA ALA E 266 -25.12 -39.42 39.94
C ALA E 266 -24.69 -38.22 39.13
N VAL E 267 -25.08 -37.02 39.55
CA VAL E 267 -24.73 -35.83 38.78
C VAL E 267 -23.22 -35.54 38.84
N LEU E 268 -22.60 -35.70 40.02
CA LEU E 268 -21.15 -35.56 40.09
C LEU E 268 -20.46 -36.61 39.24
N GLN E 269 -20.95 -37.85 39.27
CA GLN E 269 -20.33 -38.88 38.42
C GLN E 269 -20.46 -38.52 36.95
N GLU E 270 -21.64 -38.04 36.53
CA GLU E 270 -21.86 -37.66 35.15
C GLU E 270 -20.95 -36.52 34.72
N VAL E 271 -20.85 -35.48 35.55
CA VAL E 271 -20.02 -34.33 35.16
C VAL E 271 -18.54 -34.70 35.19
N ALA E 272 -18.14 -35.58 36.11
CA ALA E 272 -16.75 -35.99 36.18
C ALA E 272 -16.35 -36.82 34.97
N LYS E 273 -17.21 -37.76 34.55
CA LYS E 273 -16.87 -38.56 33.38
C LYS E 273 -16.97 -37.74 32.10
N GLU E 274 -17.87 -36.76 32.06
CA GLU E 274 -17.98 -35.84 30.93
C GLU E 274 -16.73 -34.97 30.77
N TYR E 275 -16.05 -34.64 31.87
CA TYR E 275 -14.79 -33.91 31.82
C TYR E 275 -13.62 -34.83 31.48
N LYS E 276 -13.52 -35.98 32.14
CA LYS E 276 -12.42 -36.91 31.91
C LYS E 276 -12.91 -38.30 31.55
N ASP F 17 -42.68 -40.28 -17.50
CA ASP F 17 -41.87 -41.11 -16.62
C ASP F 17 -40.43 -40.58 -16.58
N ASP F 18 -39.96 -40.08 -17.73
CA ASP F 18 -38.63 -39.47 -17.77
C ASP F 18 -38.53 -38.27 -16.86
N GLU F 19 -39.57 -37.43 -16.82
CA GLU F 19 -39.60 -36.33 -15.87
C GLU F 19 -39.59 -36.84 -14.43
N TRP F 20 -40.33 -37.93 -14.18
CA TRP F 20 -40.29 -38.55 -12.86
C TRP F 20 -38.90 -39.09 -12.54
N LEU F 21 -38.23 -39.68 -13.53
CA LEU F 21 -36.87 -40.18 -13.32
C LEU F 21 -35.92 -39.03 -13.00
N GLN F 22 -36.05 -37.90 -13.70
CA GLN F 22 -35.22 -36.75 -13.39
C GLN F 22 -35.50 -36.22 -11.99
N ALA F 23 -36.77 -36.18 -11.59
CA ALA F 23 -37.11 -35.77 -10.24
C ALA F 23 -36.49 -36.72 -9.21
N GLU F 24 -36.54 -38.02 -9.47
CA GLU F 24 -35.98 -39.00 -8.53
C GLU F 24 -34.46 -38.83 -8.41
N ILE F 25 -33.77 -38.67 -9.55
CA ILE F 25 -32.31 -38.54 -9.47
C ILE F 25 -31.92 -37.23 -8.80
N ALA F 26 -32.67 -36.16 -9.06
CA ALA F 26 -32.39 -34.88 -8.39
C ALA F 26 -32.61 -35.00 -6.89
N ARG F 27 -33.69 -35.67 -6.47
CA ARG F 27 -33.95 -35.84 -5.04
C ARG F 27 -32.87 -36.71 -4.40
N LEU F 28 -32.46 -37.78 -5.08
CA LEU F 28 -31.43 -38.65 -4.53
C LEU F 28 -30.08 -37.94 -4.44
N LYS F 29 -29.79 -37.04 -5.38
CA LYS F 29 -28.56 -36.26 -5.28
C LYS F 29 -28.58 -35.37 -4.04
N GLY F 30 -29.72 -34.77 -3.76
CA GLY F 30 -29.82 -33.91 -2.59
C GLY F 30 -29.89 -34.71 -1.31
N LYS F 31 -29.13 -34.24 -0.31
CA LYS F 31 -29.09 -34.90 0.99
C LYS F 31 -30.17 -34.35 1.91
N SER F 32 -30.56 -35.15 2.89
CA SER F 32 -31.59 -34.81 3.85
C SER F 32 -31.05 -34.97 5.27
N ILE F 33 -31.89 -34.68 6.25
CA ILE F 33 -31.53 -34.77 7.66
C ILE F 33 -32.54 -35.67 8.33
N VAL F 34 -32.20 -36.94 8.49
CA VAL F 34 -32.99 -37.87 9.29
C VAL F 34 -32.60 -37.67 10.75
N PRO F 35 -33.54 -37.34 11.64
CA PRO F 35 -33.20 -37.14 13.06
C PRO F 35 -33.11 -38.48 13.78
N LEU F 36 -31.93 -38.79 14.28
CA LEU F 36 -31.69 -40.04 15.00
C LEU F 36 -31.04 -39.73 16.35
N GLN F 37 -30.80 -40.78 17.13
CA GLN F 37 -30.41 -40.62 18.53
C GLN F 37 -29.10 -39.86 18.67
N GLN F 38 -28.20 -39.97 17.69
CA GLN F 38 -26.94 -39.25 17.76
C GLN F 38 -27.18 -37.74 17.82
N VAL F 39 -27.95 -37.22 16.87
CA VAL F 39 -28.25 -35.79 16.87
C VAL F 39 -29.15 -35.44 18.04
N LYS F 40 -29.96 -36.39 18.53
CA LYS F 40 -30.80 -36.09 19.67
C LYS F 40 -29.96 -35.85 20.92
N THR F 41 -29.04 -36.76 21.22
CA THR F 41 -28.07 -36.54 22.27
C THR F 41 -27.32 -35.23 22.05
N LEU F 42 -26.94 -34.95 20.80
CA LEU F 42 -26.11 -33.78 20.55
C LEU F 42 -26.86 -32.49 20.89
N HIS F 43 -28.11 -32.32 20.43
CA HIS F 43 -28.73 -31.03 20.70
C HIS F 43 -29.28 -30.97 22.11
N ASP F 44 -29.53 -32.12 22.73
CA ASP F 44 -29.81 -32.10 24.17
C ASP F 44 -28.62 -31.56 24.94
N TRP F 45 -27.42 -32.07 24.64
CA TRP F 45 -26.20 -31.58 25.28
C TRP F 45 -25.97 -30.11 24.95
N LEU F 46 -26.26 -29.72 23.71
CA LEU F 46 -26.08 -28.32 23.30
C LEU F 46 -27.02 -27.40 24.05
N ASP F 47 -28.28 -27.81 24.22
CA ASP F 47 -29.21 -27.01 25.01
C ASP F 47 -28.76 -26.91 26.47
N GLY F 48 -28.25 -28.02 27.02
CA GLY F 48 -27.73 -27.98 28.37
C GLY F 48 -26.57 -27.02 28.53
N LYS F 49 -25.66 -27.01 27.54
CA LYS F 49 -24.54 -26.08 27.60
C LYS F 49 -24.98 -24.64 27.34
N ARG F 50 -26.02 -24.46 26.54
CA ARG F 50 -26.53 -23.13 26.23
C ARG F 50 -27.22 -22.49 27.42
N LYS F 51 -27.97 -23.27 28.20
CA LYS F 51 -28.70 -22.70 29.33
C LYS F 51 -27.76 -22.22 30.42
N ALA F 52 -26.50 -22.66 30.40
CA ALA F 52 -25.52 -22.27 31.41
C ALA F 52 -24.36 -21.48 30.83
N ARG F 53 -24.38 -21.19 29.52
CA ARG F 53 -23.28 -20.51 28.85
C ARG F 53 -21.95 -21.24 29.08
N LYS F 54 -22.01 -22.56 29.01
CA LYS F 54 -20.85 -23.42 29.22
C LYS F 54 -20.20 -23.72 27.89
N SER F 55 -18.95 -23.29 27.73
CA SER F 55 -18.22 -23.47 26.49
C SER F 55 -17.56 -24.86 26.49
N CYS F 56 -17.97 -25.70 25.56
CA CYS F 56 -17.49 -27.08 25.44
C CYS F 56 -16.86 -27.28 24.07
N ARG F 57 -16.56 -28.54 23.76
CA ARG F 57 -16.01 -28.91 22.46
C ARG F 57 -16.48 -30.30 22.09
N VAL F 58 -17.39 -30.39 21.11
CA VAL F 58 -17.88 -31.67 20.65
C VAL F 58 -16.85 -32.20 19.64
N VAL F 59 -16.43 -33.44 19.84
CA VAL F 59 -15.40 -34.05 19.02
C VAL F 59 -15.93 -35.37 18.45
N GLY F 60 -15.27 -35.88 17.42
CA GLY F 60 -15.71 -37.12 16.82
C GLY F 60 -14.84 -37.49 15.65
N GLU F 61 -15.21 -38.60 15.00
CA GLU F 61 -14.49 -39.10 13.85
C GLU F 61 -14.82 -38.24 12.62
N SER F 62 -14.24 -38.63 11.48
CA SER F 62 -14.52 -37.99 10.21
C SER F 62 -15.61 -38.75 9.48
N ARG F 63 -16.43 -38.01 8.73
CA ARG F 63 -17.54 -38.57 7.96
C ARG F 63 -18.50 -39.35 8.86
N THR F 64 -18.74 -38.81 10.06
CA THR F 64 -19.61 -39.46 11.03
C THR F 64 -20.91 -38.73 11.29
N GLY F 65 -21.02 -37.45 10.98
CA GLY F 65 -22.27 -36.73 11.07
C GLY F 65 -22.38 -35.69 12.16
N LYS F 66 -21.30 -34.97 12.47
CA LYS F 66 -21.36 -33.91 13.46
C LYS F 66 -21.83 -32.60 12.85
N THR F 67 -21.38 -32.30 11.62
CA THR F 67 -21.75 -31.05 10.97
C THR F 67 -23.26 -30.96 10.75
N VAL F 68 -23.88 -32.05 10.31
CA VAL F 68 -25.31 -32.05 10.07
C VAL F 68 -26.09 -31.84 11.36
N ALA F 69 -25.64 -32.48 12.44
CA ALA F 69 -26.33 -32.33 13.73
C ALA F 69 -26.19 -30.89 14.26
N CYS F 70 -25.00 -30.31 14.16
CA CYS F 70 -24.85 -28.91 14.55
C CYS F 70 -25.70 -28.01 13.67
N ASP F 71 -25.81 -28.34 12.38
CA ASP F 71 -26.66 -27.57 11.48
C ASP F 71 -28.11 -27.64 11.92
N ALA F 72 -28.57 -28.83 12.31
CA ALA F 72 -29.94 -28.99 12.79
C ALA F 72 -30.19 -28.18 14.05
N TYR F 73 -29.22 -28.21 14.98
CA TYR F 73 -29.35 -27.38 16.17
C TYR F 73 -29.34 -25.90 15.81
N ARG F 74 -28.71 -25.55 14.68
CA ARG F 74 -28.76 -24.15 14.24
C ARG F 74 -30.13 -23.79 13.68
N TYR F 75 -30.71 -24.65 12.83
CA TYR F 75 -31.98 -24.25 12.21
C TYR F 75 -33.15 -24.35 13.18
N ARG F 76 -33.08 -25.22 14.19
CA ARG F 76 -34.24 -25.35 15.07
C ARG F 76 -34.56 -24.05 15.78
N HIS F 77 -33.53 -23.34 16.25
CA HIS F 77 -33.70 -21.98 16.75
C HIS F 77 -33.52 -20.97 15.63
N LYS F 78 -34.47 -20.99 14.69
CA LYS F 78 -34.47 -19.99 13.63
C LYS F 78 -34.73 -18.62 14.25
N PRO F 79 -33.84 -17.65 14.06
CA PRO F 79 -34.02 -16.35 14.74
C PRO F 79 -35.34 -15.70 14.41
N GLN F 80 -36.04 -15.27 15.45
CA GLN F 80 -37.28 -14.52 15.31
C GLN F 80 -36.96 -13.04 15.49
N GLN F 81 -37.22 -12.25 14.46
CA GLN F 81 -36.84 -10.85 14.45
C GLN F 81 -38.00 -9.97 14.88
N GLU F 82 -37.69 -8.93 15.66
CA GLU F 82 -38.69 -7.94 16.01
C GLU F 82 -38.97 -7.04 14.81
N ALA F 83 -40.04 -6.25 14.90
CA ALA F 83 -40.46 -5.38 13.81
C ALA F 83 -39.38 -4.39 13.43
N GLY F 84 -38.73 -3.79 14.42
CA GLY F 84 -37.76 -2.75 14.16
C GLY F 84 -36.43 -2.84 14.90
N ARG F 85 -36.12 -4.00 15.46
CA ARG F 85 -34.87 -4.19 16.18
C ARG F 85 -34.07 -5.32 15.55
N PRO F 86 -32.73 -5.40 15.84
CA PRO F 86 -32.02 -6.49 15.16
C PRO F 86 -32.60 -7.86 15.45
N PRO F 87 -32.54 -8.77 14.47
CA PRO F 87 -33.01 -10.13 14.75
C PRO F 87 -32.17 -10.75 15.85
N THR F 88 -32.82 -11.44 16.79
CA THR F 88 -32.08 -12.02 17.88
C THR F 88 -31.67 -13.42 17.45
N VAL F 89 -30.37 -13.65 17.32
CA VAL F 89 -29.90 -14.94 16.88
C VAL F 89 -29.33 -15.71 18.07
N PRO F 90 -30.01 -16.78 18.54
CA PRO F 90 -29.46 -17.41 19.75
C PRO F 90 -28.24 -18.27 19.48
N VAL F 91 -28.21 -18.95 18.34
CA VAL F 91 -27.15 -19.89 18.01
C VAL F 91 -26.42 -19.36 16.78
N VAL F 92 -25.11 -19.23 16.89
CA VAL F 92 -24.25 -18.85 15.78
C VAL F 92 -23.43 -20.07 15.38
N TYR F 93 -23.48 -20.42 14.10
CA TYR F 93 -22.75 -21.53 13.54
C TYR F 93 -21.75 -21.02 12.52
N ILE F 94 -20.47 -21.36 12.69
CA ILE F 94 -19.44 -20.95 11.75
C ILE F 94 -18.58 -22.17 11.41
N ARG F 95 -18.07 -22.17 10.18
CA ARG F 95 -17.09 -23.15 9.72
C ARG F 95 -15.95 -22.40 9.05
N PRO F 96 -15.02 -21.85 9.84
CA PRO F 96 -13.92 -21.07 9.24
C PRO F 96 -13.07 -21.87 8.28
N HIS F 97 -12.54 -21.21 7.26
CA HIS F 97 -11.75 -21.90 6.25
C HIS F 97 -10.35 -22.21 6.77
N GLN F 98 -9.56 -22.85 5.91
CA GLN F 98 -8.20 -23.26 6.28
C GLN F 98 -7.34 -22.05 6.60
N LYS F 99 -6.63 -22.13 7.74
CA LYS F 99 -5.76 -21.06 8.21
C LYS F 99 -6.51 -19.74 8.35
N CYS F 100 -7.68 -19.83 8.96
CA CYS F 100 -8.54 -18.66 9.17
C CYS F 100 -7.90 -17.73 10.19
N GLY F 101 -7.57 -16.51 9.76
CA GLY F 101 -7.04 -15.51 10.65
C GLY F 101 -8.13 -14.86 11.47
N PRO F 102 -7.70 -13.98 12.38
CA PRO F 102 -8.69 -13.30 13.24
C PRO F 102 -9.62 -12.38 12.48
N LYS F 103 -9.07 -11.64 11.50
CA LYS F 103 -9.91 -10.78 10.66
C LYS F 103 -10.93 -11.59 9.90
N ASP F 104 -10.52 -12.73 9.33
CA ASP F 104 -11.44 -13.58 8.59
C ASP F 104 -12.54 -14.11 9.50
N LEU F 105 -12.17 -14.56 10.70
CA LEU F 105 -13.16 -15.08 11.64
C LEU F 105 -14.16 -14.00 12.03
N PHE F 106 -13.68 -12.80 12.36
CA PHE F 106 -14.59 -11.71 12.72
C PHE F 106 -15.51 -11.35 11.56
N LYS F 107 -14.96 -11.33 10.35
CA LYS F 107 -15.77 -11.11 9.16
C LYS F 107 -16.89 -12.14 9.08
N LYS F 108 -16.56 -13.42 9.32
CA LYS F 108 -17.59 -14.45 9.25
C LYS F 108 -18.65 -14.27 10.34
N ILE F 109 -18.22 -13.92 11.56
CA ILE F 109 -19.19 -13.71 12.65
C ILE F 109 -20.17 -12.62 12.29
N THR F 110 -19.65 -11.47 11.86
CA THR F 110 -20.55 -10.36 11.57
C THR F 110 -21.30 -10.55 10.25
N GLU F 111 -20.82 -11.44 9.38
CA GLU F 111 -21.53 -11.72 8.14
C GLU F 111 -22.72 -12.65 8.37
N TYR F 112 -22.57 -13.61 9.30
CA TYR F 112 -23.70 -14.50 9.55
C TYR F 112 -24.86 -13.72 10.15
N LEU F 113 -24.57 -12.77 11.04
CA LEU F 113 -25.58 -11.91 11.63
C LEU F 113 -26.16 -10.91 10.63
N LYS F 114 -25.70 -10.95 9.37
CA LYS F 114 -26.20 -10.08 8.30
C LYS F 114 -25.82 -8.63 8.56
N TYR F 115 -24.57 -8.41 8.95
CA TYR F 115 -23.97 -7.08 9.06
C TYR F 115 -22.76 -7.04 8.15
N ARG F 116 -22.92 -6.46 6.96
CA ARG F 116 -21.81 -6.41 6.02
C ARG F 116 -20.67 -5.59 6.60
N VAL F 117 -19.45 -6.03 6.32
CA VAL F 117 -18.26 -5.47 6.95
C VAL F 117 -17.92 -4.14 6.30
N THR F 118 -17.13 -3.33 7.03
CA THR F 118 -16.57 -2.10 6.50
C THR F 118 -15.05 -2.22 6.54
N LYS F 119 -14.39 -1.75 5.47
CA LYS F 119 -12.94 -1.82 5.37
C LYS F 119 -12.29 -1.13 6.57
N GLY F 120 -11.29 -1.79 7.14
CA GLY F 120 -10.60 -1.23 8.29
C GLY F 120 -9.58 -2.21 8.82
N THR F 121 -9.01 -1.85 9.97
CA THR F 121 -8.00 -2.68 10.62
C THR F 121 -8.66 -3.84 11.35
N VAL F 122 -7.81 -4.72 11.90
CA VAL F 122 -8.31 -5.85 12.67
C VAL F 122 -9.05 -5.37 13.91
N SER F 123 -8.58 -4.27 14.51
CA SER F 123 -9.26 -3.72 15.67
C SER F 123 -10.67 -3.25 15.32
N ASP F 124 -10.82 -2.63 14.15
CA ASP F 124 -12.15 -2.19 13.72
C ASP F 124 -13.09 -3.38 13.54
N PHE F 125 -12.60 -4.45 12.91
CA PHE F 125 -13.42 -5.65 12.75
C PHE F 125 -13.79 -6.24 14.10
N ARG F 126 -12.84 -6.28 15.02
CA ARG F 126 -13.10 -6.81 16.35
C ARG F 126 -14.17 -6.00 17.06
N ASP F 127 -14.07 -4.67 17.00
CA ASP F 127 -15.03 -3.81 17.67
C ASP F 127 -16.42 -3.98 17.06
N ARG F 128 -16.51 -4.00 15.73
CA ARG F 128 -17.80 -4.17 15.09
C ARG F 128 -18.41 -5.53 15.40
N THR F 129 -17.59 -6.58 15.40
CA THR F 129 -18.08 -7.91 15.73
C THR F 129 -18.58 -7.99 17.16
N ILE F 130 -17.85 -7.38 18.10
CA ILE F 130 -18.30 -7.36 19.48
C ILE F 130 -19.63 -6.60 19.60
N GLU F 131 -19.72 -5.45 18.93
CA GLU F 131 -20.96 -4.67 18.98
C GLU F 131 -22.14 -5.46 18.45
N VAL F 132 -22.01 -6.05 17.27
CA VAL F 132 -23.12 -6.81 16.71
C VAL F 132 -23.37 -8.10 17.47
N LEU F 133 -22.36 -8.63 18.18
CA LEU F 133 -22.55 -9.85 18.93
C LEU F 133 -23.34 -9.61 20.21
N LYS F 134 -23.08 -8.50 20.90
CA LYS F 134 -23.95 -8.14 22.02
C LYS F 134 -25.30 -7.62 21.55
N GLY F 135 -25.37 -7.02 20.37
CA GLY F 135 -26.63 -6.45 19.90
C GLY F 135 -27.68 -7.50 19.65
N CYS F 136 -27.30 -8.60 19.02
CA CYS F 136 -28.26 -9.65 18.67
C CYS F 136 -28.52 -10.64 19.79
N GLY F 137 -27.89 -10.47 20.95
CA GLY F 137 -28.16 -11.37 22.08
C GLY F 137 -27.83 -12.81 21.79
N VAL F 138 -26.63 -13.06 21.24
CA VAL F 138 -26.27 -14.42 20.85
C VAL F 138 -25.96 -15.26 22.08
N GLU F 139 -26.39 -16.52 22.03
CA GLU F 139 -26.18 -17.46 23.12
C GLU F 139 -25.12 -18.52 22.82
N MET F 140 -24.95 -18.89 21.56
CA MET F 140 -24.05 -19.98 21.18
C MET F 140 -23.11 -19.52 20.08
N LEU F 141 -21.87 -20.01 20.12
CA LEU F 141 -20.89 -19.78 19.06
C LEU F 141 -20.35 -21.15 18.64
N ILE F 142 -20.94 -21.72 17.59
CA ILE F 142 -20.60 -23.07 17.15
C ILE F 142 -19.55 -22.95 16.05
N ILE F 143 -18.30 -23.27 16.39
CA ILE F 143 -17.20 -23.19 15.43
C ILE F 143 -16.92 -24.60 14.92
N ASP F 144 -17.56 -24.98 13.82
CA ASP F 144 -17.25 -26.24 13.18
C ASP F 144 -15.92 -26.16 12.46
N GLU F 145 -15.30 -27.32 12.29
CA GLU F 145 -13.95 -27.43 11.71
C GLU F 145 -12.98 -26.51 12.46
N ALA F 146 -13.06 -26.55 13.78
CA ALA F 146 -12.27 -25.70 14.66
C ALA F 146 -10.80 -26.10 14.71
N ASP F 147 -10.38 -27.03 13.85
CA ASP F 147 -8.98 -27.37 13.67
C ASP F 147 -8.32 -26.60 12.54
N ARG F 148 -9.03 -25.65 11.93
CA ARG F 148 -8.50 -24.92 10.79
C ARG F 148 -7.89 -23.58 11.21
N LEU F 149 -8.52 -22.89 12.17
CA LEU F 149 -8.13 -21.53 12.50
C LEU F 149 -6.79 -21.49 13.22
N LYS F 150 -6.07 -20.39 13.02
CA LYS F 150 -4.74 -20.21 13.57
C LYS F 150 -4.80 -20.08 15.09
N PRO F 151 -3.69 -20.34 15.79
CA PRO F 151 -3.72 -20.24 17.26
C PRO F 151 -3.66 -18.81 17.75
N GLU F 152 -3.34 -17.84 16.89
CA GLU F 152 -3.46 -16.44 17.24
C GLU F 152 -4.91 -15.99 17.29
N THR F 153 -5.85 -16.82 16.82
CA THR F 153 -7.27 -16.56 16.88
C THR F 153 -7.95 -17.24 18.06
N PHE F 154 -7.32 -18.26 18.64
CA PHE F 154 -7.88 -18.89 19.82
C PHE F 154 -7.89 -17.94 21.00
N ALA F 155 -6.93 -17.01 21.05
CA ALA F 155 -6.98 -15.96 22.07
C ALA F 155 -8.21 -15.08 21.89
N ASP F 156 -8.54 -14.75 20.64
CA ASP F 156 -9.73 -13.95 20.36
C ASP F 156 -11.01 -14.69 20.76
N VAL F 157 -11.12 -15.98 20.42
CA VAL F 157 -12.31 -16.73 20.80
C VAL F 157 -12.38 -16.89 22.32
N ARG F 158 -11.21 -17.03 22.97
CA ARG F 158 -11.16 -17.07 24.43
C ARG F 158 -11.69 -15.78 25.03
N ASP F 159 -11.28 -14.64 24.46
CA ASP F 159 -11.75 -13.35 24.95
C ASP F 159 -13.25 -13.21 24.75
N ILE F 160 -13.75 -13.68 23.61
CA ILE F 160 -15.19 -13.65 23.35
C ILE F 160 -15.93 -14.42 24.42
N ALA F 161 -15.50 -15.66 24.67
CA ALA F 161 -16.19 -16.50 25.66
C ALA F 161 -15.99 -15.95 27.07
N GLU F 162 -14.92 -15.21 27.30
CA GLU F 162 -14.63 -14.71 28.63
C GLU F 162 -15.48 -13.48 28.96
N ASP F 163 -15.49 -12.50 28.06
CA ASP F 163 -16.15 -11.22 28.32
C ASP F 163 -17.61 -11.21 27.89
N LEU F 164 -17.93 -11.72 26.70
CA LEU F 164 -19.30 -11.66 26.21
C LEU F 164 -20.18 -12.78 26.75
N GLY F 165 -19.59 -13.74 27.46
CA GLY F 165 -20.36 -14.80 28.08
C GLY F 165 -21.14 -15.65 27.10
N ILE F 166 -20.48 -16.06 26.01
CA ILE F 166 -21.11 -16.87 24.98
C ILE F 166 -20.46 -18.25 24.99
N ALA F 167 -21.29 -19.29 25.15
CA ALA F 167 -20.80 -20.66 25.17
C ALA F 167 -20.33 -21.04 23.77
N VAL F 168 -19.04 -21.33 23.65
CA VAL F 168 -18.43 -21.67 22.37
C VAL F 168 -18.27 -23.18 22.30
N VAL F 169 -18.70 -23.77 21.19
CA VAL F 169 -18.52 -25.19 20.94
C VAL F 169 -17.54 -25.32 19.77
N LEU F 170 -16.37 -25.90 20.05
CA LEU F 170 -15.37 -26.14 19.01
C LEU F 170 -15.62 -27.52 18.40
N VAL F 171 -16.02 -27.54 17.14
CA VAL F 171 -16.34 -28.77 16.44
C VAL F 171 -15.25 -29.07 15.44
N GLY F 172 -14.87 -30.35 15.35
CA GLY F 172 -13.85 -30.76 14.42
C GLY F 172 -13.48 -32.21 14.65
N THR F 173 -12.58 -32.69 13.81
CA THR F 173 -12.09 -34.06 13.93
C THR F 173 -11.20 -34.19 15.15
N ASP F 174 -10.70 -35.40 15.40
CA ASP F 174 -9.81 -35.62 16.53
C ASP F 174 -8.52 -34.82 16.43
N ARG F 175 -8.17 -34.36 15.22
CA ARG F 175 -7.00 -33.49 15.08
C ARG F 175 -7.20 -32.16 15.79
N LEU F 176 -8.45 -31.73 15.98
CA LEU F 176 -8.72 -30.53 16.75
C LEU F 176 -8.26 -30.67 18.19
N ASP F 177 -8.43 -31.85 18.77
CA ASP F 177 -7.95 -32.08 20.13
C ASP F 177 -6.44 -31.95 20.21
N ALA F 178 -5.72 -32.47 19.22
CA ALA F 178 -4.28 -32.29 19.18
C ALA F 178 -3.90 -30.83 19.00
N VAL F 179 -4.65 -30.10 18.17
CA VAL F 179 -4.37 -28.69 17.92
C VAL F 179 -4.52 -27.89 19.22
N ILE F 180 -5.59 -28.16 19.97
CA ILE F 180 -5.80 -27.40 21.20
C ILE F 180 -4.91 -27.90 22.33
N LYS F 181 -4.43 -29.14 22.26
CA LYS F 181 -3.64 -29.69 23.34
C LYS F 181 -2.30 -28.95 23.50
N ARG F 182 -1.66 -28.63 22.38
CA ARG F 182 -0.39 -27.92 22.44
C ARG F 182 -0.53 -26.52 23.02
N ASP F 183 -1.74 -25.96 23.01
CA ASP F 183 -2.01 -24.69 23.67
C ASP F 183 -2.33 -24.93 25.14
N GLU F 184 -2.29 -23.85 25.92
CA GLU F 184 -2.46 -23.94 27.37
C GLU F 184 -3.86 -23.61 27.85
N GLN F 185 -4.35 -22.41 27.56
CA GLN F 185 -5.65 -21.97 28.07
C GLN F 185 -6.82 -22.60 27.35
N VAL F 186 -6.75 -22.77 26.03
CA VAL F 186 -7.90 -23.26 25.27
C VAL F 186 -8.22 -24.70 25.65
N LEU F 187 -7.21 -25.46 26.09
CA LEU F 187 -7.44 -26.84 26.49
C LEU F 187 -8.18 -26.91 27.82
N GLU F 188 -7.77 -26.08 28.79
CA GLU F 188 -8.42 -26.10 30.09
C GLU F 188 -9.83 -25.51 30.01
N ARG F 189 -9.97 -24.37 29.34
CA ARG F 189 -11.28 -23.71 29.27
C ARG F 189 -12.29 -24.57 28.51
N PHE F 190 -11.88 -25.17 27.40
CA PHE F 190 -12.74 -26.04 26.60
C PHE F 190 -12.33 -27.48 26.90
N ARG F 191 -12.98 -28.07 27.91
CA ARG F 191 -12.69 -29.44 28.30
C ARG F 191 -13.89 -30.38 28.21
N ALA F 192 -15.11 -29.89 28.42
CA ALA F 192 -16.28 -30.74 28.23
C ALA F 192 -16.39 -31.15 26.77
N HIS F 193 -16.68 -32.42 26.53
CA HIS F 193 -16.71 -32.95 25.18
C HIS F 193 -17.86 -33.93 25.03
N LEU F 194 -18.19 -34.22 23.78
CA LEU F 194 -19.21 -35.23 23.45
C LEU F 194 -18.71 -35.98 22.22
N ARG F 195 -18.05 -37.11 22.46
CA ARG F 195 -17.53 -37.90 21.36
C ARG F 195 -18.67 -38.56 20.59
N PHE F 196 -18.61 -38.47 19.26
CA PHE F 196 -19.62 -39.10 18.42
C PHE F 196 -19.36 -40.59 18.31
N GLY F 197 -20.43 -41.38 18.47
CA GLY F 197 -20.29 -42.82 18.51
C GLY F 197 -20.16 -43.43 17.12
N LYS F 198 -19.84 -44.73 17.11
CA LYS F 198 -19.67 -45.46 15.87
C LYS F 198 -21.01 -45.94 15.32
N LEU F 199 -22.01 -46.11 16.19
CA LEU F 199 -23.40 -46.47 15.91
C LEU F 199 -23.58 -47.95 15.61
N SER F 200 -22.51 -48.74 15.56
CA SER F 200 -22.65 -50.16 15.23
C SER F 200 -23.45 -50.89 16.30
N GLY F 201 -24.32 -51.80 15.85
CA GLY F 201 -25.18 -52.58 16.72
C GLY F 201 -26.57 -52.71 16.10
N GLU F 202 -27.55 -53.00 16.97
CA GLU F 202 -28.93 -53.07 16.50
C GLU F 202 -29.44 -51.68 16.13
N ASP F 203 -28.94 -50.64 16.82
CA ASP F 203 -29.27 -49.27 16.43
C ASP F 203 -28.80 -48.98 15.01
N PHE F 204 -27.70 -49.59 14.59
CA PHE F 204 -27.27 -49.45 13.20
C PHE F 204 -28.29 -50.03 12.24
N LYS F 205 -28.84 -51.21 12.56
CA LYS F 205 -29.87 -51.81 11.72
C LYS F 205 -31.12 -50.93 11.68
N ASN F 206 -31.48 -50.36 12.84
CA ASN F 206 -32.60 -49.43 12.88
C ASN F 206 -32.33 -48.24 11.98
N THR F 207 -31.09 -47.76 11.98
CA THR F 207 -30.69 -46.67 11.10
C THR F 207 -30.88 -47.05 9.63
N VAL F 208 -30.44 -48.25 9.25
CA VAL F 208 -30.59 -48.68 7.86
C VAL F 208 -32.06 -48.72 7.47
N GLU F 209 -32.90 -49.33 8.31
CA GLU F 209 -34.31 -49.45 7.97
C GLU F 209 -34.97 -48.08 7.89
N MET F 210 -34.66 -47.20 8.85
CA MET F 210 -35.24 -45.86 8.87
C MET F 210 -34.81 -45.06 7.65
N TRP F 211 -33.54 -45.18 7.26
CA TRP F 211 -33.05 -44.57 6.02
C TRP F 211 -33.80 -45.10 4.82
N GLU F 212 -34.00 -46.42 4.74
CA GLU F 212 -34.75 -47.01 3.62
C GLU F 212 -36.16 -46.43 3.54
N GLN F 213 -36.84 -46.31 4.67
CA GLN F 213 -38.18 -45.75 4.66
C GLN F 213 -38.21 -44.28 4.25
N MET F 214 -37.28 -43.46 4.78
CA MET F 214 -37.41 -42.02 4.58
C MET F 214 -36.61 -41.53 3.38
N VAL F 215 -35.29 -41.68 3.41
CA VAL F 215 -34.41 -41.02 2.46
C VAL F 215 -34.53 -41.62 1.07
N LEU F 216 -34.57 -42.96 0.98
CA LEU F 216 -34.68 -43.58 -0.34
C LEU F 216 -36.01 -43.23 -1.00
N LYS F 217 -37.10 -43.21 -0.22
CA LYS F 217 -38.41 -42.78 -0.69
C LYS F 217 -38.83 -43.55 -1.95
N LEU F 218 -38.55 -44.84 -1.94
CA LEU F 218 -38.86 -45.73 -3.05
C LEU F 218 -40.12 -46.53 -2.75
N PRO F 219 -40.78 -47.07 -3.77
CA PRO F 219 -41.97 -47.88 -3.53
C PRO F 219 -41.64 -49.11 -2.70
N VAL F 220 -42.59 -49.52 -1.87
CA VAL F 220 -42.35 -50.62 -0.94
C VAL F 220 -42.24 -51.92 -1.71
N SER F 221 -41.00 -52.43 -1.84
CA SER F 221 -40.74 -53.71 -2.48
C SER F 221 -40.32 -54.78 -1.48
N SER F 222 -40.52 -54.53 -0.18
CA SER F 222 -40.26 -55.50 0.88
C SER F 222 -38.79 -55.92 0.94
N ASN F 223 -37.88 -54.99 0.67
CA ASN F 223 -36.46 -55.26 0.86
C ASN F 223 -36.17 -55.58 2.32
N LEU F 224 -36.73 -54.78 3.23
CA LEU F 224 -36.74 -55.00 4.67
C LEU F 224 -35.35 -55.05 5.29
N LYS F 225 -34.30 -54.78 4.53
CA LYS F 225 -32.92 -54.84 5.00
C LYS F 225 -32.61 -56.23 5.58
N SER F 226 -32.62 -57.21 4.70
CA SER F 226 -32.38 -58.59 5.10
C SER F 226 -30.95 -58.77 5.62
N LYS F 227 -30.69 -59.95 6.18
CA LYS F 227 -29.42 -60.25 6.83
C LYS F 227 -28.25 -60.09 5.87
N GLU F 228 -28.40 -60.54 4.63
CA GLU F 228 -27.33 -60.39 3.65
C GLU F 228 -27.05 -58.91 3.37
N MET F 229 -28.12 -58.11 3.22
CA MET F 229 -27.96 -56.68 3.02
C MET F 229 -27.30 -56.03 4.23
N LEU F 230 -27.68 -56.44 5.43
CA LEU F 230 -27.04 -55.90 6.64
C LEU F 230 -25.56 -56.24 6.67
N ARG F 231 -25.20 -57.47 6.31
CA ARG F 231 -23.79 -57.85 6.29
C ARG F 231 -23.01 -57.04 5.26
N ILE F 232 -23.58 -56.84 4.07
CA ILE F 232 -22.91 -56.08 3.04
C ILE F 232 -22.70 -54.63 3.50
N LEU F 233 -23.74 -54.04 4.09
CA LEU F 233 -23.64 -52.65 4.52
C LEU F 233 -22.70 -52.49 5.72
N THR F 234 -22.65 -53.48 6.62
CA THR F 234 -21.69 -53.45 7.70
C THR F 234 -20.26 -53.53 7.17
N SER F 235 -20.02 -54.41 6.19
CA SER F 235 -18.69 -54.52 5.60
C SER F 235 -18.32 -53.25 4.84
N ALA F 236 -19.31 -52.56 4.29
CA ALA F 236 -19.06 -51.37 3.47
C ALA F 236 -18.83 -50.12 4.32
N THR F 237 -19.81 -49.75 5.15
CA THR F 237 -19.79 -48.45 5.81
C THR F 237 -18.79 -48.38 6.96
N GLU F 238 -18.55 -49.51 7.65
CA GLU F 238 -17.75 -49.55 8.87
C GLU F 238 -18.32 -48.67 9.97
N GLY F 239 -19.63 -48.42 9.94
CA GLY F 239 -20.30 -47.65 10.96
C GLY F 239 -20.54 -46.19 10.61
N TYR F 240 -19.94 -45.69 9.53
CA TYR F 240 -20.07 -44.29 9.19
C TYR F 240 -21.45 -43.99 8.62
N ILE F 241 -22.07 -42.92 9.13
CA ILE F 241 -23.33 -42.45 8.56
C ILE F 241 -23.12 -41.90 7.17
N GLY F 242 -22.04 -41.16 6.95
CA GLY F 242 -21.78 -40.60 5.63
C GLY F 242 -21.55 -41.67 4.58
N ARG F 243 -20.78 -42.71 4.92
CA ARG F 243 -20.58 -43.81 3.99
C ARG F 243 -21.90 -44.52 3.71
N LEU F 244 -22.73 -44.71 4.73
CA LEU F 244 -24.05 -45.32 4.52
C LEU F 244 -24.87 -44.50 3.56
N ASP F 245 -24.89 -43.17 3.75
CA ASP F 245 -25.64 -42.30 2.86
C ASP F 245 -25.13 -42.39 1.44
N GLU F 246 -23.80 -42.32 1.27
CA GLU F 246 -23.22 -42.35 -0.07
C GLU F 246 -23.52 -43.67 -0.77
N ILE F 247 -23.36 -44.79 -0.06
CA ILE F 247 -23.59 -46.10 -0.67
C ILE F 247 -25.06 -46.27 -1.04
N LEU F 248 -25.97 -45.88 -0.14
CA LEU F 248 -27.39 -45.99 -0.42
C LEU F 248 -27.79 -45.14 -1.63
N ARG F 249 -27.33 -43.89 -1.67
CA ARG F 249 -27.68 -43.02 -2.78
C ARG F 249 -27.11 -43.53 -4.09
N GLU F 250 -25.85 -44.00 -4.07
CA GLU F 250 -25.24 -44.52 -5.29
C GLU F 250 -25.97 -45.74 -5.78
N ALA F 251 -26.33 -46.66 -4.88
CA ALA F 251 -27.07 -47.85 -5.29
C ALA F 251 -28.44 -47.49 -5.85
N ALA F 252 -29.15 -46.56 -5.20
CA ALA F 252 -30.47 -46.17 -5.69
C ALA F 252 -30.37 -45.54 -7.08
N ILE F 253 -29.39 -44.65 -7.26
CA ILE F 253 -29.25 -43.97 -8.55
C ILE F 253 -28.82 -44.96 -9.63
N ARG F 254 -27.97 -45.92 -9.28
CA ARG F 254 -27.54 -46.91 -10.27
C ARG F 254 -28.68 -47.84 -10.65
N SER F 255 -29.52 -48.21 -9.69
CA SER F 255 -30.69 -49.03 -10.00
C SER F 255 -31.69 -48.26 -10.87
N LEU F 256 -31.91 -46.98 -10.56
CA LEU F 256 -32.85 -46.18 -11.33
C LEU F 256 -32.33 -45.84 -12.72
N SER F 257 -31.01 -45.81 -12.90
CA SER F 257 -30.43 -45.51 -14.20
C SER F 257 -30.54 -46.69 -15.15
N ARG F 258 -30.46 -47.91 -14.63
CA ARG F 258 -30.51 -49.12 -15.43
C ARG F 258 -31.92 -49.69 -15.56
N GLY F 259 -32.93 -48.95 -15.10
CA GLY F 259 -34.31 -49.35 -15.23
C GLY F 259 -34.85 -50.18 -14.09
N LEU F 260 -34.01 -50.61 -13.15
CA LEU F 260 -34.48 -51.42 -12.05
C LEU F 260 -35.33 -50.58 -11.09
N LYS F 261 -36.54 -51.06 -10.81
CA LYS F 261 -37.44 -50.33 -9.91
C LYS F 261 -36.90 -50.31 -8.49
N LYS F 262 -36.38 -51.43 -8.01
CA LYS F 262 -35.82 -51.52 -6.67
C LYS F 262 -34.30 -51.76 -6.77
N ILE F 263 -33.69 -51.92 -5.60
CA ILE F 263 -32.24 -52.02 -5.49
C ILE F 263 -31.85 -53.48 -5.36
N ASP F 264 -31.04 -53.98 -6.29
CA ASP F 264 -30.72 -55.39 -6.33
C ASP F 264 -29.44 -55.67 -5.54
N LYS F 265 -29.03 -56.95 -5.54
CA LYS F 265 -27.82 -57.34 -4.83
C LYS F 265 -26.57 -56.95 -5.60
N ALA F 266 -26.63 -56.99 -6.93
CA ALA F 266 -25.46 -56.70 -7.75
C ALA F 266 -24.99 -55.27 -7.55
N VAL F 267 -25.92 -54.33 -7.39
CA VAL F 267 -25.51 -52.94 -7.23
C VAL F 267 -24.82 -52.70 -5.90
N LEU F 268 -25.31 -53.31 -4.80
CA LEU F 268 -24.59 -53.21 -3.54
C LEU F 268 -23.22 -53.85 -3.63
N GLN F 269 -23.11 -55.00 -4.29
CA GLN F 269 -21.80 -55.61 -4.45
C GLN F 269 -20.86 -54.71 -5.24
N GLU F 270 -21.36 -54.11 -6.32
CA GLU F 270 -20.55 -53.21 -7.14
C GLU F 270 -20.07 -52.01 -6.35
N VAL F 271 -20.98 -51.37 -5.60
CA VAL F 271 -20.59 -50.16 -4.87
C VAL F 271 -19.68 -50.51 -3.71
N ALA F 272 -19.87 -51.69 -3.10
CA ALA F 272 -19.01 -52.10 -2.00
C ALA F 272 -17.59 -52.38 -2.49
N LYS F 273 -17.46 -53.09 -3.61
CA LYS F 273 -16.11 -53.36 -4.11
C LYS F 273 -15.45 -52.11 -4.67
N GLU F 274 -16.24 -51.19 -5.22
CA GLU F 274 -15.74 -49.90 -5.69
C GLU F 274 -15.19 -49.05 -4.54
N TYR F 275 -15.76 -49.17 -3.35
CA TYR F 275 -15.25 -48.49 -2.16
C TYR F 275 -14.04 -49.21 -1.58
N LYS F 276 -14.12 -50.52 -1.41
CA LYS F 276 -13.03 -51.28 -0.82
C LYS F 276 -12.59 -52.43 -1.72
N ASP G 17 7.57 -34.38 -52.56
CA ASP G 17 7.66 -35.49 -51.61
C ASP G 17 8.27 -35.03 -50.29
N ASP G 18 9.22 -34.09 -50.40
CA ASP G 18 9.83 -33.52 -49.20
C ASP G 18 8.80 -32.80 -48.35
N GLU G 19 7.90 -32.05 -48.99
CA GLU G 19 6.80 -31.42 -48.26
C GLU G 19 5.91 -32.47 -47.62
N TRP G 20 5.65 -33.56 -48.33
CA TRP G 20 4.90 -34.67 -47.75
C TRP G 20 5.63 -35.30 -46.58
N LEU G 21 6.97 -35.42 -46.69
CA LEU G 21 7.75 -35.96 -45.57
C LEU G 21 7.67 -35.05 -44.36
N GLN G 22 7.75 -33.74 -44.57
CA GLN G 22 7.61 -32.81 -43.46
C GLN G 22 6.22 -32.89 -42.83
N ALA G 23 5.18 -33.02 -43.66
CA ALA G 23 3.83 -33.19 -43.13
C ALA G 23 3.74 -34.47 -42.29
N GLU G 24 4.34 -35.56 -42.78
CA GLU G 24 4.29 -36.82 -42.06
C GLU G 24 5.01 -36.73 -40.72
N ILE G 25 6.20 -36.11 -40.71
CA ILE G 25 6.95 -36.02 -39.45
C ILE G 25 6.24 -35.09 -38.46
N ALA G 26 5.63 -34.02 -38.97
CA ALA G 26 4.88 -33.12 -38.09
C ALA G 26 3.67 -33.83 -37.50
N ARG G 27 2.95 -34.61 -38.32
CA ARG G 27 1.79 -35.36 -37.82
C ARG G 27 2.21 -36.40 -36.81
N LEU G 28 3.32 -37.11 -37.07
CA LEU G 28 3.80 -38.13 -36.15
C LEU G 28 4.26 -37.51 -34.83
N LYS G 29 4.84 -36.32 -34.87
CA LYS G 29 5.21 -35.64 -33.65
C LYS G 29 3.98 -35.33 -32.80
N GLY G 30 2.90 -34.89 -33.44
CA GLY G 30 1.69 -34.58 -32.70
C GLY G 30 0.95 -35.83 -32.27
N LYS G 31 0.49 -35.80 -31.03
CA LYS G 31 -0.23 -36.93 -30.46
C LYS G 31 -1.74 -36.80 -30.73
N SER G 32 -2.41 -37.93 -30.72
CA SER G 32 -3.84 -38.01 -30.98
C SER G 32 -4.54 -38.73 -29.83
N ILE G 33 -5.85 -38.86 -29.94
CA ILE G 33 -6.67 -39.52 -28.92
C ILE G 33 -7.46 -40.62 -29.62
N VAL G 34 -6.95 -41.85 -29.54
CA VAL G 34 -7.70 -43.02 -29.97
C VAL G 34 -8.63 -43.43 -28.84
N PRO G 35 -9.95 -43.48 -29.07
CA PRO G 35 -10.88 -43.88 -28.00
C PRO G 35 -10.93 -45.39 -27.86
N LEU G 36 -10.51 -45.89 -26.69
CA LEU G 36 -10.50 -47.32 -26.42
C LEU G 36 -11.24 -47.57 -25.11
N GLN G 37 -11.34 -48.85 -24.74
CA GLN G 37 -12.21 -49.26 -23.65
C GLN G 37 -11.82 -48.63 -22.32
N GLN G 38 -10.53 -48.34 -22.12
CA GLN G 38 -10.10 -47.71 -20.89
C GLN G 38 -10.79 -46.35 -20.71
N VAL G 39 -10.68 -45.48 -21.72
CA VAL G 39 -11.33 -44.18 -21.63
C VAL G 39 -12.85 -44.33 -21.67
N LYS G 40 -13.36 -45.40 -22.30
CA LYS G 40 -14.79 -45.60 -22.31
C LYS G 40 -15.33 -45.88 -20.91
N THR G 41 -14.72 -46.83 -20.22
CA THR G 41 -15.03 -47.05 -18.81
C THR G 41 -14.85 -45.77 -18.02
N LEU G 42 -13.79 -45.01 -18.30
CA LEU G 42 -13.53 -43.84 -17.48
C LEU G 42 -14.64 -42.79 -17.62
N HIS G 43 -15.06 -42.46 -18.84
CA HIS G 43 -16.05 -41.38 -18.90
C HIS G 43 -17.45 -41.89 -18.60
N ASP G 44 -17.68 -43.21 -18.74
CA ASP G 44 -18.92 -43.77 -18.21
C ASP G 44 -18.98 -43.59 -16.70
N TRP G 45 -17.90 -43.93 -16.00
CA TRP G 45 -17.85 -43.74 -14.56
C TRP G 45 -17.96 -42.26 -14.20
N LEU G 46 -17.33 -41.39 -15.00
CA LEU G 46 -17.38 -39.96 -14.74
C LEU G 46 -18.79 -39.41 -14.91
N ASP G 47 -19.51 -39.87 -15.93
CA ASP G 47 -20.90 -39.47 -16.11
C ASP G 47 -21.76 -39.96 -14.95
N GLY G 48 -21.51 -41.19 -14.50
CA GLY G 48 -22.23 -41.71 -13.35
C GLY G 48 -22.00 -40.88 -12.10
N LYS G 49 -20.75 -40.47 -11.86
CA LYS G 49 -20.45 -39.65 -10.70
C LYS G 49 -20.99 -38.23 -10.87
N ARG G 50 -21.05 -37.74 -12.11
CA ARG G 50 -21.55 -36.40 -12.37
C ARG G 50 -23.05 -36.30 -12.16
N LYS G 51 -23.81 -37.33 -12.55
CA LYS G 51 -25.26 -37.27 -12.41
C LYS G 51 -25.70 -37.27 -10.95
N ALA G 52 -24.81 -37.66 -10.04
CA ALA G 52 -25.13 -37.71 -8.62
C ALA G 52 -24.29 -36.76 -7.79
N ARG G 53 -23.43 -35.95 -8.42
CA ARG G 53 -22.51 -35.05 -7.72
C ARG G 53 -21.69 -35.82 -6.68
N LYS G 54 -21.23 -37.01 -7.08
CA LYS G 54 -20.44 -37.87 -6.21
C LYS G 54 -18.96 -37.61 -6.45
N SER G 55 -18.27 -37.14 -5.42
CA SER G 55 -16.86 -36.81 -5.51
C SER G 55 -16.02 -38.07 -5.29
N CYS G 56 -15.28 -38.46 -6.31
CA CYS G 56 -14.46 -39.67 -6.29
C CYS G 56 -13.01 -39.30 -6.56
N ARG G 57 -12.18 -40.33 -6.76
CA ARG G 57 -10.77 -40.14 -7.08
C ARG G 57 -10.30 -41.26 -7.98
N VAL G 58 -10.06 -40.95 -9.26
CA VAL G 58 -9.57 -41.93 -10.21
C VAL G 58 -8.05 -42.01 -10.01
N VAL G 59 -7.54 -43.22 -9.85
CA VAL G 59 -6.13 -43.45 -9.57
C VAL G 59 -5.58 -44.41 -10.62
N GLY G 60 -4.26 -44.46 -10.75
CA GLY G 60 -3.65 -45.36 -11.70
C GLY G 60 -2.15 -45.22 -11.70
N GLU G 61 -1.51 -45.98 -12.59
CA GLU G 61 -0.07 -45.96 -12.72
C GLU G 61 0.38 -44.69 -13.43
N SER G 62 1.68 -44.57 -13.65
CA SER G 62 2.26 -43.47 -14.40
C SER G 62 2.44 -43.87 -15.86
N ARG G 63 2.27 -42.90 -16.75
CA ARG G 63 2.40 -43.10 -18.20
C ARG G 63 1.44 -44.19 -18.69
N THR G 64 0.22 -44.17 -18.12
CA THR G 64 -0.78 -45.17 -18.49
C THR G 64 -1.97 -44.60 -19.24
N GLY G 65 -2.22 -43.30 -19.19
CA GLY G 65 -3.24 -42.68 -20.00
C GLY G 65 -4.47 -42.17 -19.28
N LYS G 66 -4.33 -41.65 -18.07
CA LYS G 66 -5.45 -41.07 -17.34
C LYS G 66 -5.71 -39.62 -17.74
N THR G 67 -4.63 -38.86 -17.96
CA THR G 67 -4.76 -37.44 -18.31
C THR G 67 -5.50 -37.28 -19.63
N VAL G 68 -5.16 -38.11 -20.63
CA VAL G 68 -5.81 -37.99 -21.94
C VAL G 68 -7.28 -38.34 -21.84
N ALA G 69 -7.62 -39.36 -21.05
CA ALA G 69 -9.04 -39.73 -20.90
C ALA G 69 -9.83 -38.64 -20.18
N CYS G 70 -9.26 -38.07 -19.12
CA CYS G 70 -9.93 -36.94 -18.46
C CYS G 70 -10.07 -35.76 -19.42
N ASP G 71 -9.05 -35.54 -20.26
CA ASP G 71 -9.13 -34.49 -21.26
C ASP G 71 -10.27 -34.73 -22.22
N ALA G 72 -10.42 -35.98 -22.67
CA ALA G 72 -11.52 -36.32 -23.59
C ALA G 72 -12.86 -36.08 -22.93
N TYR G 73 -13.01 -36.50 -21.67
CA TYR G 73 -14.24 -36.21 -20.95
C TYR G 73 -14.46 -34.71 -20.79
N ARG G 74 -13.38 -33.93 -20.78
CA ARG G 74 -13.53 -32.48 -20.74
C ARG G 74 -14.02 -31.93 -22.07
N TYR G 75 -13.43 -32.36 -23.19
CA TYR G 75 -13.84 -31.75 -24.46
C TYR G 75 -15.20 -32.23 -24.93
N ARG G 76 -15.62 -33.44 -24.54
CA ARG G 76 -16.91 -33.92 -25.06
C ARG G 76 -18.05 -33.01 -24.65
N HIS G 77 -18.04 -32.55 -23.39
CA HIS G 77 -18.97 -31.52 -22.95
C HIS G 77 -18.36 -30.13 -23.17
N LYS G 78 -18.19 -29.78 -24.43
CA LYS G 78 -17.74 -28.44 -24.76
C LYS G 78 -18.81 -27.44 -24.33
N PRO G 79 -18.48 -26.47 -23.48
CA PRO G 79 -19.51 -25.56 -22.96
C PRO G 79 -20.25 -24.84 -24.08
N GLN G 80 -21.58 -24.86 -24.01
CA GLN G 80 -22.44 -24.12 -24.92
C GLN G 80 -22.87 -22.83 -24.21
N GLN G 81 -22.52 -21.70 -24.78
CA GLN G 81 -22.75 -20.41 -24.14
C GLN G 81 -24.03 -19.78 -24.68
N GLU G 82 -24.78 -19.15 -23.77
CA GLU G 82 -25.96 -18.39 -24.18
C GLU G 82 -25.52 -17.08 -24.82
N ALA G 83 -26.47 -16.40 -25.47
CA ALA G 83 -26.18 -15.17 -26.19
C ALA G 83 -25.60 -14.10 -25.27
N GLY G 84 -26.18 -13.95 -24.08
CA GLY G 84 -25.76 -12.89 -23.18
C GLY G 84 -25.52 -13.28 -21.73
N ARG G 85 -25.37 -14.56 -21.44
CA ARG G 85 -25.13 -15.03 -20.09
C ARG G 85 -23.82 -15.80 -20.02
N PRO G 86 -23.24 -15.99 -18.79
CA PRO G 86 -21.96 -16.71 -18.82
C PRO G 86 -22.06 -18.08 -19.47
N PRO G 87 -20.98 -18.52 -20.14
CA PRO G 87 -21.02 -19.87 -20.69
C PRO G 87 -21.16 -20.88 -19.57
N THR G 88 -22.00 -21.89 -19.77
CA THR G 88 -22.19 -22.87 -18.72
C THR G 88 -21.18 -23.97 -18.94
N VAL G 89 -20.26 -24.12 -18.00
CA VAL G 89 -19.22 -25.13 -18.15
C VAL G 89 -19.53 -26.31 -17.22
N PRO G 90 -19.92 -27.49 -17.79
CA PRO G 90 -20.30 -28.54 -16.84
C PRO G 90 -19.11 -29.22 -16.19
N VAL G 91 -18.01 -29.39 -16.92
CA VAL G 91 -16.84 -30.11 -16.44
C VAL G 91 -15.68 -29.13 -16.37
N VAL G 92 -15.05 -29.06 -15.20
CA VAL G 92 -13.85 -28.25 -15.00
C VAL G 92 -12.68 -29.20 -14.82
N TYR G 93 -11.64 -29.00 -15.62
CA TYR G 93 -10.43 -29.80 -15.57
C TYR G 93 -9.26 -28.90 -15.17
N ILE G 94 -8.54 -29.29 -14.12
CA ILE G 94 -7.37 -28.53 -13.67
C ILE G 94 -6.23 -29.50 -13.43
N ARG G 95 -5.00 -29.01 -13.66
CA ARG G 95 -3.78 -29.72 -13.32
C ARG G 95 -2.88 -28.75 -12.57
N PRO G 96 -3.11 -28.57 -11.27
CA PRO G 96 -2.30 -27.61 -10.51
C PRO G 96 -0.82 -27.96 -10.49
N HIS G 97 0.04 -26.94 -10.44
CA HIS G 97 1.48 -27.15 -10.49
C HIS G 97 1.99 -27.65 -9.14
N GLN G 98 3.30 -27.89 -9.09
CA GLN G 98 3.93 -28.41 -7.89
C GLN G 98 3.79 -27.43 -6.73
N LYS G 99 3.38 -27.95 -5.57
CA LYS G 99 3.18 -27.17 -4.36
C LYS G 99 2.20 -26.02 -4.60
N CYS G 100 1.08 -26.36 -5.26
CA CYS G 100 0.06 -25.37 -5.58
C CYS G 100 -0.65 -24.92 -4.30
N GLY G 101 -0.54 -23.65 -3.97
CA GLY G 101 -1.24 -23.09 -2.85
C GLY G 101 -2.69 -22.82 -3.15
N PRO G 102 -3.43 -22.38 -2.12
CA PRO G 102 -4.87 -22.12 -2.32
C PRO G 102 -5.12 -20.97 -3.26
N LYS G 103 -4.33 -19.90 -3.17
CA LYS G 103 -4.47 -18.77 -4.08
C LYS G 103 -4.22 -19.21 -5.52
N ASP G 104 -3.18 -20.02 -5.74
CA ASP G 104 -2.87 -20.49 -7.08
C ASP G 104 -4.00 -21.35 -7.63
N LEU G 105 -4.55 -22.25 -6.79
CA LEU G 105 -5.64 -23.10 -7.24
C LEU G 105 -6.87 -22.28 -7.59
N PHE G 106 -7.23 -21.31 -6.76
CA PHE G 106 -8.39 -20.47 -7.05
C PHE G 106 -8.17 -19.67 -8.33
N LYS G 107 -6.96 -19.15 -8.51
CA LYS G 107 -6.60 -18.48 -9.75
C LYS G 107 -6.85 -19.39 -10.95
N LYS G 108 -6.41 -20.65 -10.86
CA LYS G 108 -6.61 -21.58 -11.97
C LYS G 108 -8.10 -21.84 -12.22
N ILE G 109 -8.88 -22.03 -11.15
CA ILE G 109 -10.31 -22.28 -11.32
C ILE G 109 -10.97 -21.13 -12.05
N THR G 110 -10.74 -19.90 -11.60
CA THR G 110 -11.40 -18.77 -12.22
C THR G 110 -10.78 -18.41 -13.57
N GLU G 111 -9.56 -18.87 -13.85
CA GLU G 111 -8.95 -18.63 -15.14
C GLU G 111 -9.50 -19.57 -16.20
N TYR G 112 -9.78 -20.82 -15.82
CA TYR G 112 -10.33 -21.75 -16.81
C TYR G 112 -11.69 -21.28 -17.28
N LEU G 113 -12.52 -20.77 -16.35
CA LEU G 113 -13.83 -20.22 -16.67
C LEU G 113 -13.74 -18.91 -17.44
N LYS G 114 -12.52 -18.44 -17.73
CA LYS G 114 -12.29 -17.21 -18.49
C LYS G 114 -12.75 -15.98 -17.72
N TYR G 115 -12.40 -15.94 -16.44
CA TYR G 115 -12.59 -14.77 -15.58
C TYR G 115 -11.22 -14.36 -15.06
N ARG G 116 -10.61 -13.35 -15.68
CA ARG G 116 -9.30 -12.92 -15.26
C ARG G 116 -9.34 -12.39 -13.82
N VAL G 117 -8.28 -12.68 -13.08
CA VAL G 117 -8.26 -12.43 -11.64
C VAL G 117 -8.03 -10.95 -11.39
N THR G 118 -8.38 -10.50 -10.19
CA THR G 118 -8.07 -9.16 -9.72
C THR G 118 -7.18 -9.28 -8.48
N LYS G 119 -6.17 -8.42 -8.40
CA LYS G 119 -5.24 -8.45 -7.27
C LYS G 119 -5.99 -8.29 -5.96
N GLY G 120 -5.62 -9.13 -4.98
CA GLY G 120 -6.27 -9.08 -3.69
C GLY G 120 -5.76 -10.19 -2.81
N THR G 121 -6.40 -10.32 -1.64
CA THR G 121 -6.04 -11.34 -0.67
C THR G 121 -6.58 -12.71 -1.09
N VAL G 122 -6.21 -13.73 -0.31
CA VAL G 122 -6.69 -15.09 -0.58
C VAL G 122 -8.20 -15.15 -0.42
N SER G 123 -8.74 -14.39 0.53
CA SER G 123 -10.19 -14.35 0.72
C SER G 123 -10.89 -13.78 -0.51
N ASP G 124 -10.32 -12.74 -1.11
CA ASP G 124 -10.90 -12.17 -2.32
C ASP G 124 -10.92 -13.18 -3.46
N PHE G 125 -9.81 -13.90 -3.64
CA PHE G 125 -9.75 -14.93 -4.68
C PHE G 125 -10.77 -16.03 -4.41
N ARG G 126 -10.91 -16.44 -3.15
CA ARG G 126 -11.89 -17.46 -2.79
C ARG G 126 -13.30 -17.01 -3.10
N ASP G 127 -13.63 -15.77 -2.74
CA ASP G 127 -14.97 -15.25 -2.98
C ASP G 127 -15.26 -15.16 -4.47
N ARG G 128 -14.30 -14.65 -5.25
CA ARG G 128 -14.51 -14.54 -6.69
C ARG G 128 -14.64 -15.91 -7.34
N THR G 129 -13.82 -16.87 -6.91
CA THR G 129 -13.91 -18.22 -7.45
C THR G 129 -15.24 -18.86 -7.12
N ILE G 130 -15.73 -18.69 -5.89
CA ILE G 130 -17.03 -19.24 -5.53
C ILE G 130 -18.13 -18.60 -6.37
N GLU G 131 -18.07 -17.28 -6.54
CA GLU G 131 -19.06 -16.58 -7.34
C GLU G 131 -19.09 -17.09 -8.76
N VAL G 132 -17.94 -17.14 -9.43
CA VAL G 132 -17.90 -17.62 -10.81
C VAL G 132 -18.19 -19.11 -10.90
N LEU G 133 -17.96 -19.87 -9.83
CA LEU G 133 -18.23 -21.31 -9.88
C LEU G 133 -19.72 -21.59 -9.79
N LYS G 134 -20.45 -20.85 -8.96
CA LYS G 134 -21.90 -20.98 -9.00
C LYS G 134 -22.51 -20.32 -10.22
N GLY G 135 -21.86 -19.29 -10.76
CA GLY G 135 -22.43 -18.59 -11.90
C GLY G 135 -22.49 -19.44 -13.15
N CYS G 136 -21.44 -20.20 -13.43
CA CYS G 136 -21.38 -21.01 -14.64
C CYS G 136 -22.05 -22.37 -14.49
N GLY G 137 -22.59 -22.69 -13.31
CA GLY G 137 -23.30 -23.96 -13.16
C GLY G 137 -22.40 -25.17 -13.37
N VAL G 138 -21.23 -25.17 -12.75
CA VAL G 138 -20.28 -26.25 -12.96
C VAL G 138 -20.75 -27.52 -12.26
N GLU G 139 -20.54 -28.65 -12.92
CA GLU G 139 -20.91 -29.96 -12.40
C GLU G 139 -19.73 -30.79 -11.92
N MET G 140 -18.56 -30.63 -12.54
CA MET G 140 -17.41 -31.47 -12.26
C MET G 140 -16.20 -30.60 -11.96
N LEU G 141 -15.35 -31.06 -11.05
CA LEU G 141 -14.06 -30.43 -10.74
C LEU G 141 -12.99 -31.50 -10.84
N ILE G 142 -12.36 -31.60 -12.00
CA ILE G 142 -11.38 -32.65 -12.28
C ILE G 142 -9.99 -32.09 -11.96
N ILE G 143 -9.42 -32.53 -10.84
CA ILE G 143 -8.11 -32.06 -10.42
C ILE G 143 -7.09 -33.14 -10.79
N ASP G 144 -6.51 -33.04 -11.97
CA ASP G 144 -5.43 -33.94 -12.36
C ASP G 144 -4.15 -33.57 -11.63
N GLU G 145 -3.29 -34.57 -11.47
CA GLU G 145 -2.04 -34.42 -10.70
C GLU G 145 -2.35 -33.89 -9.31
N ALA G 146 -3.38 -34.47 -8.68
CA ALA G 146 -3.85 -34.04 -7.37
C ALA G 146 -2.91 -34.43 -6.24
N ASP G 147 -1.71 -34.92 -6.57
CA ASP G 147 -0.67 -35.17 -5.59
C ASP G 147 0.30 -33.99 -5.47
N ARG G 148 0.02 -32.88 -6.14
CA ARG G 148 0.94 -31.75 -6.14
C ARG G 148 0.53 -30.70 -5.11
N LEU G 149 -0.78 -30.46 -4.96
CA LEU G 149 -1.25 -29.34 -4.15
C LEU G 149 -1.04 -29.60 -2.67
N LYS G 150 -0.82 -28.50 -1.94
CA LYS G 150 -0.53 -28.56 -0.51
C LYS G 150 -1.75 -29.06 0.27
N PRO G 151 -1.55 -29.59 1.48
CA PRO G 151 -2.70 -30.09 2.26
C PRO G 151 -3.52 -28.98 2.90
N GLU G 152 -3.00 -27.75 2.93
CA GLU G 152 -3.80 -26.61 3.34
C GLU G 152 -4.83 -26.21 2.28
N THR G 153 -4.74 -26.79 1.07
CA THR G 153 -5.69 -26.58 0.00
C THR G 153 -6.73 -27.67 -0.09
N PHE G 154 -6.46 -28.84 0.49
CA PHE G 154 -7.46 -29.91 0.51
C PHE G 154 -8.66 -29.50 1.34
N ALA G 155 -8.46 -28.67 2.37
CA ALA G 155 -9.60 -28.13 3.11
C ALA G 155 -10.46 -27.26 2.20
N ASP G 156 -9.83 -26.44 1.36
CA ASP G 156 -10.57 -25.61 0.42
C ASP G 156 -11.35 -26.44 -0.58
N VAL G 157 -10.73 -27.48 -1.16
CA VAL G 157 -11.46 -28.32 -2.10
C VAL G 157 -12.58 -29.08 -1.39
N ARG G 158 -12.35 -29.48 -0.13
CA ARG G 158 -13.40 -30.11 0.66
C ARG G 158 -14.57 -29.17 0.85
N ASP G 159 -14.30 -27.89 1.15
CA ASP G 159 -15.36 -26.92 1.32
C ASP G 159 -16.12 -26.71 0.02
N ILE G 160 -15.39 -26.68 -1.10
CA ILE G 160 -16.04 -26.54 -2.41
C ILE G 160 -17.01 -27.69 -2.63
N ALA G 161 -16.54 -28.92 -2.43
CA ALA G 161 -17.39 -30.09 -2.66
C ALA G 161 -18.52 -30.17 -1.64
N GLU G 162 -18.32 -29.58 -0.46
CA GLU G 162 -19.32 -29.65 0.60
C GLU G 162 -20.45 -28.67 0.35
N ASP G 163 -20.11 -27.41 0.10
CA ASP G 163 -21.11 -26.35 -0.01
C ASP G 163 -21.64 -26.15 -1.43
N LEU G 164 -20.76 -26.14 -2.43
CA LEU G 164 -21.21 -25.89 -3.80
C LEU G 164 -21.73 -27.13 -4.49
N GLY G 165 -21.61 -28.30 -3.87
CA GLY G 165 -22.17 -29.52 -4.41
C GLY G 165 -21.59 -29.90 -5.76
N ILE G 166 -20.27 -29.84 -5.90
CA ILE G 166 -19.58 -30.16 -7.14
C ILE G 166 -18.77 -31.43 -6.93
N ALA G 167 -19.01 -32.43 -7.76
CA ALA G 167 -18.29 -33.70 -7.66
C ALA G 167 -16.86 -33.49 -8.10
N VAL G 168 -15.93 -33.70 -7.18
CA VAL G 168 -14.51 -33.49 -7.43
C VAL G 168 -13.85 -34.85 -7.68
N VAL G 169 -13.08 -34.94 -8.76
CA VAL G 169 -12.31 -36.13 -9.07
C VAL G 169 -10.83 -35.77 -8.91
N LEU G 170 -10.17 -36.41 -7.95
CA LEU G 170 -8.75 -36.21 -7.73
C LEU G 170 -7.97 -37.22 -8.57
N VAL G 171 -7.26 -36.73 -9.58
CA VAL G 171 -6.51 -37.57 -10.49
C VAL G 171 -5.02 -37.44 -10.19
N GLY G 172 -4.32 -38.56 -10.22
CA GLY G 172 -2.89 -38.57 -9.97
C GLY G 172 -2.39 -39.98 -9.88
N THR G 173 -1.07 -40.09 -9.70
CA THR G 173 -0.43 -41.38 -9.55
C THR G 173 -0.79 -41.99 -8.20
N ASP G 174 -0.29 -43.20 -7.95
CA ASP G 174 -0.55 -43.87 -6.68
C ASP G 174 0.01 -43.08 -5.50
N ARG G 175 0.95 -42.17 -5.72
CA ARG G 175 1.44 -41.32 -4.65
C ARG G 175 0.36 -40.40 -4.13
N LEU G 176 -0.64 -40.08 -4.96
CA LEU G 176 -1.78 -39.28 -4.50
C LEU G 176 -2.54 -40.00 -3.39
N ASP G 177 -2.68 -41.32 -3.49
CA ASP G 177 -3.35 -42.09 -2.45
C ASP G 177 -2.58 -41.99 -1.13
N ALA G 178 -1.25 -42.06 -1.19
CA ALA G 178 -0.45 -41.88 0.01
C ALA G 178 -0.58 -40.47 0.56
N VAL G 179 -0.64 -39.48 -0.32
CA VAL G 179 -0.76 -38.09 0.12
C VAL G 179 -2.08 -37.88 0.85
N ILE G 180 -3.17 -38.42 0.31
CA ILE G 180 -4.47 -38.23 0.96
C ILE G 180 -4.63 -39.14 2.17
N LYS G 181 -3.89 -40.25 2.23
CA LYS G 181 -4.06 -41.19 3.34
C LYS G 181 -3.66 -40.58 4.67
N ARG G 182 -2.55 -39.83 4.68
CA ARG G 182 -2.10 -39.20 5.92
C ARG G 182 -3.09 -38.16 6.43
N ASP G 183 -3.96 -37.64 5.57
CA ASP G 183 -5.03 -36.76 6.00
C ASP G 183 -6.24 -37.57 6.45
N GLU G 184 -7.16 -36.90 7.14
CA GLU G 184 -8.31 -37.56 7.75
C GLU G 184 -9.58 -37.46 6.92
N GLN G 185 -10.05 -36.24 6.65
CA GLN G 185 -11.31 -36.04 5.96
C GLN G 185 -11.25 -36.34 4.47
N VAL G 186 -10.16 -35.96 3.80
CA VAL G 186 -10.09 -36.10 2.35
C VAL G 186 -10.08 -37.58 1.95
N LEU G 187 -9.57 -38.45 2.83
CA LEU G 187 -9.55 -39.86 2.53
C LEU G 187 -10.95 -40.46 2.61
N GLU G 188 -11.71 -40.11 3.64
CA GLU G 188 -13.05 -40.65 3.79
C GLU G 188 -14.00 -40.08 2.74
N ARG G 189 -13.95 -38.76 2.53
CA ARG G 189 -14.86 -38.14 1.57
C ARG G 189 -14.60 -38.61 0.16
N PHE G 190 -13.33 -38.72 -0.23
CA PHE G 190 -12.94 -39.18 -1.55
C PHE G 190 -12.45 -40.62 -1.41
N ARG G 191 -13.38 -41.58 -1.53
CA ARG G 191 -13.06 -42.99 -1.41
C ARG G 191 -13.36 -43.80 -2.66
N ALA G 192 -14.37 -43.45 -3.43
CA ALA G 192 -14.64 -44.14 -4.69
C ALA G 192 -13.48 -43.93 -5.64
N HIS G 193 -13.04 -45.01 -6.30
CA HIS G 193 -11.86 -44.93 -7.16
C HIS G 193 -12.08 -45.78 -8.40
N LEU G 194 -11.25 -45.54 -9.40
CA LEU G 194 -11.25 -46.33 -10.64
C LEU G 194 -9.79 -46.51 -11.05
N ARG G 195 -9.21 -47.64 -10.65
CA ARG G 195 -7.82 -47.91 -10.99
C ARG G 195 -7.69 -48.21 -12.47
N PHE G 196 -6.69 -47.59 -13.10
CA PHE G 196 -6.44 -47.82 -14.52
C PHE G 196 -5.71 -49.14 -14.71
N GLY G 197 -6.18 -49.92 -15.68
CA GLY G 197 -5.64 -51.25 -15.88
C GLY G 197 -4.34 -51.25 -16.65
N LYS G 198 -3.71 -52.43 -16.68
CA LYS G 198 -2.44 -52.60 -17.37
C LYS G 198 -2.64 -52.82 -18.88
N LEU G 199 -3.81 -53.33 -19.27
CA LEU G 199 -4.28 -53.54 -20.64
C LEU G 199 -3.67 -54.78 -21.29
N SER G 200 -2.75 -55.49 -20.63
CA SER G 200 -2.11 -56.64 -21.24
C SER G 200 -3.13 -57.75 -21.50
N GLY G 201 -3.00 -58.39 -22.66
CA GLY G 201 -3.88 -59.46 -23.09
C GLY G 201 -4.17 -59.34 -24.57
N GLU G 202 -5.27 -59.95 -24.99
CA GLU G 202 -5.71 -59.82 -26.38
C GLU G 202 -6.18 -58.41 -26.68
N ASP G 203 -6.75 -57.74 -25.67
CA ASP G 203 -7.11 -56.33 -25.82
C ASP G 203 -5.88 -55.49 -26.11
N PHE G 204 -4.71 -55.87 -25.58
CA PHE G 204 -3.48 -55.18 -25.92
C PHE G 204 -3.15 -55.33 -27.40
N LYS G 205 -3.31 -56.53 -27.94
CA LYS G 205 -3.10 -56.74 -29.38
C LYS G 205 -4.07 -55.93 -30.22
N ASN G 206 -5.32 -55.88 -29.77
CA ASN G 206 -6.32 -55.04 -30.46
C ASN G 206 -5.88 -53.58 -30.42
N THR G 207 -5.33 -53.14 -29.29
CA THR G 207 -4.80 -51.78 -29.19
C THR G 207 -3.69 -51.54 -30.19
N VAL G 208 -2.75 -52.49 -30.32
CA VAL G 208 -1.65 -52.32 -31.27
C VAL G 208 -2.19 -52.19 -32.69
N GLU G 209 -3.10 -53.10 -33.06
CA GLU G 209 -3.62 -53.06 -34.43
C GLU G 209 -4.40 -51.79 -34.70
N MET G 210 -5.23 -51.38 -33.74
CA MET G 210 -6.02 -50.15 -33.89
C MET G 210 -5.12 -48.93 -33.99
N TRP G 211 -4.07 -48.88 -33.19
CA TRP G 211 -3.06 -47.83 -33.29
C TRP G 211 -2.41 -47.82 -34.67
N GLU G 212 -2.03 -48.99 -35.18
CA GLU G 212 -1.43 -49.09 -36.51
C GLU G 212 -2.37 -48.52 -37.57
N GLN G 213 -3.64 -48.87 -37.50
CA GLN G 213 -4.59 -48.35 -38.49
C GLN G 213 -4.80 -46.84 -38.38
N MET G 214 -4.93 -46.31 -37.16
CA MET G 214 -5.34 -44.91 -37.03
C MET G 214 -4.15 -43.97 -36.89
N VAL G 215 -3.36 -44.13 -35.83
CA VAL G 215 -2.36 -43.14 -35.46
C VAL G 215 -1.18 -43.12 -36.42
N LEU G 216 -0.69 -44.30 -36.81
CA LEU G 216 0.43 -44.35 -37.75
C LEU G 216 0.05 -43.75 -39.09
N LYS G 217 -1.17 -44.05 -39.58
CA LYS G 217 -1.71 -43.46 -40.80
C LYS G 217 -0.76 -43.66 -41.98
N LEU G 218 -0.17 -44.85 -42.05
CA LEU G 218 0.76 -45.21 -43.09
C LEU G 218 0.09 -46.06 -44.16
N PRO G 219 0.65 -46.14 -45.36
CA PRO G 219 0.06 -46.99 -46.39
C PRO G 219 0.04 -48.45 -45.96
N VAL G 220 -1.00 -49.16 -46.40
CA VAL G 220 -1.18 -50.54 -45.97
C VAL G 220 -0.10 -51.42 -46.58
N SER G 221 0.86 -51.83 -45.76
CA SER G 221 1.92 -52.73 -46.18
C SER G 221 1.77 -54.12 -45.55
N SER G 222 0.60 -54.42 -44.98
CA SER G 222 0.28 -55.74 -44.43
C SER G 222 1.22 -56.14 -43.30
N ASN G 223 1.63 -55.18 -42.48
CA ASN G 223 2.40 -55.51 -41.28
C ASN G 223 1.58 -56.39 -40.35
N LEU G 224 0.31 -56.03 -40.15
CA LEU G 224 -0.70 -56.82 -39.44
C LEU G 224 -0.36 -57.11 -37.99
N LYS G 225 0.73 -56.54 -37.47
CA LYS G 225 1.19 -56.79 -36.10
C LYS G 225 1.40 -58.29 -35.86
N SER G 226 2.38 -58.84 -36.57
CA SER G 226 2.68 -60.26 -36.48
C SER G 226 3.17 -60.64 -35.08
N LYS G 227 3.29 -61.94 -34.85
CA LYS G 227 3.64 -62.48 -33.54
C LYS G 227 4.98 -61.94 -33.04
N GLU G 228 5.97 -61.85 -33.93
CA GLU G 228 7.27 -61.30 -33.54
C GLU G 228 7.13 -59.84 -33.11
N MET G 229 6.36 -59.06 -33.88
CA MET G 229 6.14 -57.67 -33.52
C MET G 229 5.40 -57.55 -32.19
N LEU G 230 4.41 -58.42 -31.96
CA LEU G 230 3.70 -58.41 -30.68
C LEU G 230 4.65 -58.74 -29.53
N ARG G 231 5.53 -59.72 -29.71
CA ARG G 231 6.48 -60.05 -28.66
C ARG G 231 7.42 -58.89 -28.36
N ILE G 232 7.92 -58.24 -29.42
CA ILE G 232 8.83 -57.11 -29.23
C ILE G 232 8.11 -55.98 -28.49
N LEU G 233 6.87 -55.68 -28.88
CA LEU G 233 6.16 -54.59 -28.25
C LEU G 233 5.74 -54.92 -26.83
N THR G 234 5.44 -56.19 -26.55
CA THR G 234 5.17 -56.61 -25.17
C THR G 234 6.42 -56.46 -24.31
N SER G 235 7.58 -56.86 -24.82
CA SER G 235 8.81 -56.72 -24.06
C SER G 235 9.17 -55.25 -23.87
N ALA G 236 8.79 -54.39 -24.82
CA ALA G 236 9.15 -52.98 -24.75
C ALA G 236 8.23 -52.19 -23.84
N THR G 237 6.93 -52.17 -24.12
CA THR G 237 6.01 -51.26 -23.45
C THR G 237 5.70 -51.67 -22.02
N GLU G 238 5.70 -52.97 -21.72
CA GLU G 238 5.27 -53.51 -20.43
C GLU G 238 3.82 -53.15 -20.12
N GLY G 239 3.00 -52.90 -21.14
CA GLY G 239 1.60 -52.61 -20.98
C GLY G 239 1.24 -51.14 -21.02
N TYR G 240 2.23 -50.25 -20.98
CA TYR G 240 1.94 -48.82 -20.94
C TYR G 240 1.46 -48.32 -22.31
N ILE G 241 0.37 -47.55 -22.29
CA ILE G 241 -0.09 -46.89 -23.52
C ILE G 241 0.91 -45.83 -23.95
N GLY G 242 1.44 -45.06 -23.00
CA GLY G 242 2.38 -44.02 -23.35
C GLY G 242 3.66 -44.56 -23.96
N ARG G 243 4.20 -45.65 -23.40
CA ARG G 243 5.37 -46.28 -23.99
C ARG G 243 5.06 -46.82 -25.38
N LEU G 244 3.88 -47.41 -25.56
CA LEU G 244 3.49 -47.88 -26.88
C LEU G 244 3.45 -46.73 -27.89
N ASP G 245 2.86 -45.61 -27.50
CA ASP G 245 2.81 -44.45 -28.37
C ASP G 245 4.20 -43.95 -28.72
N GLU G 246 5.06 -43.83 -27.71
CA GLU G 246 6.40 -43.31 -27.94
C GLU G 246 7.19 -44.23 -28.86
N ILE G 247 7.13 -45.54 -28.62
CA ILE G 247 7.89 -46.49 -29.43
C ILE G 247 7.37 -46.49 -30.87
N LEU G 248 6.04 -46.50 -31.04
CA LEU G 248 5.49 -46.50 -32.38
C LEU G 248 5.87 -45.24 -33.15
N ARG G 249 5.74 -44.08 -32.50
CA ARG G 249 6.08 -42.82 -33.17
C ARG G 249 7.57 -42.77 -33.51
N GLU G 250 8.43 -43.19 -32.58
CA GLU G 250 9.86 -43.17 -32.84
C GLU G 250 10.22 -44.09 -33.98
N ALA G 251 9.64 -45.30 -34.01
CA ALA G 251 9.92 -46.23 -35.11
C ALA G 251 9.44 -45.68 -36.45
N ALA G 252 8.24 -45.08 -36.47
CA ALA G 252 7.72 -44.53 -37.71
C ALA G 252 8.59 -43.39 -38.21
N ILE G 253 9.01 -42.50 -37.30
CA ILE G 253 9.83 -41.36 -37.70
C ILE G 253 11.20 -41.82 -38.16
N ARG G 254 11.75 -42.84 -37.51
CA ARG G 254 13.07 -43.35 -37.89
C ARG G 254 13.01 -44.04 -39.25
N SER G 255 11.93 -44.76 -39.52
CA SER G 255 11.76 -45.39 -40.82
C SER G 255 11.57 -44.35 -41.92
N LEU G 256 10.80 -43.29 -41.64
CA LEU G 256 10.57 -42.26 -42.64
C LEU G 256 11.79 -41.38 -42.86
N SER G 257 12.67 -41.28 -41.85
CA SER G 257 13.88 -40.47 -42.01
C SER G 257 14.93 -41.17 -42.86
N ARG G 258 14.98 -42.50 -42.81
CA ARG G 258 15.96 -43.27 -43.56
C ARG G 258 15.42 -43.74 -44.90
N GLY G 259 14.26 -43.26 -45.32
CA GLY G 259 13.70 -43.58 -46.62
C GLY G 259 12.80 -44.80 -46.65
N LEU G 260 12.74 -45.57 -45.57
CA LEU G 260 11.91 -46.76 -45.56
C LEU G 260 10.43 -46.38 -45.55
N LYS G 261 9.68 -46.94 -46.51
CA LYS G 261 8.25 -46.64 -46.60
C LYS G 261 7.48 -47.19 -45.41
N LYS G 262 7.80 -48.42 -44.99
CA LYS G 262 7.16 -49.04 -43.85
C LYS G 262 8.17 -49.21 -42.72
N ILE G 263 7.71 -49.83 -41.63
CA ILE G 263 8.48 -49.95 -40.41
C ILE G 263 9.10 -51.35 -40.36
N ASP G 264 10.43 -51.41 -40.32
CA ASP G 264 11.12 -52.70 -40.38
C ASP G 264 11.35 -53.28 -38.99
N LYS G 265 12.01 -54.44 -38.96
CA LYS G 265 12.31 -55.09 -37.68
C LYS G 265 13.47 -54.41 -36.97
N ALA G 266 14.44 -53.91 -37.74
CA ALA G 266 15.63 -53.32 -37.15
C ALA G 266 15.28 -52.09 -36.31
N VAL G 267 14.31 -51.29 -36.77
CA VAL G 267 13.97 -50.08 -36.04
C VAL G 267 13.28 -50.41 -34.71
N LEU G 268 12.38 -51.40 -34.68
CA LEU G 268 11.82 -51.83 -33.40
C LEU G 268 12.89 -52.37 -32.47
N GLN G 269 13.83 -53.16 -33.01
CA GLN G 269 14.91 -53.65 -32.15
C GLN G 269 15.74 -52.51 -31.59
N GLU G 270 16.06 -51.52 -32.42
CA GLU G 270 16.85 -50.37 -31.99
C GLU G 270 16.12 -49.58 -30.90
N VAL G 271 14.83 -49.30 -31.11
CA VAL G 271 14.10 -48.50 -30.13
C VAL G 271 13.88 -49.29 -28.85
N ALA G 272 13.71 -50.61 -28.96
CA ALA G 272 13.51 -51.43 -27.77
C ALA G 272 14.78 -51.50 -26.92
N LYS G 273 15.93 -51.67 -27.58
CA LYS G 273 17.18 -51.72 -26.80
C LYS G 273 17.55 -50.36 -26.26
N GLU G 274 17.20 -49.29 -26.98
CA GLU G 274 17.41 -47.92 -26.52
C GLU G 274 16.59 -47.60 -25.28
N TYR G 275 15.41 -48.20 -25.14
CA TYR G 275 14.59 -48.06 -23.94
C TYR G 275 15.09 -48.95 -22.81
N LYS G 276 15.36 -50.22 -23.09
CA LYS G 276 15.79 -51.16 -22.06
C LYS G 276 17.11 -51.83 -22.44
N PHE H 12 -28.74 0.63 10.62
CA PHE H 12 -29.08 1.32 11.86
C PHE H 12 -29.19 2.81 11.61
N LEU H 13 -30.39 3.35 11.82
CA LEU H 13 -30.64 4.76 11.61
C LEU H 13 -30.50 5.52 12.91
N ILE H 14 -30.14 6.79 12.82
CA ILE H 14 -29.97 7.63 13.99
C ILE H 14 -30.73 8.93 13.79
N LYS H 15 -31.34 9.41 14.85
CA LYS H 15 -31.97 10.71 14.82
C LYS H 15 -30.93 11.78 15.07
N PRO H 16 -30.89 12.85 14.28
CA PRO H 16 -29.94 13.93 14.55
C PRO H 16 -30.22 14.58 15.89
N TYR H 17 -29.15 15.07 16.52
CA TYR H 17 -29.30 15.97 17.65
C TYR H 17 -29.55 17.38 17.14
N GLU H 18 -30.29 18.17 17.92
CA GLU H 18 -30.49 19.56 17.57
C GLU H 18 -29.13 20.27 17.44
N GLY H 19 -28.94 21.00 16.34
CA GLY H 19 -27.74 21.77 16.11
C GLY H 19 -26.53 20.96 15.68
N GLU H 20 -26.65 19.63 15.57
CA GLU H 20 -25.51 18.78 15.23
C GLU H 20 -24.94 19.16 13.87
N SER H 21 -23.62 19.19 13.77
CA SER H 21 -23.00 19.51 12.50
C SER H 21 -23.04 18.31 11.54
N LEU H 22 -22.94 18.62 10.25
CA LEU H 22 -22.99 17.56 9.24
C LEU H 22 -21.85 16.58 9.42
N SER H 23 -20.65 17.09 9.69
CA SER H 23 -19.52 16.20 9.92
C SER H 23 -19.79 15.27 11.10
N HIS H 24 -20.25 15.83 12.22
CA HIS H 24 -20.49 14.99 13.37
C HIS H 24 -21.56 13.94 13.09
N PHE H 25 -22.65 14.34 12.44
CA PHE H 25 -23.73 13.42 12.13
C PHE H 25 -23.27 12.31 11.19
N LEU H 26 -22.54 12.66 10.12
CA LEU H 26 -22.06 11.64 9.19
C LEU H 26 -21.20 10.61 9.91
N GLY H 27 -20.26 11.06 10.73
CA GLY H 27 -19.40 10.13 11.43
C GLY H 27 -20.17 9.25 12.39
N ARG H 28 -21.17 9.83 13.06
CA ARG H 28 -21.99 9.06 14.00
C ARG H 28 -22.82 8.01 13.26
N PHE H 29 -23.35 8.35 12.09
CA PHE H 29 -24.05 7.37 11.27
C PHE H 29 -23.10 6.25 10.84
N ARG H 30 -21.88 6.63 10.43
CA ARG H 30 -20.91 5.63 10.00
C ARG H 30 -20.55 4.69 11.14
N ARG H 31 -20.35 5.22 12.34
CA ARG H 31 -20.01 4.36 13.46
C ARG H 31 -21.13 3.37 13.79
N ALA H 32 -22.39 3.82 13.69
CA ALA H 32 -23.52 2.94 13.94
C ALA H 32 -23.61 1.81 12.93
N ASN H 33 -23.00 1.97 11.77
CA ASN H 33 -23.11 1.01 10.67
C ASN H 33 -21.76 0.44 10.26
N HIS H 34 -20.71 0.72 11.02
CA HIS H 34 -19.36 0.22 10.73
C HIS H 34 -18.92 0.56 9.31
N LEU H 35 -19.17 1.79 8.89
CA LEU H 35 -18.86 2.24 7.55
C LEU H 35 -17.67 3.17 7.55
N SER H 36 -16.80 3.03 6.56
CA SER H 36 -15.83 4.06 6.26
C SER H 36 -16.51 5.19 5.49
N ALA H 37 -15.83 6.34 5.42
CA ALA H 37 -16.34 7.44 4.61
C ALA H 37 -16.51 7.02 3.17
N SER H 38 -15.57 6.27 2.61
CA SER H 38 -15.73 5.80 1.24
C SER H 38 -16.90 4.83 1.13
N GLY H 39 -17.10 4.01 2.16
CA GLY H 39 -18.24 3.09 2.15
C GLY H 39 -19.57 3.81 2.16
N LEU H 40 -19.72 4.83 2.99
CA LEU H 40 -20.95 5.62 2.97
C LEU H 40 -21.11 6.30 1.62
N GLY H 41 -20.01 6.81 1.05
CA GLY H 41 -20.08 7.43 -0.25
C GLY H 41 -20.55 6.48 -1.33
N THR H 42 -20.09 5.23 -1.28
CA THR H 42 -20.57 4.29 -2.29
C THR H 42 -22.02 3.91 -2.07
N LEU H 43 -22.44 3.75 -0.83
CA LEU H 43 -23.84 3.47 -0.53
C LEU H 43 -24.75 4.56 -1.07
N ALA H 44 -24.32 5.82 -0.97
CA ALA H 44 -25.09 6.95 -1.44
C ALA H 44 -24.85 7.28 -2.91
N GLY H 45 -23.85 6.67 -3.53
CA GLY H 45 -23.56 6.92 -4.93
C GLY H 45 -22.80 8.17 -5.24
N ILE H 46 -22.15 8.80 -4.25
CA ILE H 46 -21.45 10.07 -4.41
C ILE H 46 -19.99 10.00 -4.00
N GLY H 47 -19.50 8.84 -3.57
CA GLY H 47 -18.07 8.61 -3.42
C GLY H 47 -17.38 9.54 -2.44
N ALA H 48 -16.34 10.20 -2.94
CA ALA H 48 -15.42 10.99 -2.13
C ALA H 48 -16.06 12.23 -1.53
N ILE H 49 -17.27 12.59 -1.96
CA ILE H 49 -17.92 13.78 -1.43
C ILE H 49 -18.14 13.68 0.08
N VAL H 50 -18.45 12.48 0.56
CA VAL H 50 -18.71 12.29 1.99
C VAL H 50 -17.49 12.74 2.82
N ALA H 51 -16.29 12.27 2.46
CA ALA H 51 -15.12 12.64 3.22
C ALA H 51 -14.84 14.14 3.13
N ARG H 52 -15.12 14.75 1.97
CA ARG H 52 -14.97 16.20 1.87
C ARG H 52 -15.85 16.91 2.88
N TRP H 53 -17.11 16.51 2.98
CA TRP H 53 -18.01 17.17 3.91
C TRP H 53 -17.59 16.92 5.35
N GLU H 54 -17.10 15.71 5.64
CA GLU H 54 -16.64 15.40 6.99
C GLU H 54 -15.50 16.31 7.45
N ARG H 55 -14.63 16.73 6.54
CA ARG H 55 -13.58 17.69 6.88
C ARG H 55 -14.03 19.14 6.68
N PHE H 56 -15.33 19.37 6.51
CA PHE H 56 -15.88 20.72 6.35
C PHE H 56 -15.32 21.43 5.13
N HIS H 57 -15.10 20.68 4.06
CA HIS H 57 -14.63 21.26 2.81
C HIS H 57 -15.81 21.33 1.85
N PHE H 58 -16.26 22.55 1.55
CA PHE H 58 -17.44 22.72 0.67
C PHE H 58 -17.19 23.86 -0.32
N ASN H 59 -15.93 24.10 -0.71
CA ASN H 59 -15.71 25.11 -1.77
C ASN H 59 -16.84 24.89 -2.79
N PRO H 60 -17.03 23.65 -3.30
CA PRO H 60 -18.19 23.36 -4.14
C PRO H 60 -19.26 23.02 -3.08
N ARG H 61 -20.29 23.87 -2.94
CA ARG H 61 -21.22 23.68 -1.85
C ARG H 61 -22.04 22.41 -2.11
N PRO H 62 -22.56 21.79 -1.06
CA PRO H 62 -23.42 20.60 -1.26
C PRO H 62 -24.56 20.91 -2.22
N SER H 63 -24.69 20.09 -3.25
CA SER H 63 -25.76 20.27 -4.21
C SER H 63 -27.04 19.60 -3.71
N GLN H 64 -28.15 19.98 -4.34
CA GLN H 64 -29.41 19.34 -4.02
C GLN H 64 -29.33 17.83 -4.26
N GLN H 65 -28.73 17.42 -5.38
CA GLN H 65 -28.67 16.00 -5.68
C GLN H 65 -27.79 15.28 -4.66
N GLU H 66 -26.70 15.90 -4.23
CA GLU H 66 -25.81 15.26 -3.25
C GLU H 66 -26.49 15.13 -1.89
N LEU H 67 -27.16 16.20 -1.44
CA LEU H 67 -27.88 16.13 -0.17
C LEU H 67 -28.99 15.09 -0.22
N GLU H 68 -29.74 15.02 -1.34
CA GLU H 68 -30.80 14.02 -1.46
C GLU H 68 -30.22 12.62 -1.55
N ALA H 69 -29.02 12.46 -2.13
CA ALA H 69 -28.39 11.15 -2.17
C ALA H 69 -28.04 10.67 -0.78
N ILE H 70 -27.47 11.53 0.05
CA ILE H 70 -27.20 11.14 1.44
C ILE H 70 -28.49 10.93 2.20
N ALA H 71 -29.48 11.81 1.97
CA ALA H 71 -30.76 11.69 2.66
C ALA H 71 -31.39 10.33 2.42
N SER H 72 -31.20 9.78 1.22
CA SER H 72 -31.80 8.49 0.89
C SER H 72 -31.22 7.36 1.75
N VAL H 73 -29.95 7.48 2.10
CA VAL H 73 -29.28 6.45 2.90
C VAL H 73 -29.58 6.62 4.38
N VAL H 74 -29.41 7.85 4.89
CA VAL H 74 -29.55 8.08 6.33
C VAL H 74 -30.99 8.32 6.75
N GLU H 75 -31.90 8.50 5.79
CA GLU H 75 -33.32 8.70 6.08
C GLU H 75 -33.57 9.94 6.94
N VAL H 76 -32.81 10.98 6.65
CA VAL H 76 -33.00 12.32 7.20
C VAL H 76 -33.12 13.23 5.98
N ASP H 77 -34.22 13.99 5.93
CA ASP H 77 -34.52 14.81 4.75
C ASP H 77 -33.40 15.79 4.46
N ALA H 78 -33.22 16.11 3.17
CA ALA H 78 -32.21 17.08 2.76
C ALA H 78 -32.38 18.42 3.47
N GLN H 79 -33.62 18.81 3.76
CA GLN H 79 -33.87 20.06 4.47
C GLN H 79 -33.28 20.01 5.87
N ARG H 80 -33.44 18.89 6.56
CA ARG H 80 -32.85 18.73 7.88
C ARG H 80 -31.32 18.63 7.81
N LEU H 81 -30.79 17.97 6.77
CA LEU H 81 -29.34 17.94 6.58
C LEU H 81 -28.78 19.33 6.36
N ALA H 82 -29.53 20.18 5.65
CA ALA H 82 -29.06 21.56 5.43
C ALA H 82 -28.97 22.33 6.74
N GLN H 83 -29.74 21.95 7.76
CA GLN H 83 -29.65 22.59 9.07
C GLN H 83 -28.46 22.09 9.88
N MET H 84 -27.68 21.16 9.33
CA MET H 84 -26.41 20.75 9.90
C MET H 84 -25.24 21.54 9.32
N LEU H 85 -25.55 22.55 8.51
CA LEU H 85 -24.60 23.47 7.90
C LEU H 85 -25.07 24.88 8.25
N PRO H 86 -24.21 25.88 8.11
CA PRO H 86 -24.64 27.24 8.40
C PRO H 86 -25.71 27.67 7.40
N PRO H 87 -26.60 28.59 7.80
CA PRO H 87 -27.52 29.17 6.83
C PRO H 87 -26.76 29.96 5.77
N ALA H 88 -27.46 30.25 4.68
CA ALA H 88 -26.88 31.07 3.62
C ALA H 88 -26.40 32.39 4.20
N GLY H 89 -25.18 32.80 3.83
CA GLY H 89 -24.62 34.04 4.29
C GLY H 89 -23.86 33.98 5.60
N VAL H 90 -23.86 32.83 6.28
CA VAL H 90 -23.15 32.67 7.55
C VAL H 90 -21.82 31.98 7.26
N GLY H 91 -20.72 32.70 7.46
CA GLY H 91 -19.40 32.11 7.21
C GLY H 91 -19.00 31.17 8.33
N MET H 92 -18.33 30.09 7.95
CA MET H 92 -17.80 29.12 8.91
C MET H 92 -16.35 28.83 8.62
N GLN H 93 -15.71 28.10 9.53
CA GLN H 93 -14.32 27.72 9.43
C GLN H 93 -14.20 26.21 9.58
N HIS H 94 -13.35 25.60 8.76
CA HIS H 94 -13.05 24.19 8.94
C HIS H 94 -12.09 23.95 10.09
N GLU H 95 -11.39 24.99 10.56
CA GLU H 95 -10.32 24.93 11.54
C GLU H 95 -10.33 26.25 12.30
N PRO H 96 -10.09 26.24 13.63
CA PRO H 96 -10.01 25.06 14.50
C PRO H 96 -11.38 24.45 14.74
N ILE H 97 -11.41 23.14 15.00
CA ILE H 97 -12.62 22.51 15.49
C ILE H 97 -12.82 22.92 16.93
N ARG H 98 -14.03 23.32 17.30
CA ARG H 98 -14.30 23.88 18.61
C ARG H 98 -15.40 23.10 19.34
N LEU H 99 -15.56 23.41 20.62
CA LEU H 99 -16.34 22.59 21.54
C LEU H 99 -16.81 23.46 22.70
N CYS H 100 -18.09 23.33 23.07
CA CYS H 100 -18.53 23.71 24.40
C CYS H 100 -18.73 22.43 25.20
N GLY H 101 -17.92 22.23 26.23
CA GLY H 101 -18.03 21.02 27.04
C GLY H 101 -19.33 20.96 27.82
N ALA H 102 -19.83 22.11 28.26
CA ALA H 102 -21.10 22.12 28.99
C ALA H 102 -22.24 21.71 28.07
N CYS H 103 -22.20 22.13 26.81
CA CYS H 103 -23.18 21.65 25.84
C CYS H 103 -23.04 20.16 25.62
N TYR H 104 -21.80 19.67 25.45
CA TYR H 104 -21.58 18.25 25.19
C TYR H 104 -22.11 17.39 26.34
N ALA H 105 -22.01 17.88 27.57
CA ALA H 105 -22.54 17.14 28.71
C ALA H 105 -24.05 16.97 28.63
N GLU H 106 -24.74 17.93 28.01
CA GLU H 106 -26.19 17.89 27.84
C GLU H 106 -26.61 17.11 26.61
N SER H 107 -25.83 17.17 25.54
CA SER H 107 -26.13 16.51 24.27
C SER H 107 -24.80 16.22 23.60
N PRO H 108 -24.45 14.95 23.41
CA PRO H 108 -23.07 14.60 23.01
C PRO H 108 -22.80 14.76 21.52
N CYS H 109 -22.79 16.01 21.06
CA CYS H 109 -22.47 16.27 19.66
C CYS H 109 -21.69 17.56 19.52
N HIS H 110 -21.00 17.65 18.40
CA HIS H 110 -20.45 18.91 17.91
C HIS H 110 -21.57 19.69 17.23
N ARG H 111 -21.69 20.98 17.56
CA ARG H 111 -22.68 21.87 16.96
C ARG H 111 -22.06 22.66 15.82
N ILE H 112 -22.79 22.79 14.71
CA ILE H 112 -22.27 23.56 13.58
C ILE H 112 -22.00 25.01 13.97
N GLU H 113 -22.76 25.56 14.92
CA GLU H 113 -22.55 26.93 15.38
C GLU H 113 -21.13 27.17 15.88
N TRP H 114 -20.49 26.13 16.43
CA TRP H 114 -19.14 26.29 16.94
C TRP H 114 -18.12 26.52 15.86
N GLN H 115 -18.48 26.30 14.59
CA GLN H 115 -17.60 26.64 13.49
C GLN H 115 -17.97 27.96 12.83
N TYR H 116 -18.97 28.67 13.33
CA TYR H 116 -19.30 29.98 12.78
C TYR H 116 -18.17 30.95 13.12
N LYS H 117 -17.73 31.72 12.11
CA LYS H 117 -16.62 32.66 12.34
C LYS H 117 -16.96 33.71 13.39
N SER H 118 -18.23 34.04 13.56
CA SER H 118 -18.67 35.07 14.49
C SER H 118 -18.86 34.58 15.91
N VAL H 119 -18.71 33.29 16.17
CA VAL H 119 -19.06 32.70 17.45
C VAL H 119 -17.79 32.48 18.27
N TRP H 120 -17.77 33.02 19.48
CA TRP H 120 -16.68 32.80 20.41
C TRP H 120 -17.15 32.39 21.79
N LYS H 121 -18.43 32.56 22.08
CA LYS H 121 -19.02 32.28 23.37
C LYS H 121 -20.27 31.44 23.15
N CYS H 122 -20.49 30.48 24.04
CA CYS H 122 -21.75 29.76 24.05
C CYS H 122 -22.80 30.64 24.71
N ASP H 123 -23.88 30.93 23.99
CA ASP H 123 -24.94 31.77 24.53
C ASP H 123 -25.64 31.08 25.70
N ARG H 124 -25.89 29.78 25.58
CA ARG H 124 -26.62 29.07 26.63
C ARG H 124 -25.83 29.05 27.94
N HIS H 125 -24.52 28.81 27.87
CA HIS H 125 -23.71 28.64 29.05
C HIS H 125 -22.88 29.86 29.41
N GLN H 126 -22.85 30.88 28.55
CA GLN H 126 -22.06 32.09 28.78
C GLN H 126 -20.61 31.74 29.14
N LEU H 127 -20.02 30.85 28.34
CA LEU H 127 -18.63 30.46 28.46
C LEU H 127 -17.95 30.60 27.11
N LYS H 128 -16.67 30.94 27.13
CA LYS H 128 -15.87 30.85 25.92
C LYS H 128 -15.86 29.41 25.43
N ILE H 129 -16.03 29.22 24.14
CA ILE H 129 -15.90 27.89 23.60
C ILE H 129 -14.41 27.53 23.42
N LEU H 130 -14.13 26.25 23.42
CA LEU H 130 -12.78 25.73 23.43
C LEU H 130 -12.29 25.47 22.02
N ALA H 131 -11.03 25.81 21.74
CA ALA H 131 -10.40 25.52 20.47
C ALA H 131 -9.35 24.42 20.56
N LYS H 132 -9.18 23.82 21.73
CA LYS H 132 -8.28 22.69 21.96
C LYS H 132 -8.57 22.21 23.36
N CYS H 133 -8.07 21.01 23.66
CA CYS H 133 -8.29 20.45 24.98
C CYS H 133 -7.69 21.39 26.03
N PRO H 134 -8.47 21.81 27.04
CA PRO H 134 -7.92 22.73 28.06
C PRO H 134 -7.01 22.04 29.06
N ASN H 135 -6.95 20.72 29.06
CA ASN H 135 -6.05 19.98 29.92
C ASN H 135 -4.67 19.78 29.29
N CYS H 136 -4.63 19.33 28.03
CA CYS H 136 -3.36 18.99 27.38
C CYS H 136 -3.09 19.74 26.10
N GLN H 137 -4.00 20.61 25.64
CA GLN H 137 -3.83 21.47 24.48
C GLN H 137 -3.93 20.74 23.13
N ALA H 138 -4.27 19.46 23.13
CA ALA H 138 -4.44 18.74 21.86
C ALA H 138 -5.62 19.32 21.10
N PRO H 139 -5.46 19.65 19.82
CA PRO H 139 -6.63 20.11 19.04
C PRO H 139 -7.61 18.97 18.85
N PHE H 140 -8.88 19.33 18.70
CA PHE H 140 -9.90 18.34 18.46
C PHE H 140 -9.86 17.90 17.01
N LYS H 141 -10.13 16.61 16.78
CA LYS H 141 -10.20 16.08 15.42
C LYS H 141 -11.45 16.60 14.73
N MET H 142 -11.55 16.36 13.42
CA MET H 142 -12.79 16.68 12.75
C MET H 142 -13.95 15.95 13.43
N PRO H 143 -15.13 16.57 13.49
CA PRO H 143 -16.19 16.00 14.34
C PRO H 143 -16.62 14.61 13.92
N ALA H 144 -16.50 14.26 12.64
CA ALA H 144 -16.79 12.91 12.19
C ALA H 144 -15.97 11.86 12.91
N LEU H 145 -14.82 12.23 13.47
CA LEU H 145 -13.95 11.29 14.16
C LEU H 145 -14.09 11.36 15.68
N TRP H 146 -15.11 12.03 16.20
CA TRP H 146 -15.34 12.11 17.64
C TRP H 146 -16.02 10.82 18.10
N GLU H 147 -15.21 9.75 18.18
CA GLU H 147 -15.77 8.43 18.44
C GLU H 147 -16.26 8.30 19.86
N ASP H 148 -15.49 8.75 20.83
CA ASP H 148 -15.96 8.80 22.19
C ASP H 148 -16.03 10.26 22.60
N GLY H 149 -16.52 10.52 23.79
CA GLY H 149 -16.60 11.92 24.16
C GLY H 149 -15.39 12.41 24.92
N CYS H 150 -14.17 12.01 24.53
CA CYS H 150 -12.97 12.36 25.30
C CYS H 150 -11.85 12.85 24.40
N CYS H 151 -10.97 13.67 24.98
CA CYS H 151 -9.75 14.08 24.30
C CYS H 151 -8.99 12.84 23.85
N HIS H 152 -8.59 12.81 22.58
CA HIS H 152 -7.88 11.62 22.08
C HIS H 152 -6.51 11.47 22.72
N ARG H 153 -5.92 12.56 23.24
CA ARG H 153 -4.57 12.50 23.83
C ARG H 153 -4.65 12.14 25.32
N CYS H 154 -5.13 13.06 26.14
CA CYS H 154 -5.12 12.88 27.59
C CYS H 154 -6.33 12.10 28.12
N ARG H 155 -7.35 11.90 27.29
CA ARG H 155 -8.56 11.15 27.61
C ARG H 155 -9.51 11.88 28.56
N MET H 156 -9.34 13.19 28.74
CA MET H 156 -10.30 13.94 29.53
C MET H 156 -11.66 13.97 28.82
N PRO H 157 -12.75 13.63 29.50
CA PRO H 157 -14.07 13.70 28.86
C PRO H 157 -14.41 15.12 28.47
N PHE H 158 -15.01 15.27 27.27
CA PHE H 158 -15.47 16.58 26.83
C PHE H 158 -16.39 17.22 27.86
N ALA H 159 -17.25 16.42 28.49
CA ALA H 159 -18.16 16.95 29.52
C ALA H 159 -17.38 17.53 30.70
N GLU H 160 -16.26 16.93 31.07
CA GLU H 160 -15.47 17.45 32.17
C GLU H 160 -14.72 18.73 31.80
N MET H 161 -14.47 18.96 30.51
CA MET H 161 -13.80 20.17 30.07
C MET H 161 -14.65 21.41 30.38
N ALA H 162 -15.95 21.23 30.61
CA ALA H 162 -16.79 22.35 31.02
C ALA H 162 -16.23 23.04 32.26
N LYS H 163 -15.66 22.26 33.18
CA LYS H 163 -15.11 22.81 34.42
C LYS H 163 -13.90 23.69 34.19
N LEU H 164 -13.22 23.54 33.05
CA LEU H 164 -12.04 24.35 32.72
C LEU H 164 -12.36 25.47 31.74
N GLN H 165 -13.59 25.58 31.27
CA GLN H 165 -13.97 26.68 30.40
C GLN H 165 -14.01 27.98 31.20
N LYS H 166 -13.69 29.07 30.51
CA LYS H 166 -13.60 30.39 31.16
C LYS H 166 -14.79 31.24 30.76
N PHE I 12 -2.38 30.45 -32.38
CA PHE I 12 -3.54 30.31 -33.23
C PHE I 12 -4.38 31.59 -33.20
N LEU I 13 -4.49 32.24 -34.34
CA LEU I 13 -5.26 33.48 -34.44
C LEU I 13 -6.66 33.18 -34.92
N ILE I 14 -7.60 34.04 -34.53
CA ILE I 14 -8.99 33.89 -34.90
C ILE I 14 -9.52 35.19 -35.45
N LYS I 15 -10.34 35.09 -36.49
CA LYS I 15 -11.01 36.26 -37.00
C LYS I 15 -12.26 36.54 -36.18
N PRO I 16 -12.48 37.78 -35.76
CA PRO I 16 -13.73 38.08 -35.02
C PRO I 16 -14.95 37.82 -35.89
N TYR I 17 -16.03 37.44 -35.23
CA TYR I 17 -17.34 37.46 -35.87
C TYR I 17 -17.91 38.87 -35.82
N GLU I 18 -18.71 39.21 -36.83
CA GLU I 18 -19.38 40.50 -36.82
C GLU I 18 -20.23 40.63 -35.54
N GLY I 19 -20.09 41.77 -34.86
CA GLY I 19 -20.86 42.05 -33.67
C GLY I 19 -20.42 41.33 -32.41
N GLU I 20 -19.39 40.48 -32.48
CA GLU I 20 -18.96 39.69 -31.33
C GLU I 20 -18.53 40.59 -30.19
N SER I 21 -18.91 40.24 -28.97
CA SER I 21 -18.51 41.04 -27.83
C SER I 21 -17.05 40.76 -27.45
N LEU I 22 -16.47 41.74 -26.74
CA LEU I 22 -15.07 41.60 -26.33
C LEU I 22 -14.88 40.39 -25.43
N SER I 23 -15.80 40.20 -24.49
CA SER I 23 -15.70 39.04 -23.61
C SER I 23 -15.73 37.75 -24.42
N HIS I 24 -16.68 37.63 -25.34
CA HIS I 24 -16.77 36.40 -26.10
C HIS I 24 -15.50 36.17 -26.93
N PHE I 25 -15.02 37.22 -27.59
CA PHE I 25 -13.82 37.10 -28.42
C PHE I 25 -12.60 36.71 -27.58
N LEU I 26 -12.39 37.37 -26.44
CA LEU I 26 -11.25 37.04 -25.60
C LEU I 26 -11.27 35.58 -25.19
N GLY I 27 -12.43 35.09 -24.73
CA GLY I 27 -12.51 33.70 -24.32
C GLY I 27 -12.27 32.74 -25.47
N ARG I 28 -12.77 33.09 -26.65
CA ARG I 28 -12.58 32.25 -27.82
C ARG I 28 -11.12 32.20 -28.23
N PHE I 29 -10.43 33.34 -28.15
CA PHE I 29 -8.98 33.35 -28.40
C PHE I 29 -8.25 32.49 -27.38
N ARG I 30 -8.63 32.61 -26.11
CA ARG I 30 -7.99 31.83 -25.07
C ARG I 30 -8.18 30.34 -25.29
N ARG I 31 -9.39 29.92 -25.67
CA ARG I 31 -9.63 28.50 -25.91
C ARG I 31 -8.80 27.98 -27.07
N ALA I 32 -8.64 28.78 -28.13
CA ALA I 32 -7.81 28.37 -29.27
C ALA I 32 -6.35 28.19 -28.89
N ASN I 33 -5.92 28.81 -27.80
CA ASN I 33 -4.51 28.82 -27.41
C ASN I 33 -4.28 28.22 -26.03
N HIS I 34 -5.31 27.60 -25.45
CA HIS I 34 -5.22 26.95 -24.14
C HIS I 34 -4.68 27.91 -23.08
N LEU I 35 -5.18 29.15 -23.09
CA LEU I 35 -4.73 30.18 -22.17
C LEU I 35 -5.77 30.45 -21.10
N SER I 36 -5.31 30.66 -19.88
CA SER I 36 -6.14 31.27 -18.86
C SER I 36 -6.21 32.78 -19.08
N ALA I 37 -7.18 33.42 -18.44
CA ALA I 37 -7.25 34.87 -18.48
C ALA I 37 -5.98 35.51 -17.97
N SER I 38 -5.40 34.99 -16.88
CA SER I 38 -4.14 35.53 -16.39
C SER I 38 -3.02 35.29 -17.40
N GLY I 39 -3.05 34.14 -18.07
CA GLY I 39 -2.04 33.87 -19.08
C GLY I 39 -2.10 34.82 -20.27
N LEU I 40 -3.31 35.10 -20.76
CA LEU I 40 -3.43 36.10 -21.82
C LEU I 40 -2.99 37.46 -21.32
N GLY I 41 -3.33 37.81 -20.09
CA GLY I 41 -2.90 39.07 -19.52
C GLY I 41 -1.38 39.20 -19.45
N THR I 42 -0.71 38.11 -19.10
CA THR I 42 0.75 38.20 -19.06
C THR I 42 1.35 38.27 -20.46
N LEU I 43 0.79 37.54 -21.41
CA LEU I 43 1.25 37.63 -22.79
C LEU I 43 1.14 39.05 -23.32
N ALA I 44 0.06 39.75 -22.97
CA ALA I 44 -0.17 41.12 -23.42
C ALA I 44 0.47 42.15 -22.51
N GLY I 45 0.98 41.76 -21.34
CA GLY I 45 1.61 42.69 -20.44
C GLY I 45 0.68 43.53 -19.59
N ILE I 46 -0.59 43.16 -19.48
CA ILE I 46 -1.58 43.94 -18.75
C ILE I 46 -2.28 43.16 -17.65
N GLY I 47 -1.91 41.89 -17.45
CA GLY I 47 -2.32 41.17 -16.25
C GLY I 47 -3.83 41.01 -16.08
N ALA I 48 -4.29 41.45 -14.91
CA ALA I 48 -5.66 41.22 -14.47
C ALA I 48 -6.70 41.96 -15.28
N ILE I 49 -6.28 42.89 -16.15
CA ILE I 49 -7.23 43.65 -16.96
C ILE I 49 -8.06 42.73 -17.85
N VAL I 50 -7.44 41.67 -18.37
CA VAL I 50 -8.15 40.75 -19.27
C VAL I 50 -9.38 40.17 -18.57
N ALA I 51 -9.22 39.65 -17.35
CA ALA I 51 -10.35 39.06 -16.65
C ALA I 51 -11.41 40.12 -16.34
N ARG I 52 -11.00 41.35 -16.05
CA ARG I 52 -11.98 42.40 -15.83
C ARG I 52 -12.84 42.59 -17.07
N TRP I 53 -12.22 42.67 -18.24
CA TRP I 53 -12.98 42.88 -19.46
C TRP I 53 -13.88 41.69 -19.76
N GLU I 54 -13.39 40.47 -19.48
CA GLU I 54 -14.20 39.28 -19.71
C GLU I 54 -15.48 39.27 -18.90
N ARG I 55 -15.48 39.85 -17.70
CA ARG I 55 -16.70 39.98 -16.91
C ARG I 55 -17.42 41.30 -17.19
N PHE I 56 -17.07 42.00 -18.26
CA PHE I 56 -17.70 43.25 -18.65
C PHE I 56 -17.59 44.32 -17.57
N HIS I 57 -16.46 44.35 -16.89
CA HIS I 57 -16.20 45.37 -15.88
C HIS I 57 -15.24 46.40 -16.48
N PHE I 58 -15.73 47.63 -16.66
CA PHE I 58 -14.90 48.67 -17.29
C PHE I 58 -14.98 49.98 -16.49
N ASN I 59 -14.97 49.89 -15.15
CA ASN I 59 -14.95 51.15 -14.34
C ASN I 59 -13.89 52.05 -14.99
N PRO I 60 -12.62 51.61 -15.12
CA PRO I 60 -11.63 52.37 -15.86
C PRO I 60 -11.78 51.87 -17.30
N ARG I 61 -12.46 52.62 -18.16
CA ARG I 61 -12.73 52.15 -19.50
C ARG I 61 -11.42 51.66 -20.12
N PRO I 62 -11.48 50.75 -21.09
CA PRO I 62 -10.27 50.30 -21.77
C PRO I 62 -9.48 51.48 -22.34
N SER I 63 -8.21 51.55 -21.97
CA SER I 63 -7.37 52.63 -22.47
C SER I 63 -6.81 52.27 -23.84
N GLN I 64 -6.31 53.29 -24.53
CA GLN I 64 -5.66 53.06 -25.81
C GLN I 64 -4.50 52.10 -25.66
N GLN I 65 -3.68 52.27 -24.62
CA GLN I 65 -2.53 51.40 -24.44
C GLN I 65 -2.97 49.97 -24.15
N GLU I 66 -4.04 49.79 -23.37
CA GLU I 66 -4.51 48.45 -23.06
C GLU I 66 -5.08 47.75 -24.29
N LEU I 67 -5.89 48.47 -25.08
CA LEU I 67 -6.42 47.91 -26.31
C LEU I 67 -5.31 47.55 -27.28
N GLU I 68 -4.30 48.42 -27.42
CA GLU I 68 -3.18 48.14 -28.32
C GLU I 68 -2.34 46.98 -27.80
N ALA I 69 -2.25 46.83 -26.47
CA ALA I 69 -1.53 45.69 -25.91
C ALA I 69 -2.20 44.38 -26.26
N ILE I 70 -3.53 44.30 -26.12
CA ILE I 70 -4.24 43.09 -26.54
C ILE I 70 -4.16 42.92 -28.05
N ALA I 71 -4.29 44.01 -28.79
CA ALA I 71 -4.24 43.94 -30.24
C ALA I 71 -2.94 43.32 -30.72
N SER I 72 -1.84 43.59 -30.01
CA SER I 72 -0.54 43.05 -30.41
C SER I 72 -0.51 41.53 -30.31
N VAL I 73 -1.23 40.96 -29.34
CA VAL I 73 -1.25 39.52 -29.15
C VAL I 73 -2.23 38.84 -30.10
N VAL I 74 -3.46 39.36 -30.17
CA VAL I 74 -4.50 38.70 -30.95
C VAL I 74 -4.47 39.10 -32.42
N GLU I 75 -3.69 40.12 -32.78
CA GLU I 75 -3.54 40.56 -34.16
C GLU I 75 -4.87 41.02 -34.76
N VAL I 76 -5.65 41.70 -33.93
CA VAL I 76 -6.87 42.39 -34.33
C VAL I 76 -6.69 43.83 -33.86
N ASP I 77 -6.81 44.78 -34.79
CA ASP I 77 -6.52 46.18 -34.50
C ASP I 77 -7.38 46.70 -33.35
N ALA I 78 -6.82 47.64 -32.58
CA ALA I 78 -7.56 48.26 -31.49
C ALA I 78 -8.89 48.85 -31.95
N GLN I 79 -8.94 49.37 -33.18
CA GLN I 79 -10.18 49.92 -33.70
C GLN I 79 -11.24 48.85 -33.84
N ARG I 80 -10.85 47.66 -34.31
CA ARG I 80 -11.80 46.55 -34.40
C ARG I 80 -12.17 46.03 -33.02
N LEU I 81 -11.22 46.00 -32.09
CA LEU I 81 -11.54 45.61 -30.71
C LEU I 81 -12.56 46.56 -30.08
N ALA I 82 -12.45 47.85 -30.39
CA ALA I 82 -13.40 48.81 -29.87
C ALA I 82 -14.82 48.55 -30.37
N GLN I 83 -14.95 47.93 -31.54
CA GLN I 83 -16.27 47.56 -32.06
C GLN I 83 -16.84 46.30 -31.39
N MET I 84 -16.08 45.70 -30.46
CA MET I 84 -16.58 44.64 -29.61
C MET I 84 -17.14 45.17 -28.29
N LEU I 85 -17.21 46.50 -28.17
CA LEU I 85 -17.77 47.21 -27.05
C LEU I 85 -18.81 48.18 -27.60
N PRO I 86 -19.70 48.69 -26.75
CA PRO I 86 -20.68 49.64 -27.23
C PRO I 86 -19.99 50.92 -27.71
N PRO I 87 -20.59 51.64 -28.65
CA PRO I 87 -20.07 52.95 -29.02
C PRO I 87 -20.18 53.91 -27.84
N ALA I 88 -19.45 55.02 -27.94
CA ALA I 88 -19.53 56.05 -26.91
C ALA I 88 -20.97 56.50 -26.74
N GLY I 89 -21.40 56.60 -25.49
CA GLY I 89 -22.76 57.04 -25.18
C GLY I 89 -23.80 55.95 -25.12
N VAL I 90 -23.44 54.71 -25.45
CA VAL I 90 -24.38 53.58 -25.42
C VAL I 90 -24.15 52.82 -24.12
N GLY I 91 -25.14 52.84 -23.24
CA GLY I 91 -25.00 52.14 -21.96
C GLY I 91 -25.20 50.64 -22.14
N MET I 92 -24.42 49.87 -21.39
CA MET I 92 -24.55 48.41 -21.39
C MET I 92 -24.63 47.89 -19.97
N GLN I 93 -24.92 46.60 -19.86
CA GLN I 93 -25.05 45.92 -18.58
C GLN I 93 -24.13 44.71 -18.57
N HIS I 94 -23.46 44.48 -17.45
CA HIS I 94 -22.70 43.24 -17.30
C HIS I 94 -23.59 42.04 -16.98
N GLU I 95 -24.84 42.28 -16.56
CA GLU I 95 -25.78 41.29 -16.08
C GLU I 95 -27.17 41.79 -16.41
N PRO I 96 -28.09 40.89 -16.82
CA PRO I 96 -27.88 39.49 -17.17
C PRO I 96 -27.17 39.36 -18.50
N ILE I 97 -26.41 38.26 -18.67
CA ILE I 97 -25.90 37.93 -19.99
C ILE I 97 -27.05 37.41 -20.83
N ARG I 98 -27.17 37.89 -22.06
CA ARG I 98 -28.31 37.58 -22.90
C ARG I 98 -27.88 36.95 -24.23
N LEU I 99 -28.87 36.44 -24.96
CA LEU I 99 -28.64 35.56 -26.10
C LEU I 99 -29.83 35.64 -27.04
N CYS I 100 -29.57 35.74 -28.34
CA CYS I 100 -30.55 35.36 -29.35
C CYS I 100 -30.11 34.02 -29.92
N GLY I 101 -30.91 32.98 -29.69
CA GLY I 101 -30.55 31.66 -30.18
C GLY I 101 -30.59 31.57 -31.70
N ALA I 102 -31.50 32.31 -32.33
CA ALA I 102 -31.57 32.29 -33.79
C ALA I 102 -30.32 32.93 -34.38
N CYS I 103 -29.82 33.98 -33.74
CA CYS I 103 -28.54 34.55 -34.17
C CYS I 103 -27.41 33.56 -33.97
N TYR I 104 -27.38 32.91 -32.80
CA TYR I 104 -26.30 31.95 -32.51
C TYR I 104 -26.26 30.82 -33.53
N ALA I 105 -27.43 30.39 -34.00
CA ALA I 105 -27.48 29.34 -35.03
C ALA I 105 -26.82 29.78 -36.32
N GLU I 106 -26.86 31.07 -36.64
CA GLU I 106 -26.25 31.63 -37.83
C GLU I 106 -24.77 31.95 -37.65
N SER I 107 -24.38 32.39 -36.45
CA SER I 107 -23.01 32.78 -36.14
C SER I 107 -22.81 32.53 -34.65
N PRO I 108 -21.93 31.60 -34.27
CA PRO I 108 -21.87 31.14 -32.88
C PRO I 108 -21.11 32.07 -31.94
N CYS I 109 -21.67 33.25 -31.70
CA CYS I 109 -21.07 34.18 -30.76
C CYS I 109 -22.12 34.93 -29.98
N HIS I 110 -21.69 35.45 -28.84
CA HIS I 110 -22.43 36.46 -28.12
C HIS I 110 -22.16 37.81 -28.77
N ARG I 111 -23.21 38.59 -29.00
CA ARG I 111 -23.13 39.92 -29.58
C ARG I 111 -23.14 40.98 -28.49
N ILE I 112 -22.27 41.99 -28.63
CA ILE I 112 -22.25 43.05 -27.62
C ILE I 112 -23.60 43.77 -27.53
N GLU I 113 -24.35 43.85 -28.64
CA GLU I 113 -25.66 44.50 -28.64
C GLU I 113 -26.60 43.88 -27.62
N TRP I 114 -26.45 42.59 -27.33
CA TRP I 114 -27.32 41.94 -26.37
C TRP I 114 -27.11 42.43 -24.95
N GLN I 115 -26.03 43.15 -24.69
CA GLN I 115 -25.84 43.77 -23.39
C GLN I 115 -26.22 45.25 -23.38
N TYR I 116 -26.70 45.80 -24.50
CA TYR I 116 -27.15 47.18 -24.49
C TYR I 116 -28.40 47.31 -23.64
N LYS I 117 -28.44 48.32 -22.77
CA LYS I 117 -29.58 48.48 -21.88
C LYS I 117 -30.88 48.73 -22.65
N SER I 118 -30.80 49.28 -23.85
CA SER I 118 -31.98 49.61 -24.64
C SER I 118 -32.48 48.46 -25.48
N VAL I 119 -31.81 47.33 -25.50
CA VAL I 119 -32.12 46.24 -26.42
C VAL I 119 -32.90 45.17 -25.67
N TRP I 120 -34.07 44.81 -26.21
CA TRP I 120 -34.87 43.72 -25.68
C TRP I 120 -35.32 42.75 -26.75
N LYS I 121 -35.20 43.13 -28.02
CA LYS I 121 -35.65 42.33 -29.15
C LYS I 121 -34.52 42.28 -30.16
N CYS I 122 -34.36 41.12 -30.79
CA CYS I 122 -33.46 41.01 -31.93
C CYS I 122 -34.15 41.60 -33.15
N ASP I 123 -33.54 42.61 -33.76
CA ASP I 123 -34.13 43.23 -34.94
C ASP I 123 -34.18 42.27 -36.12
N ARG I 124 -33.12 41.49 -36.30
CA ARG I 124 -33.07 40.57 -37.44
C ARG I 124 -34.15 39.51 -37.36
N HIS I 125 -34.36 38.95 -36.18
CA HIS I 125 -35.27 37.83 -36.01
C HIS I 125 -36.62 38.22 -35.41
N GLN I 126 -36.78 39.47 -34.97
CA GLN I 126 -38.01 39.93 -34.35
C GLN I 126 -38.48 38.97 -33.25
N LEU I 127 -37.54 38.62 -32.37
CA LEU I 127 -37.80 37.80 -31.20
C LEU I 127 -37.25 38.50 -29.97
N LYS I 128 -37.92 38.31 -28.84
CA LYS I 128 -37.34 38.71 -27.57
C LYS I 128 -36.03 37.96 -27.37
N ILE I 129 -35.00 38.67 -26.91
CA ILE I 129 -33.78 37.98 -26.56
C ILE I 129 -33.91 37.35 -25.18
N LEU I 130 -33.11 36.32 -24.95
CA LEU I 130 -33.19 35.48 -23.77
C LEU I 130 -32.27 36.00 -22.68
N ALA I 131 -32.73 35.98 -21.44
CA ALA I 131 -31.92 36.34 -20.29
C ALA I 131 -31.55 35.14 -19.43
N LYS I 132 -31.94 33.94 -19.82
CA LYS I 132 -31.60 32.69 -19.16
C LYS I 132 -32.08 31.57 -20.08
N CYS I 133 -31.61 30.37 -19.80
CA CYS I 133 -32.01 29.23 -20.62
C CYS I 133 -33.53 29.08 -20.57
N PRO I 134 -34.21 29.03 -21.72
CA PRO I 134 -35.68 28.88 -21.69
C PRO I 134 -36.15 27.48 -21.37
N ASN I 135 -35.25 26.52 -21.33
CA ASN I 135 -35.59 25.15 -20.95
C ASN I 135 -35.50 24.93 -19.44
N CYS I 136 -34.39 25.36 -18.82
CA CYS I 136 -34.15 25.07 -17.41
C CYS I 136 -33.93 26.31 -16.54
N GLN I 137 -33.94 27.51 -17.12
CA GLN I 137 -33.83 28.79 -16.42
C GLN I 137 -32.43 29.11 -15.89
N ALA I 138 -31.44 28.30 -16.22
CA ALA I 138 -30.07 28.61 -15.79
C ALA I 138 -29.58 29.89 -16.47
N PRO I 139 -29.05 30.85 -15.73
CA PRO I 139 -28.47 32.02 -16.39
C PRO I 139 -27.25 31.65 -17.19
N PHE I 140 -26.99 32.43 -18.23
CA PHE I 140 -25.81 32.22 -19.05
C PHE I 140 -24.59 32.75 -18.33
N LYS I 141 -23.46 32.05 -18.50
CA LYS I 141 -22.20 32.51 -17.93
C LYS I 141 -21.70 33.72 -18.71
N MET I 142 -20.66 34.37 -18.18
CA MET I 142 -20.04 35.42 -18.97
C MET I 142 -19.61 34.87 -20.33
N PRO I 143 -19.69 35.67 -21.38
CA PRO I 143 -19.50 35.12 -22.72
C PRO I 143 -18.12 34.49 -22.94
N ALA I 144 -17.09 34.98 -22.24
CA ALA I 144 -15.76 34.38 -22.31
C ALA I 144 -15.77 32.91 -21.94
N LEU I 145 -16.77 32.46 -21.18
CA LEU I 145 -16.85 31.07 -20.74
C LEU I 145 -17.84 30.25 -21.57
N TRP I 146 -18.29 30.77 -22.71
CA TRP I 146 -19.20 30.01 -23.59
C TRP I 146 -18.39 29.03 -24.42
N GLU I 147 -17.97 27.95 -23.77
CA GLU I 147 -17.03 27.02 -24.40
C GLU I 147 -17.70 26.23 -25.50
N ASP I 148 -18.89 25.71 -25.26
CA ASP I 148 -19.64 25.07 -26.31
C ASP I 148 -20.90 25.91 -26.53
N GLY I 149 -21.68 25.54 -27.53
CA GLY I 149 -22.86 26.35 -27.74
C GLY I 149 -24.09 25.83 -27.01
N CYS I 150 -23.97 25.37 -25.76
CA CYS I 150 -25.08 24.77 -25.06
C CYS I 150 -25.21 25.29 -23.64
N CYS I 151 -26.44 25.23 -23.11
CA CYS I 151 -26.67 25.54 -21.71
C CYS I 151 -25.79 24.66 -20.84
N HIS I 152 -25.07 25.27 -19.90
CA HIS I 152 -24.17 24.49 -19.07
C HIS I 152 -24.92 23.53 -18.14
N ARG I 153 -26.19 23.81 -17.85
CA ARG I 153 -26.98 22.95 -16.94
C ARG I 153 -27.66 21.82 -17.69
N CYS I 154 -28.67 22.14 -18.50
CA CYS I 154 -29.48 21.13 -19.17
C CYS I 154 -28.89 20.66 -20.49
N ARG I 155 -27.88 21.35 -21.01
CA ARG I 155 -27.17 21.02 -22.25
C ARG I 155 -27.98 21.29 -23.52
N MET I 156 -29.06 22.06 -23.43
CA MET I 156 -29.77 22.45 -24.64
C MET I 156 -28.89 23.35 -25.50
N PRO I 157 -28.75 23.05 -26.79
CA PRO I 157 -27.95 23.94 -27.66
C PRO I 157 -28.58 25.32 -27.76
N PHE I 158 -27.72 26.35 -27.72
CA PHE I 158 -28.18 27.73 -27.91
C PHE I 158 -28.99 27.87 -29.19
N ALA I 159 -28.55 27.19 -30.25
CA ALA I 159 -29.29 27.25 -31.52
C ALA I 159 -30.70 26.70 -31.38
N GLU I 160 -30.89 25.66 -30.56
CA GLU I 160 -32.22 25.11 -30.37
C GLU I 160 -33.11 26.02 -29.52
N MET I 161 -32.52 26.86 -28.68
CA MET I 161 -33.30 27.79 -27.88
C MET I 161 -34.08 28.77 -28.73
N ALA I 162 -33.68 28.95 -29.99
CA ALA I 162 -34.45 29.79 -30.91
C ALA I 162 -35.90 29.34 -30.99
N LYS I 163 -36.14 28.03 -30.93
CA LYS I 163 -37.50 27.50 -31.02
C LYS I 163 -38.35 27.87 -29.81
N LEU I 164 -37.74 28.23 -28.69
CA LEU I 164 -38.46 28.61 -27.48
C LEU I 164 -38.50 30.12 -27.27
N GLN I 165 -37.87 30.89 -28.14
CA GLN I 165 -37.96 32.34 -28.06
C GLN I 165 -39.35 32.81 -28.45
N LYS I 166 -39.78 33.91 -27.82
CA LYS I 166 -41.13 34.43 -28.02
C LYS I 166 -41.08 35.70 -28.87
N PHE J 12 12.21 33.70 18.61
CA PHE J 12 13.21 34.48 17.90
C PHE J 12 12.56 35.65 17.18
N LEU J 13 12.93 36.85 17.58
CA LEU J 13 12.38 38.05 16.98
C LEU J 13 13.31 38.55 15.88
N ILE J 14 12.72 39.25 14.90
CA ILE J 14 13.49 39.79 13.78
C ILE J 14 13.12 41.25 13.59
N LYS J 15 14.13 42.05 13.28
CA LYS J 15 13.87 43.44 12.93
C LYS J 15 13.48 43.51 11.46
N PRO J 16 12.42 44.24 11.12
CA PRO J 16 12.06 44.41 9.70
C PRO J 16 13.17 45.11 8.94
N TYR J 17 13.29 44.78 7.66
CA TYR J 17 14.08 45.57 6.75
C TYR J 17 13.26 46.76 6.26
N GLU J 18 13.94 47.86 5.97
CA GLU J 18 13.25 49.01 5.40
C GLU J 18 12.54 48.61 4.11
N GLY J 19 11.27 48.99 4.00
CA GLY J 19 10.48 48.72 2.82
C GLY J 19 9.98 47.29 2.66
N GLU J 20 10.33 46.39 3.59
CA GLU J 20 9.95 44.99 3.47
C GLU J 20 8.43 44.82 3.43
N SER J 21 7.95 43.96 2.56
CA SER J 21 6.52 43.73 2.48
C SER J 21 6.03 42.85 3.63
N LEU J 22 4.73 42.95 3.91
CA LEU J 22 4.16 42.18 5.01
C LEU J 22 4.29 40.70 4.75
N SER J 23 4.05 40.26 3.51
CA SER J 23 4.21 38.85 3.19
C SER J 23 5.63 38.39 3.46
N HIS J 24 6.61 39.15 2.97
CA HIS J 24 7.99 38.73 3.16
C HIS J 24 8.35 38.68 4.64
N PHE J 25 7.94 39.70 5.40
CA PHE J 25 8.26 39.74 6.83
C PHE J 25 7.60 38.58 7.58
N LEU J 26 6.32 38.31 7.30
CA LEU J 26 5.65 37.21 7.98
C LEU J 26 6.37 35.89 7.73
N GLY J 27 6.70 35.61 6.48
CA GLY J 27 7.39 34.36 6.17
C GLY J 27 8.75 34.28 6.84
N ARG J 28 9.47 35.41 6.88
CA ARG J 28 10.78 35.43 7.51
C ARG J 28 10.67 35.18 9.02
N PHE J 29 9.65 35.77 9.66
CA PHE J 29 9.41 35.48 11.06
C PHE J 29 9.09 34.01 11.27
N ARG J 30 8.25 33.45 10.40
CA ARG J 30 7.89 32.05 10.53
C ARG J 30 9.10 31.14 10.39
N ARG J 31 9.98 31.43 9.42
CA ARG J 31 11.17 30.60 9.25
C ARG J 31 12.08 30.67 10.47
N ALA J 32 12.22 31.84 11.09
CA ALA J 32 13.03 31.97 12.29
C ALA J 32 12.48 31.17 13.46
N ASN J 33 11.20 30.82 13.42
CA ASN J 33 10.53 30.17 14.54
C ASN J 33 9.94 28.82 14.14
N HIS J 34 10.25 28.33 12.94
CA HIS J 34 9.77 27.04 12.46
C HIS J 34 8.24 26.93 12.54
N LEU J 35 7.56 28.01 12.14
CA LEU J 35 6.10 28.08 12.22
C LEU J 35 5.48 27.95 10.83
N SER J 36 4.39 27.23 10.75
CA SER J 36 3.51 27.32 9.59
C SER J 36 2.67 28.58 9.68
N ALA J 37 2.06 28.96 8.56
CA ALA J 37 1.14 30.09 8.57
C ALA J 37 -0.01 29.86 9.54
N SER J 38 -0.55 28.64 9.59
CA SER J 38 -1.61 28.36 10.55
C SER J 38 -1.08 28.44 11.98
N GLY J 39 0.17 28.01 12.19
CA GLY J 39 0.76 28.11 13.52
C GLY J 39 0.93 29.54 13.99
N LEU J 40 1.43 30.41 13.11
CA LEU J 40 1.50 31.82 13.48
C LEU J 40 0.11 32.39 13.74
N GLY J 41 -0.85 32.01 12.91
CA GLY J 41 -2.22 32.46 13.13
C GLY J 41 -2.78 32.05 14.47
N THR J 42 -2.48 30.82 14.91
CA THR J 42 -2.98 30.41 16.21
C THR J 42 -2.25 31.13 17.34
N LEU J 43 -0.94 31.34 17.20
CA LEU J 43 -0.19 32.09 18.19
C LEU J 43 -0.76 33.50 18.37
N ALA J 44 -1.17 34.13 17.27
CA ALA J 44 -1.72 35.48 17.30
C ALA J 44 -3.22 35.50 17.56
N GLY J 45 -3.89 34.35 17.51
CA GLY J 45 -5.32 34.29 17.75
C GLY J 45 -6.20 34.69 16.59
N ILE J 46 -5.67 34.74 15.36
CA ILE J 46 -6.41 35.19 14.19
C ILE J 46 -6.43 34.15 13.07
N GLY J 47 -5.82 32.99 13.26
CA GLY J 47 -6.03 31.86 12.37
C GLY J 47 -5.61 32.10 10.92
N ALA J 48 -6.57 31.87 10.03
CA ALA J 48 -6.33 31.85 8.59
C ALA J 48 -5.99 33.22 8.02
N ILE J 49 -6.14 34.29 8.80
CA ILE J 49 -5.84 35.62 8.30
C ILE J 49 -4.37 35.74 7.89
N VAL J 50 -3.47 35.08 8.62
CA VAL J 50 -2.05 35.17 8.32
C VAL J 50 -1.77 34.70 6.88
N ALA J 51 -2.30 33.53 6.51
CA ALA J 51 -2.06 33.03 5.16
C ALA J 51 -2.68 33.95 4.11
N ARG J 52 -3.83 34.55 4.40
CA ARG J 52 -4.42 35.50 3.46
C ARG J 52 -3.45 36.65 3.21
N TRP J 53 -2.88 37.21 4.26
CA TRP J 53 -1.98 38.34 4.09
C TRP J 53 -0.72 37.91 3.36
N GLU J 54 -0.23 36.71 3.64
CA GLU J 54 0.97 36.22 2.95
C GLU J 54 0.78 36.13 1.43
N ARG J 55 -0.43 35.82 0.97
CA ARG J 55 -0.71 35.82 -0.46
C ARG J 55 -1.21 37.17 -0.96
N PHE J 56 -1.06 38.22 -0.15
CA PHE J 56 -1.45 39.58 -0.53
C PHE J 56 -2.94 39.68 -0.84
N HIS J 57 -3.74 38.89 -0.10
CA HIS J 57 -5.22 38.95 -0.27
C HIS J 57 -5.82 39.70 0.91
N PHE J 58 -6.25 40.95 0.68
CA PHE J 58 -6.79 41.77 1.79
C PHE J 58 -8.18 42.31 1.43
N ASN J 59 -9.02 41.47 0.79
CA ASN J 59 -10.42 41.91 0.51
C ASN J 59 -10.89 42.65 1.76
N PRO J 60 -10.92 42.02 2.95
CA PRO J 60 -11.22 42.73 4.19
C PRO J 60 -9.86 43.28 4.63
N ARG J 61 -9.60 44.57 4.40
CA ARG J 61 -8.29 45.11 4.70
C ARG J 61 -7.91 44.72 6.13
N PRO J 62 -6.62 44.66 6.43
CA PRO J 62 -6.20 44.36 7.80
C PRO J 62 -6.83 45.33 8.80
N SER J 63 -7.48 44.77 9.81
CA SER J 63 -8.10 45.61 10.82
C SER J 63 -7.09 45.99 11.89
N GLN J 64 -7.45 47.01 12.67
CA GLN J 64 -6.61 47.41 13.79
C GLN J 64 -6.39 46.25 14.74
N GLN J 65 -7.45 45.50 15.05
CA GLN J 65 -7.31 44.40 15.99
C GLN J 65 -6.42 43.30 15.42
N GLU J 66 -6.52 43.03 14.11
CA GLU J 66 -5.68 41.99 13.50
C GLU J 66 -4.22 42.41 13.47
N LEU J 67 -3.95 43.66 13.09
CA LEU J 67 -2.57 44.14 13.09
C LEU J 67 -1.99 44.12 14.50
N GLU J 68 -2.77 44.55 15.51
CA GLU J 68 -2.27 44.52 16.89
C GLU J 68 -2.09 43.10 17.39
N ALA J 69 -2.91 42.16 16.91
CA ALA J 69 -2.73 40.76 17.30
C ALA J 69 -1.41 40.22 16.77
N ILE J 70 -1.08 40.50 15.51
CA ILE J 70 0.21 40.06 14.98
C ILE J 70 1.34 40.82 15.68
N ALA J 71 1.14 42.12 15.91
CA ALA J 71 2.17 42.93 16.56
C ALA J 71 2.55 42.35 17.91
N SER J 72 1.56 41.78 18.63
CA SER J 72 1.84 41.22 19.95
C SER J 72 2.79 40.04 19.88
N VAL J 73 2.72 39.26 18.80
CA VAL J 73 3.56 38.09 18.65
C VAL J 73 4.95 38.46 18.13
N VAL J 74 4.99 39.27 17.06
CA VAL J 74 6.27 39.58 16.41
C VAL J 74 6.99 40.74 17.07
N GLU J 75 6.32 41.47 17.97
CA GLU J 75 6.93 42.59 18.70
C GLU J 75 7.39 43.69 17.75
N VAL J 76 6.60 43.93 16.73
CA VAL J 76 6.74 45.05 15.82
C VAL J 76 5.40 45.77 15.85
N ASP J 77 5.43 47.08 16.15
CA ASP J 77 4.20 47.84 16.35
C ASP J 77 3.31 47.79 15.11
N ALA J 78 2.00 47.85 15.34
CA ALA J 78 1.04 47.88 14.23
C ALA J 78 1.34 49.00 13.24
N GLN J 79 1.83 50.14 13.73
CA GLN J 79 2.17 51.24 12.84
C GLN J 79 3.28 50.86 11.89
N ARG J 80 4.30 50.15 12.39
CA ARG J 80 5.38 49.68 11.53
C ARG J 80 4.90 48.58 10.59
N LEU J 81 4.01 47.70 11.06
CA LEU J 81 3.44 46.68 10.19
C LEU J 81 2.65 47.32 9.04
N ALA J 82 1.95 48.42 9.32
CA ALA J 82 1.22 49.11 8.28
C ALA J 82 2.13 49.66 7.20
N GLN J 83 3.40 49.94 7.53
CA GLN J 83 4.37 50.38 6.53
C GLN J 83 4.92 49.24 5.70
N MET J 84 4.48 48.01 5.96
CA MET J 84 4.75 46.85 5.11
C MET J 84 3.65 46.63 4.08
N LEU J 85 2.70 47.55 4.01
CA LEU J 85 1.61 47.58 3.06
C LEU J 85 1.63 48.93 2.39
N PRO J 86 0.96 49.08 1.25
CA PRO J 86 0.92 50.37 0.59
C PRO J 86 0.19 51.39 1.47
N PRO J 87 0.51 52.67 1.35
CA PRO J 87 -0.27 53.70 2.03
C PRO J 87 -1.70 53.73 1.48
N ALA J 88 -2.58 54.38 2.22
CA ALA J 88 -3.95 54.55 1.77
C ALA J 88 -3.97 55.21 0.41
N GLY J 89 -4.77 54.67 -0.51
CA GLY J 89 -4.89 55.21 -1.85
C GLY J 89 -3.90 54.70 -2.87
N VAL J 90 -2.94 53.88 -2.45
CA VAL J 90 -1.94 53.32 -3.37
C VAL J 90 -2.36 51.92 -3.72
N GLY J 91 -2.71 51.69 -4.99
CA GLY J 91 -3.13 50.37 -5.42
C GLY J 91 -1.95 49.43 -5.58
N MET J 92 -2.16 48.17 -5.22
CA MET J 92 -1.14 47.15 -5.40
C MET J 92 -1.73 45.92 -6.08
N GLN J 93 -0.85 44.99 -6.44
CA GLN J 93 -1.23 43.77 -7.11
C GLN J 93 -0.67 42.58 -6.33
N HIS J 94 -1.47 41.53 -6.21
CA HIS J 94 -0.96 40.29 -5.62
C HIS J 94 -0.11 39.49 -6.62
N GLU J 95 -0.21 39.80 -7.92
CA GLU J 95 0.41 39.07 -9.01
C GLU J 95 0.69 40.06 -10.12
N PRO J 96 1.83 39.95 -10.82
CA PRO J 96 2.96 39.05 -10.53
C PRO J 96 3.75 39.54 -9.33
N ILE J 97 4.40 38.61 -8.63
CA ILE J 97 5.37 38.99 -7.62
C ILE J 97 6.62 39.46 -8.33
N ARG J 98 7.17 40.60 -7.91
CA ARG J 98 8.28 41.23 -8.60
C ARG J 98 9.48 41.44 -7.70
N LEU J 99 10.61 41.81 -8.30
CA LEU J 99 11.92 41.77 -7.66
C LEU J 99 12.83 42.77 -8.35
N CYS J 100 13.57 43.54 -7.56
CA CYS J 100 14.79 44.17 -8.04
C CYS J 100 15.97 43.40 -7.47
N GLY J 101 16.74 42.74 -8.33
CA GLY J 101 17.86 41.95 -7.85
C GLY J 101 18.96 42.80 -7.26
N ALA J 102 19.15 44.01 -7.80
CA ALA J 102 20.17 44.90 -7.25
C ALA J 102 19.80 45.34 -5.85
N CYS J 103 18.51 45.57 -5.60
CA CYS J 103 18.05 45.86 -4.25
C CYS J 103 18.27 44.66 -3.35
N TYR J 104 17.91 43.46 -3.82
CA TYR J 104 18.05 42.26 -3.00
C TYR J 104 19.50 42.03 -2.59
N ALA J 105 20.44 42.36 -3.47
CA ALA J 105 21.86 42.22 -3.15
C ALA J 105 22.26 43.11 -1.97
N GLU J 106 21.61 44.26 -1.83
CA GLU J 106 21.88 45.22 -0.76
C GLU J 106 21.11 44.88 0.51
N SER J 107 19.90 44.36 0.39
CA SER J 107 19.03 44.05 1.52
C SER J 107 18.14 42.91 1.08
N PRO J 108 18.24 41.73 1.68
CA PRO J 108 17.60 40.52 1.14
C PRO J 108 16.11 40.41 1.47
N CYS J 109 15.31 41.30 0.91
CA CYS J 109 13.87 41.23 1.11
C CYS J 109 13.13 41.64 -0.15
N HIS J 110 11.89 41.20 -0.21
CA HIS J 110 10.91 41.73 -1.14
C HIS J 110 10.37 43.05 -0.56
N ARG J 111 10.30 44.08 -1.41
CA ARG J 111 9.77 45.39 -1.04
C ARG J 111 8.32 45.52 -1.45
N ILE J 112 7.49 46.06 -0.57
CA ILE J 112 6.08 46.24 -0.93
C ILE J 112 5.91 47.13 -2.16
N GLU J 113 6.82 48.09 -2.37
CA GLU J 113 6.76 48.97 -3.54
C GLU J 113 6.74 48.19 -4.85
N TRP J 114 7.38 47.01 -4.87
CA TRP J 114 7.41 46.22 -6.10
C TRP J 114 6.05 45.66 -6.48
N GLN J 115 5.08 45.71 -5.58
CA GLN J 115 3.72 45.33 -5.91
C GLN J 115 2.83 46.53 -6.20
N TYR J 116 3.35 47.75 -6.16
CA TYR J 116 2.53 48.90 -6.51
C TYR J 116 2.23 48.87 -8.01
N LYS J 117 0.97 49.10 -8.35
CA LYS J 117 0.57 49.05 -9.76
C LYS J 117 1.29 50.09 -10.61
N SER J 118 1.71 51.18 -10.02
CA SER J 118 2.37 52.28 -10.74
C SER J 118 3.87 52.09 -10.90
N VAL J 119 4.44 51.05 -10.33
CA VAL J 119 5.90 50.90 -10.26
C VAL J 119 6.34 49.90 -11.33
N TRP J 120 7.27 50.33 -12.18
CA TRP J 120 7.88 49.44 -13.17
C TRP J 120 9.38 49.52 -13.17
N LYS J 121 9.96 50.53 -12.53
CA LYS J 121 11.39 50.76 -12.50
C LYS J 121 11.80 50.98 -11.04
N CYS J 122 12.96 50.46 -10.69
CA CYS J 122 13.55 50.78 -9.40
C CYS J 122 14.18 52.17 -9.49
N ASP J 123 13.75 53.09 -8.63
CA ASP J 123 14.30 54.44 -8.66
C ASP J 123 15.76 54.46 -8.25
N ARG J 124 16.12 53.67 -7.24
CA ARG J 124 17.50 53.66 -6.76
C ARG J 124 18.46 53.17 -7.82
N HIS J 125 18.10 52.10 -8.54
CA HIS J 125 18.99 51.46 -9.47
C HIS J 125 18.71 51.80 -10.92
N GLN J 126 17.62 52.50 -11.20
CA GLN J 126 17.23 52.86 -12.57
C GLN J 126 17.25 51.62 -13.49
N LEU J 127 16.63 50.55 -13.01
CA LEU J 127 16.46 49.32 -13.77
C LEU J 127 15.00 48.92 -13.74
N LYS J 128 14.54 48.31 -14.83
CA LYS J 128 13.25 47.66 -14.82
C LYS J 128 13.24 46.58 -13.76
N ILE J 129 12.16 46.52 -12.98
CA ILE J 129 12.05 45.41 -12.04
C ILE J 129 11.56 44.15 -12.76
N LEU J 130 11.88 43.02 -12.17
CA LEU J 130 11.66 41.71 -12.77
C LEU J 130 10.31 41.15 -12.36
N ALA J 131 9.61 40.54 -13.30
CA ALA J 131 8.35 39.85 -13.01
C ALA J 131 8.47 38.35 -13.09
N LYS J 132 9.67 37.83 -13.34
CA LYS J 132 9.96 36.39 -13.36
C LYS J 132 11.47 36.27 -13.44
N CYS J 133 11.97 35.08 -13.18
CA CYS J 133 13.40 34.85 -13.25
C CYS J 133 13.90 35.17 -14.66
N PRO J 134 14.90 36.04 -14.81
CA PRO J 134 15.40 36.38 -16.16
C PRO J 134 16.26 35.29 -16.77
N ASN J 135 16.64 34.28 -16.01
CA ASN J 135 17.40 33.14 -16.54
C ASN J 135 16.49 32.05 -17.08
N CYS J 136 15.47 31.65 -16.32
CA CYS J 136 14.63 30.52 -16.69
C CYS J 136 13.15 30.84 -16.80
N GLN J 137 12.73 32.07 -16.53
CA GLN J 137 11.35 32.56 -16.67
C GLN J 137 10.39 32.05 -15.61
N ALA J 138 10.88 31.33 -14.59
CA ALA J 138 9.99 30.89 -13.52
C ALA J 138 9.45 32.08 -12.75
N PRO J 139 8.14 32.19 -12.53
CA PRO J 139 7.63 33.27 -11.69
C PRO J 139 8.09 33.10 -10.25
N PHE J 140 8.19 34.22 -9.56
CA PHE J 140 8.56 34.19 -8.16
C PHE J 140 7.37 33.77 -7.32
N LYS J 141 7.64 33.01 -6.26
CA LYS J 141 6.59 32.62 -5.33
C LYS J 141 6.15 33.82 -4.51
N MET J 142 5.06 33.67 -3.76
CA MET J 142 4.71 34.73 -2.82
C MET J 142 5.88 35.01 -1.89
N PRO J 143 6.09 36.26 -1.49
CA PRO J 143 7.33 36.59 -0.77
C PRO J 143 7.50 35.84 0.54
N ALA J 144 6.40 35.46 1.20
CA ALA J 144 6.48 34.65 2.41
C ALA J 144 7.22 33.35 2.19
N LEU J 145 7.29 32.87 0.95
CA LEU J 145 7.96 31.61 0.64
C LEU J 145 9.35 31.81 0.06
N TRP J 146 9.92 33.01 0.14
CA TRP J 146 11.27 33.27 -0.35
C TRP J 146 12.28 32.80 0.70
N GLU J 147 12.44 31.48 0.76
CA GLU J 147 13.23 30.89 1.84
C GLU J 147 14.72 31.17 1.67
N ASP J 148 15.23 31.01 0.46
CA ASP J 148 16.59 31.40 0.19
C ASP J 148 16.53 32.54 -0.83
N GLY J 149 17.68 33.11 -1.15
CA GLY J 149 17.61 34.20 -2.10
C GLY J 149 17.81 33.76 -3.53
N CYS J 150 17.23 32.64 -3.96
CA CYS J 150 17.49 32.10 -5.29
C CYS J 150 16.20 31.67 -5.97
N CYS J 151 16.23 31.69 -7.30
CA CYS J 151 15.13 31.14 -8.09
C CYS J 151 14.89 29.70 -7.69
N HIS J 152 13.62 29.37 -7.40
CA HIS J 152 13.33 28.01 -6.96
C HIS J 152 13.56 26.98 -8.07
N ARG J 153 13.54 27.39 -9.34
CA ARG J 153 13.72 26.45 -10.46
C ARG J 153 15.20 26.29 -10.81
N CYS J 154 15.81 27.33 -11.38
CA CYS J 154 17.18 27.23 -11.88
C CYS J 154 18.23 27.50 -10.80
N ARG J 155 17.83 28.02 -9.65
CA ARG J 155 18.69 28.30 -8.51
C ARG J 155 19.61 29.51 -8.70
N MET J 156 19.33 30.35 -9.68
CA MET J 156 20.09 31.60 -9.82
C MET J 156 19.82 32.51 -8.62
N PRO J 157 20.85 33.01 -7.96
CA PRO J 157 20.62 33.95 -6.85
C PRO J 157 19.94 35.22 -7.32
N PHE J 158 18.98 35.69 -6.51
CA PHE J 158 18.30 36.95 -6.81
C PHE J 158 19.31 38.08 -6.99
N ALA J 159 20.37 38.09 -6.19
CA ALA J 159 21.40 39.12 -6.33
C ALA J 159 22.07 39.07 -7.69
N GLU J 160 22.27 37.87 -8.24
CA GLU J 160 22.89 37.76 -9.55
C GLU J 160 21.95 38.18 -10.68
N MET J 161 20.64 38.13 -10.45
CA MET J 161 19.68 38.56 -11.46
C MET J 161 19.83 40.05 -11.77
N ALA J 162 20.46 40.81 -10.88
CA ALA J 162 20.73 42.21 -11.16
C ALA J 162 21.49 42.38 -12.47
N LYS J 163 22.41 41.45 -12.77
CA LYS J 163 23.20 41.53 -13.98
C LYS J 163 22.38 41.34 -15.24
N LEU J 164 21.20 40.74 -15.14
CA LEU J 164 20.31 40.52 -16.28
C LEU J 164 19.17 41.52 -16.34
N GLN J 165 19.07 42.41 -15.38
CA GLN J 165 18.05 43.46 -15.44
C GLN J 165 18.38 44.46 -16.52
N LYS J 166 17.34 45.03 -17.12
CA LYS J 166 17.51 45.95 -18.25
C LYS J 166 17.22 47.37 -17.80
PG ATP M . -12.22 -2.72 -23.85
O1G ATP M . -11.97 -1.52 -24.70
O2G ATP M . -12.93 -2.40 -22.53
O3G ATP M . -10.97 -3.55 -23.56
PB ATP M . -14.54 -3.70 -25.46
O1B ATP M . -15.43 -2.60 -25.06
O2B ATP M . -15.17 -5.09 -25.37
O3B ATP M . -13.21 -3.73 -24.60
PA ATP M . -14.40 -2.75 -28.25
O1A ATP M . -15.87 -2.71 -28.42
O2A ATP M . -13.72 -1.38 -28.20
O3A ATP M . -13.98 -3.53 -26.93
O5' ATP M . -13.73 -3.60 -29.40
C5' ATP M . -12.51 -3.16 -30.03
C4' ATP M . -12.22 -4.04 -31.22
O4' ATP M . -13.32 -4.95 -31.43
C3' ATP M . -12.04 -3.28 -32.55
O3' ATP M . -11.00 -3.86 -33.33
C2' ATP M . -13.41 -3.44 -33.22
O2' ATP M . -13.31 -3.40 -34.64
C1' ATP M . -13.80 -4.83 -32.75
N9 ATP M . -15.24 -5.07 -32.73
C8 ATP M . -16.03 -5.31 -31.64
N7 ATP M . -17.30 -5.50 -31.92
C5 ATP M . -17.35 -5.37 -33.29
C6 ATP M . -18.42 -5.45 -34.22
N6 ATP M . -19.69 -5.70 -33.87
N1 ATP M . -18.13 -5.28 -35.52
C2 ATP M . -16.86 -5.03 -35.87
N3 ATP M . -15.78 -4.92 -35.10
C4 ATP M . -16.10 -5.10 -33.81
MG MG N . -13.98 -1.20 -24.34
ZN ZN O . -30.78 24.92 -19.66
PG ATP P . 17.91 2.38 -22.23
O1G ATP P . 18.30 3.82 -22.19
O2G ATP P . 16.41 2.14 -22.04
O3G ATP P . 18.69 1.50 -21.24
PB ATP P . 18.10 2.11 -25.21
O1B ATP P . 16.94 2.98 -25.48
O2B ATP P . 18.13 0.80 -25.99
O3B ATP P . 18.23 1.75 -23.66
PA ATP P . 19.98 4.09 -26.35
O1A ATP P . 19.24 4.19 -27.63
O2A ATP P . 19.89 5.32 -25.44
O3A ATP P . 19.49 2.85 -25.49
O5' ATP P . 21.50 3.76 -26.59
C5' ATP P . 22.54 4.42 -25.82
C4' ATP P . 23.88 4.10 -26.43
O4' ATP P . 23.70 3.33 -27.64
C3' ATP P . 24.74 5.30 -26.79
O3' ATP P . 26.11 5.08 -26.50
C2' ATP P . 24.51 5.44 -28.31
O2' ATP P . 25.61 6.03 -28.96
C1' ATP P . 24.38 3.96 -28.70
N9 ATP P . 23.61 3.74 -29.93
C8 ATP P . 22.42 3.09 -30.05
N7 ATP P . 21.96 3.03 -31.27
C5 ATP P . 22.91 3.70 -32.01
C6 ATP P . 23.02 3.99 -33.39
N6 ATP P . 22.11 3.62 -34.30
N1 ATP P . 24.12 4.67 -33.80
C2 ATP P . 25.02 5.03 -32.90
N3 ATP P . 25.04 4.81 -31.58
C4 ATP P . 23.95 4.14 -31.20
MG MG Q . 16.78 3.97 -23.58
PG ATP R . 32.37 6.26 4.49
O1G ATP R . 32.10 7.56 5.16
O2G ATP R . 31.43 5.97 3.31
O3G ATP R . 32.36 5.06 5.45
PB ATP R . 34.80 7.20 3.01
O1B ATP R . 34.05 8.10 2.11
O2B ATP R . 35.82 6.30 2.32
O3B ATP R . 33.84 6.25 3.85
PA ATP R . 36.09 9.46 4.39
O1A ATP R . 36.59 10.06 3.14
O2A ATP R . 34.97 10.24 5.07
O3A ATP R . 35.57 7.99 4.16
O5' ATP R . 37.26 9.27 5.43
C5' ATP R . 37.07 9.56 6.83
C4' ATP R . 38.40 9.50 7.53
O4' ATP R . 39.45 9.28 6.56
C3' ATP R . 38.79 10.77 8.30
O3' ATP R . 39.42 10.44 9.54
C2' ATP R . 39.74 11.48 7.35
O2' ATP R . 40.68 12.28 8.04
C1' ATP R . 40.44 10.29 6.70
N9 ATP R . 40.99 10.56 5.37
C8 ATP R . 40.60 10.01 4.18
N7 ATP R . 41.26 10.44 3.15
C5 ATP R . 42.17 11.35 3.69
C6 ATP R . 43.17 12.15 3.12
N6 ATP R . 43.44 12.18 1.81
N1 ATP R . 43.89 12.95 3.94
C2 ATP R . 43.61 12.92 5.25
N3 ATP R . 42.70 12.21 5.91
C4 ATP R . 42.01 11.43 5.06
MG MG S . 32.21 8.25 3.21
PG ATP T . 19.17 -0.92 31.21
O1G ATP T . 18.09 0.02 31.64
O2G ATP T . 19.60 -0.71 29.75
O3G ATP T . 18.81 -2.39 31.42
PB ATP T . 21.38 0.51 32.62
O1B ATP T . 21.34 1.69 31.75
O2B ATP T . 22.78 -0.05 32.88
O3B ATP T . 20.49 -0.68 32.05
PA ATP T . 20.38 2.04 34.94
O1A ATP T . 21.43 3.08 34.82
O2A ATP T . 18.97 2.50 34.56
O3A ATP T . 20.72 0.77 34.04
O5' ATP T . 20.33 1.44 36.39
C5' ATP T . 19.08 1.16 37.05
C4' ATP T . 19.34 0.82 38.49
O4' ATP T . 20.73 0.99 38.79
C3' ATP T . 18.58 1.67 39.51
O3' ATP T . 18.12 0.88 40.60
C2' ATP T . 19.62 2.69 39.95
O2' ATP T . 19.39 3.16 41.27
C1' ATP T . 20.89 1.85 39.90
N9 ATP T . 22.13 2.62 39.71
C8 ATP T . 22.96 2.57 38.63
N7 ATP T . 24.00 3.38 38.73
C5 ATP T . 23.82 4.00 39.96
C6 ATP T . 24.58 4.95 40.66
N6 ATP T . 25.71 5.49 40.20
N1 ATP T . 24.12 5.35 41.87
C2 ATP T . 22.99 4.82 42.33
N3 ATP T . 22.19 3.92 41.77
C4 ATP T . 22.67 3.53 40.58
MG MG U . 19.40 1.42 30.86
PG ATP V . -6.26 -17.92 32.79
O1G ATP V . -7.51 -17.24 32.35
O2G ATP V . -4.98 -17.17 32.43
O3G ATP V . -6.14 -19.36 32.28
PB ATP V . -6.53 -17.20 35.68
O1B ATP V . -6.27 -15.77 35.46
O2B ATP V . -5.75 -17.83 36.84
O3B ATP V . -6.23 -18.06 34.38
PA ATP V . -9.35 -16.70 36.41
O1A ATP V . -9.01 -15.71 37.44
O2A ATP V . -10.01 -16.12 35.15
O3A ATP V . -8.07 -17.51 35.92
O5' ATP V . -10.29 -17.84 36.99
C5' ATP V . -11.41 -18.34 36.23
C4' ATP V . -12.24 -19.23 37.11
O4' ATP V . -11.73 -19.20 38.46
C3' ATP V . -13.72 -18.84 37.20
O3' ATP V . -14.55 -20.00 37.22
C2' ATP V . -13.79 -18.09 38.53
O2' ATP V . -15.07 -18.19 39.13
C1' ATP V . -12.75 -18.86 39.36
N9 ATP V . -12.17 -18.07 40.45
C8 ATP V . -10.86 -17.70 40.58
N7 ATP V . -10.60 -17.00 41.67
C5 ATP V . -11.83 -16.93 42.29
C6 ATP V . -12.24 -16.33 43.51
N6 ATP V . -11.43 -15.66 44.32
N1 ATP V . -13.54 -16.44 43.85
C2 ATP V . -14.37 -17.11 43.03
N3 ATP V . -14.10 -17.71 41.87
C4 ATP V . -12.80 -17.59 41.56
MG MG W . -6.63 -15.65 33.35
ZN ZN X . -6.40 16.50 26.36
PG ATP Y . -16.35 -34.17 8.92
O1G ATP Y . -16.93 -33.36 7.81
O2G ATP Y . -15.61 -33.33 9.97
O3G ATP Y . -15.43 -35.29 8.44
PB ATP Y . -18.94 -34.63 10.35
O1B ATP Y . -19.09 -33.22 10.77
O2B ATP Y . -19.19 -35.65 11.45
O3B ATP Y . -17.50 -34.91 9.74
PA ATP Y . -21.23 -34.44 8.50
O1A ATP Y . -22.16 -33.93 9.53
O2A ATP Y . -20.84 -33.42 7.43
O3A ATP Y . -19.89 -35.00 9.13
O5' ATP Y . -21.83 -35.71 7.77
C5' ATP Y . -21.72 -35.87 6.34
C4' ATP Y . -22.58 -37.04 5.91
O4' ATP Y . -23.33 -37.53 7.04
C3' ATP Y . -23.60 -36.72 4.82
O3' ATP Y . -23.72 -37.79 3.88
C2' ATP Y . -24.90 -36.54 5.62
O2' ATP Y . -26.05 -36.86 4.84
C1' ATP Y . -24.70 -37.56 6.73
N9 ATP Y . -25.46 -37.27 7.95
C8 ATP Y . -24.95 -36.98 9.18
N7 ATP Y . -25.85 -36.77 10.11
C5 ATP Y . -27.05 -36.94 9.43
C6 ATP Y . -28.39 -36.86 9.84
N6 ATP Y . -28.77 -36.57 11.09
N1 ATP Y . -29.35 -37.10 8.91
C2 ATP Y . -28.97 -37.39 7.66
N3 ATP Y . -27.75 -37.50 7.16
C4 ATP Y . -26.82 -37.26 8.10
MG MG Z . -17.70 -32.28 9.41
PG ATP AA . 0.91 -39.46 -15.69
O1G ATP AA . 1.13 -38.27 -16.56
O2G ATP AA . 0.27 -39.12 -14.34
O3G ATP AA . 2.18 -40.29 -15.46
PB ATP AA . -1.50 -40.46 -17.16
O1B ATP AA . -2.36 -39.34 -16.75
O2B ATP AA . -2.12 -41.84 -17.03
O3B ATP AA . -0.12 -40.47 -16.37
PA ATP AA . -1.49 -39.54 -19.98
O1A ATP AA . -2.97 -39.51 -20.07
O2A ATP AA . -0.80 -38.17 -19.97
O3A ATP AA . -1.01 -40.31 -18.68
O5' ATP AA . -0.87 -40.41 -21.15
C5' ATP AA . 0.32 -39.98 -21.85
C4' ATP AA . 0.54 -40.87 -23.04
O4' ATP AA . -0.57 -41.78 -23.17
C3' ATP AA . 0.65 -40.14 -24.38
O3' ATP AA . 1.65 -40.74 -25.20
C2' ATP AA . -0.74 -40.30 -24.98
O2' ATP AA . -0.72 -40.28 -26.40
C1' ATP AA . -1.13 -41.69 -24.47
N9 ATP AA . -2.56 -41.92 -24.38
C8 ATP AA . -3.29 -42.15 -23.24
N7 ATP AA . -4.57 -42.33 -23.45
C5 ATP AA . -4.70 -42.22 -24.83
C6 ATP AA . -5.80 -42.32 -25.70
N6 ATP AA . -7.05 -42.55 -25.28
N1 ATP AA . -5.58 -42.16 -27.01
C2 ATP AA . -4.33 -41.92 -27.44
N3 ATP AA . -3.22 -41.81 -26.71
C4 ATP AA . -3.47 -41.97 -25.41
MG MG BA . -0.86 -37.94 -16.11
ZN ZN CA . -22.61 25.49 25.80
ZN ZN DA . -31.35 37.15 -33.58
ZN ZN EA . 15.32 30.72 -12.71
ZN ZN FA . 16.70 48.29 -6.95
#